data_2HHA
#
_entry.id   2HHA
#
_cell.length_a   117.971
_cell.length_b   125.584
_cell.length_c   136.716
_cell.angle_alpha   90.000
_cell.angle_beta   90.000
_cell.angle_gamma   90.000
#
_symmetry.space_group_name_H-M   'P 21 21 21'
#
loop_
_entity.id
_entity.type
_entity.pdbx_description
1 polymer 'Hypothetical protein DPP4'
2 branched 2-acetamido-2-deoxy-alpha-D-glucopyranose-(1-4)-2-acetamido-2-deoxy-beta-D-glucopyranose
3 branched 2-acetamido-2-deoxy-beta-D-glucopyranose-(1-4)-2-acetamido-2-deoxy-beta-D-glucopyranose
4 non-polymer 2-acetamido-2-deoxy-beta-D-glucopyranose
5 non-polymer 'SODIUM ION'
6 non-polymer (2S,3S)-3-{3-[4-(METHYLSULFONYL)PHENYL]-1,2,4-OXADIAZOL-5-YL}-1-OXO-1-PYRROLIDIN-1-YLBUTAN-2-AMINE
7 water water
#
_entity_poly.entity_id   1
_entity_poly.type   'polypeptide(L)'
_entity_poly.pdbx_seq_one_letter_code
;TRKTYTLTDYLKNTYRLKLYSLRWISDHEYLYKQENNILVFNAEYGNSSVFLENSTFDEFGHSINDYSISPDGQFILLEY
NYVKQWRHSYTASYDIYDLNKRQLITEERIPNNTQWVTWSPVGHKLAYVWNNDIYVKIEPNLPSYRITWTGKEDIIYNGI
TDWVYEEEVFSAYSALWWSPNGTFLAYAQFNDTEVPLIEYSFYSDESLQYPKTVRVPYPKAGAVNPTVKFFVVNTDSLSS
VTNATSIQITAPASMLIGDHYLCDVTWATQERISLQWLRRIQNYSVMDICDYDESSGRWNCLVARQHIEMSTTGWVGRFR
PSEPHFTLDGNSFYKIISNEEGYRHICYFQIDKKDCTFITKGTWEVIGIEALTSDYLYYISNEYKGMPGGRNLYKIQLSD
YTKVTCLSCELNPERCQYYSVSFSKEAKYYQLRCSGPGLPLYTLHSSVNDKGLRVLEDNSALDKMLQNVQMPSKKLDFII
LNETKFWYQMILPPHFDKSKKYPLLLDVYAGPCSQKADTVFRLNWATYLASTENIIVASFDGRGSGYQGDKIMHAINRRL
GTFEVEDQIEAARQFSKMGFVDNKRIAIWGWSYGGYVTSMVLGSGSGVFKCGIAVAPVSRWEYYDSVYTERYMGLPTPED
NLDHYRNSTVMSRAENFKQVEYLLIHGTADDNVHFQQSAQISKALVDVGVDFQAMWYTDEDHGIASSTAHQHIYTHMSHF
IKQCFSLP
;
_entity_poly.pdbx_strand_id   A,B
#
loop_
_chem_comp.id
_chem_comp.type
_chem_comp.name
_chem_comp.formula
3TP non-polymer (2S,3S)-3-{3-[4-(METHYLSULFONYL)PHENYL]-1,2,4-OXADIAZOL-5-YL}-1-OXO-1-PYRROLIDIN-1-YLBUTAN-2-AMINE 'C17 H22 N4 O4 S'
NA non-polymer 'SODIUM ION' 'Na 1'
NAG D-saccharide, beta linking 2-acetamido-2-deoxy-beta-D-glucopyranose 'C8 H15 N O6'
NDG D-saccharide, alpha linking 2-acetamido-2-deoxy-alpha-D-glucopyranose 'C8 H15 N O6'
#
# COMPACT_ATOMS: atom_id res chain seq x y z
N THR A 1 15.20 22.40 -37.91
CA THR A 1 15.54 21.23 -38.79
C THR A 1 16.18 20.08 -38.00
N ARG A 2 17.13 20.42 -37.13
CA ARG A 2 17.79 19.40 -36.31
C ARG A 2 16.83 18.92 -35.21
N LYS A 3 17.07 17.73 -34.68
CA LYS A 3 16.22 17.15 -33.64
C LYS A 3 16.30 17.92 -32.31
N THR A 4 15.37 17.65 -31.41
CA THR A 4 15.35 18.29 -30.10
C THR A 4 15.75 17.20 -29.12
N TYR A 5 15.95 17.55 -27.85
CA TYR A 5 16.30 16.57 -26.83
C TYR A 5 14.97 16.01 -26.39
N THR A 6 14.73 14.74 -26.71
CA THR A 6 13.46 14.10 -26.41
C THR A 6 13.37 13.35 -25.09
N LEU A 7 12.16 12.89 -24.77
CA LEU A 7 11.94 12.13 -23.56
C LEU A 7 12.74 10.83 -23.68
N THR A 8 12.71 10.22 -24.87
CA THR A 8 13.47 8.99 -25.09
C THR A 8 14.97 9.21 -24.89
N ASP A 9 15.49 10.35 -25.34
CA ASP A 9 16.91 10.65 -25.15
C ASP A 9 17.24 10.67 -23.66
N TYR A 10 16.38 11.30 -22.88
CA TYR A 10 16.62 11.34 -21.46
C TYR A 10 16.51 9.93 -20.87
N LEU A 11 15.41 9.24 -21.16
CA LEU A 11 15.21 7.89 -20.62
C LEU A 11 16.21 6.85 -21.04
N LYS A 12 16.67 6.90 -22.29
CA LYS A 12 17.65 5.94 -22.82
C LYS A 12 19.11 6.40 -22.69
N ASN A 13 19.33 7.60 -22.17
CA ASN A 13 20.68 8.11 -22.00
C ASN A 13 21.47 8.21 -23.28
N THR A 14 20.84 8.68 -24.35
CA THR A 14 21.52 8.81 -25.64
C THR A 14 22.76 9.70 -25.51
N TYR A 15 22.62 10.82 -24.82
CA TYR A 15 23.71 11.77 -24.65
C TYR A 15 24.34 11.64 -23.26
N ARG A 16 25.48 10.96 -23.20
CA ARG A 16 26.17 10.72 -21.93
C ARG A 16 27.31 11.67 -21.64
N LEU A 17 27.40 12.09 -20.38
CA LEU A 17 28.48 12.94 -19.93
C LEU A 17 29.66 12.02 -19.61
N LYS A 18 30.85 12.38 -20.06
CA LYS A 18 32.01 11.58 -19.75
C LYS A 18 32.56 12.12 -18.45
N LEU A 19 33.10 11.23 -17.64
CA LEU A 19 33.68 11.56 -16.35
C LEU A 19 35.14 11.13 -16.29
N TYR A 20 35.74 11.31 -15.13
CA TYR A 20 37.11 10.90 -14.93
C TYR A 20 37.28 10.71 -13.44
N SER A 21 36.81 9.55 -12.98
CA SER A 21 36.89 9.18 -11.57
C SER A 21 38.21 8.51 -11.31
N LEU A 22 39.14 9.20 -10.67
CA LEU A 22 40.42 8.61 -10.36
C LEU A 22 40.48 8.35 -8.84
N ARG A 23 41.54 7.69 -8.40
CA ARG A 23 41.71 7.38 -6.98
C ARG A 23 43.18 7.58 -6.60
N TRP A 24 43.46 8.59 -5.79
CA TRP A 24 44.83 8.82 -5.37
C TRP A 24 45.32 7.69 -4.45
N ILE A 25 46.50 7.15 -4.72
CA ILE A 25 47.03 6.07 -3.88
C ILE A 25 48.29 6.55 -3.15
N SER A 26 48.82 7.69 -3.60
CA SER A 26 50.00 8.29 -2.99
C SER A 26 49.95 9.77 -3.28
N ASP A 27 51.06 10.47 -3.07
CA ASP A 27 51.08 11.90 -3.33
C ASP A 27 51.48 12.16 -4.77
N HIS A 28 51.74 11.10 -5.52
CA HIS A 28 52.20 11.22 -6.91
C HIS A 28 51.43 10.42 -7.92
N GLU A 29 50.71 9.38 -7.48
CA GLU A 29 49.99 8.53 -8.43
C GLU A 29 48.53 8.29 -8.11
N TYR A 30 47.78 7.89 -9.15
CA TYR A 30 46.37 7.59 -9.01
C TYR A 30 45.96 6.45 -9.93
N LEU A 31 44.86 5.79 -9.58
CA LEU A 31 44.29 4.68 -10.34
C LEU A 31 43.11 5.18 -11.16
N TYR A 32 42.94 4.61 -12.33
CA TYR A 32 41.87 4.99 -13.23
C TYR A 32 41.44 3.75 -14.01
N LYS A 33 40.15 3.46 -14.01
CA LYS A 33 39.65 2.29 -14.73
C LYS A 33 39.36 2.60 -16.20
N GLN A 34 40.13 1.97 -17.10
CA GLN A 34 39.98 2.19 -18.53
C GLN A 34 39.91 0.86 -19.29
N GLU A 35 38.80 0.64 -20.00
CA GLU A 35 38.62 -0.59 -20.77
C GLU A 35 38.52 -1.77 -19.81
N ASN A 36 37.97 -1.51 -18.62
CA ASN A 36 37.82 -2.50 -17.55
C ASN A 36 39.17 -2.86 -16.93
N ASN A 37 40.21 -2.16 -17.38
CA ASN A 37 41.55 -2.35 -16.86
C ASN A 37 41.85 -1.22 -15.87
N ILE A 38 42.57 -1.54 -14.81
CA ILE A 38 42.92 -0.53 -13.83
C ILE A 38 44.36 -0.12 -14.12
N LEU A 39 44.56 1.16 -14.39
CA LEU A 39 45.88 1.67 -14.69
C LEU A 39 46.34 2.59 -13.56
N VAL A 40 47.65 2.76 -13.45
CA VAL A 40 48.23 3.63 -12.44
C VAL A 40 48.84 4.80 -13.23
N PHE A 41 48.55 6.02 -12.81
CA PHE A 41 49.04 7.19 -13.50
C PHE A 41 50.02 7.98 -12.65
N ASN A 42 51.03 8.54 -13.32
CA ASN A 42 52.02 9.37 -12.68
C ASN A 42 51.49 10.76 -12.95
N ALA A 43 51.19 11.51 -11.89
CA ALA A 43 50.60 12.84 -12.04
C ALA A 43 51.49 13.89 -12.73
N GLU A 44 52.80 13.85 -12.46
CA GLU A 44 53.69 14.82 -13.05
C GLU A 44 53.77 14.73 -14.59
N TYR A 45 53.93 13.52 -15.11
CA TYR A 45 54.07 13.38 -16.56
C TYR A 45 52.86 12.89 -17.35
N GLY A 46 51.92 12.25 -16.67
CA GLY A 46 50.75 11.77 -17.36
C GLY A 46 50.92 10.38 -17.92
N ASN A 47 52.11 9.80 -17.76
CA ASN A 47 52.36 8.43 -18.25
C ASN A 47 51.70 7.45 -17.31
N SER A 48 51.36 6.27 -17.83
CA SER A 48 50.73 5.24 -17.02
C SER A 48 51.23 3.86 -17.35
N SER A 49 50.80 2.89 -16.53
CA SER A 49 51.12 1.47 -16.69
C SER A 49 49.84 0.73 -16.34
N VAL A 50 49.76 -0.54 -16.70
CA VAL A 50 48.58 -1.33 -16.39
C VAL A 50 48.78 -1.90 -15.00
N PHE A 51 47.88 -1.57 -14.08
CA PHE A 51 48.02 -2.06 -12.72
C PHE A 51 47.39 -3.43 -12.57
N LEU A 52 46.24 -3.64 -13.20
CA LEU A 52 45.54 -4.92 -13.14
C LEU A 52 44.79 -5.16 -14.45
N GLU A 53 44.95 -6.37 -14.99
CA GLU A 53 44.33 -6.76 -16.25
C GLU A 53 42.85 -7.06 -16.14
N ASN A 54 42.08 -6.52 -17.08
CA ASN A 54 40.64 -6.72 -17.11
C ASN A 54 40.30 -8.19 -17.29
N SER A 55 41.30 -8.98 -17.71
CA SER A 55 41.12 -10.41 -17.94
C SER A 55 41.53 -11.27 -16.75
N THR A 56 42.37 -10.72 -15.88
CA THR A 56 42.87 -11.42 -14.69
C THR A 56 41.82 -12.27 -13.96
N PHE A 57 40.59 -11.77 -13.88
CA PHE A 57 39.54 -12.51 -13.18
C PHE A 57 38.50 -13.14 -14.10
N ASP A 58 38.90 -13.45 -15.34
CA ASP A 58 37.98 -14.06 -16.31
C ASP A 58 37.22 -15.24 -15.74
N GLU A 59 37.93 -16.27 -15.30
CA GLU A 59 37.28 -17.46 -14.75
C GLU A 59 36.91 -17.29 -13.28
N PHE A 60 36.60 -16.06 -12.87
CA PHE A 60 36.24 -15.80 -11.48
C PHE A 60 34.85 -16.33 -11.16
N GLY A 61 34.01 -16.42 -12.18
CA GLY A 61 32.65 -16.93 -11.99
C GLY A 61 31.68 -15.81 -11.70
N HIS A 62 31.86 -15.19 -10.54
CA HIS A 62 31.02 -14.10 -10.08
C HIS A 62 31.23 -12.78 -10.82
N SER A 63 30.19 -11.96 -10.84
CA SER A 63 30.30 -10.65 -11.47
C SER A 63 30.79 -9.70 -10.37
N ILE A 64 31.92 -9.07 -10.62
CA ILE A 64 32.51 -8.15 -9.66
C ILE A 64 31.77 -6.82 -9.72
N ASN A 65 31.33 -6.34 -8.58
CA ASN A 65 30.60 -5.07 -8.50
C ASN A 65 31.59 -3.93 -8.36
N ASP A 66 32.63 -4.14 -7.56
CA ASP A 66 33.64 -3.11 -7.32
C ASP A 66 34.94 -3.75 -6.84
N TYR A 67 35.96 -2.92 -6.74
CA TYR A 67 37.26 -3.40 -6.30
C TYR A 67 37.84 -2.38 -5.33
N SER A 68 38.86 -2.78 -4.60
CA SER A 68 39.47 -1.86 -3.65
C SER A 68 40.89 -2.32 -3.33
N ILE A 69 41.87 -1.61 -3.88
CA ILE A 69 43.27 -1.95 -3.64
C ILE A 69 43.71 -1.48 -2.26
N SER A 70 44.38 -2.35 -1.53
CA SER A 70 44.85 -1.99 -0.21
C SER A 70 45.76 -0.79 -0.37
N PRO A 71 45.93 -0.01 0.69
CA PRO A 71 46.80 1.17 0.59
C PRO A 71 48.20 0.86 0.08
N ASP A 72 48.73 -0.31 0.41
CA ASP A 72 50.09 -0.67 -0.03
C ASP A 72 50.17 -1.40 -1.36
N GLY A 73 49.09 -1.33 -2.15
CA GLY A 73 49.05 -1.96 -3.46
C GLY A 73 49.27 -3.47 -3.53
N GLN A 74 49.37 -4.11 -2.36
CA GLN A 74 49.62 -5.55 -2.31
C GLN A 74 48.42 -6.47 -2.52
N PHE A 75 47.24 -5.98 -2.16
CA PHE A 75 46.03 -6.79 -2.29
C PHE A 75 44.87 -6.01 -2.93
N ILE A 76 43.90 -6.75 -3.43
CA ILE A 76 42.75 -6.12 -4.01
C ILE A 76 41.51 -6.88 -3.56
N LEU A 77 40.62 -6.17 -2.88
CA LEU A 77 39.39 -6.73 -2.38
C LEU A 77 38.38 -6.70 -3.50
N LEU A 78 37.84 -7.87 -3.84
CA LEU A 78 36.86 -7.99 -4.92
C LEU A 78 35.46 -8.07 -4.31
N GLU A 79 34.56 -7.18 -4.75
CA GLU A 79 33.20 -7.15 -4.23
C GLU A 79 32.18 -7.74 -5.21
N TYR A 80 31.33 -8.64 -4.73
CA TYR A 80 30.32 -9.25 -5.58
C TYR A 80 29.09 -9.68 -4.80
N ASN A 81 28.05 -10.12 -5.51
CA ASN A 81 26.79 -10.51 -4.88
C ASN A 81 26.21 -9.30 -4.14
N TYR A 82 26.40 -8.13 -4.74
CA TYR A 82 25.90 -6.91 -4.15
C TYR A 82 24.39 -6.94 -3.98
N VAL A 83 23.92 -6.55 -2.80
CA VAL A 83 22.49 -6.51 -2.51
C VAL A 83 22.26 -5.20 -1.77
N LYS A 84 21.63 -4.25 -2.45
CA LYS A 84 21.35 -2.96 -1.86
C LYS A 84 20.43 -2.99 -0.65
N GLN A 85 20.65 -2.10 0.30
CA GLN A 85 19.73 -1.99 1.41
C GLN A 85 19.11 -0.59 1.35
N TRP A 86 19.58 0.33 2.20
CA TRP A 86 19.04 1.69 2.18
C TRP A 86 19.79 2.60 1.20
N ARG A 87 19.97 3.86 1.55
CA ARG A 87 20.65 4.77 0.65
C ARG A 87 22.15 4.47 0.53
N HIS A 88 22.79 4.16 1.64
CA HIS A 88 24.21 3.86 1.59
C HIS A 88 24.53 2.39 1.91
N SER A 89 23.75 1.78 2.79
CA SER A 89 23.98 0.38 3.20
C SER A 89 23.70 -0.69 2.14
N TYR A 90 24.41 -1.80 2.27
CA TYR A 90 24.27 -2.95 1.39
C TYR A 90 25.14 -4.08 1.91
N THR A 91 24.85 -5.31 1.49
CA THR A 91 25.70 -6.41 1.88
C THR A 91 26.27 -6.99 0.59
N ALA A 92 27.42 -7.63 0.69
CA ALA A 92 28.03 -8.24 -0.47
C ALA A 92 28.93 -9.37 -0.02
N SER A 93 29.56 -10.01 -1.00
CA SER A 93 30.50 -11.08 -0.73
C SER A 93 31.84 -10.51 -1.17
N TYR A 94 32.91 -10.92 -0.50
CA TYR A 94 34.24 -10.44 -0.83
C TYR A 94 35.26 -11.57 -0.96
N ASP A 95 36.28 -11.34 -1.75
CA ASP A 95 37.37 -12.28 -1.96
C ASP A 95 38.59 -11.39 -2.01
N ILE A 96 39.76 -11.95 -1.75
CA ILE A 96 40.97 -11.15 -1.78
C ILE A 96 42.00 -11.77 -2.71
N TYR A 97 42.53 -10.96 -3.60
CA TYR A 97 43.53 -11.43 -4.54
C TYR A 97 44.88 -10.87 -4.15
N ASP A 98 45.85 -11.76 -4.03
CA ASP A 98 47.21 -11.39 -3.68
C ASP A 98 47.90 -10.93 -4.97
N LEU A 99 48.16 -9.63 -5.06
CA LEU A 99 48.80 -9.09 -6.26
C LEU A 99 50.24 -9.53 -6.40
N ASN A 100 50.91 -9.81 -5.28
CA ASN A 100 52.30 -10.24 -5.35
C ASN A 100 52.39 -11.63 -5.95
N LYS A 101 51.77 -12.60 -5.28
CA LYS A 101 51.77 -13.97 -5.76
C LYS A 101 50.69 -14.27 -6.79
N ARG A 102 50.14 -13.21 -7.39
CA ARG A 102 49.10 -13.36 -8.41
C ARG A 102 48.14 -14.51 -8.08
N GLN A 103 47.75 -14.61 -6.82
CA GLN A 103 46.86 -15.69 -6.38
C GLN A 103 45.70 -15.21 -5.52
N LEU A 104 44.56 -15.87 -5.69
CA LEU A 104 43.35 -15.56 -4.95
C LEU A 104 43.38 -16.29 -3.61
N ILE A 105 43.22 -15.57 -2.51
CA ILE A 105 43.23 -16.19 -1.20
C ILE A 105 41.99 -17.05 -0.98
N THR A 106 42.22 -18.28 -0.52
CA THR A 106 41.13 -19.23 -0.29
C THR A 106 41.00 -19.65 1.17
N GLU A 107 41.93 -19.20 2.01
CA GLU A 107 41.87 -19.57 3.42
C GLU A 107 41.32 -18.44 4.26
N GLU A 108 40.55 -18.77 5.29
CA GLU A 108 39.97 -17.75 6.19
C GLU A 108 39.40 -16.55 5.42
N ARG A 109 38.55 -16.80 4.43
CA ARG A 109 37.97 -15.70 3.67
C ARG A 109 36.81 -14.98 4.38
N ILE A 110 36.62 -13.71 4.02
CA ILE A 110 35.55 -12.88 4.58
C ILE A 110 34.20 -13.58 4.33
N PRO A 111 33.34 -13.63 5.34
CA PRO A 111 32.01 -14.28 5.25
C PRO A 111 31.14 -13.67 4.17
N ASN A 112 30.10 -14.41 3.78
CA ASN A 112 29.15 -13.89 2.82
C ASN A 112 28.13 -13.03 3.59
N ASN A 113 27.42 -12.15 2.89
CA ASN A 113 26.47 -11.29 3.59
C ASN A 113 27.23 -10.31 4.51
N THR A 114 28.45 -9.93 4.13
CA THR A 114 29.22 -8.97 4.92
C THR A 114 28.59 -7.59 4.75
N GLN A 115 28.38 -6.91 5.86
CA GLN A 115 27.73 -5.61 5.86
C GLN A 115 28.63 -4.42 5.56
N TRP A 116 29.92 -4.56 5.80
CA TRP A 116 30.84 -3.47 5.57
C TRP A 116 32.26 -3.97 5.76
N VAL A 117 33.17 -3.46 4.94
CA VAL A 117 34.56 -3.84 5.01
C VAL A 117 35.39 -2.65 4.59
N THR A 118 36.59 -2.55 5.16
CA THR A 118 37.50 -1.44 4.89
C THR A 118 38.95 -1.76 5.25
N TRP A 119 39.87 -1.41 4.36
CA TRP A 119 41.28 -1.62 4.61
C TRP A 119 41.69 -0.64 5.72
N SER A 120 42.83 -0.89 6.36
CA SER A 120 43.30 0.06 7.36
C SER A 120 43.81 1.19 6.48
N PRO A 121 43.97 2.39 7.01
CA PRO A 121 44.45 3.50 6.16
C PRO A 121 45.86 3.29 5.57
N VAL A 122 46.68 2.50 6.24
CA VAL A 122 48.03 2.22 5.75
C VAL A 122 48.25 0.71 5.85
N GLY A 123 49.01 0.15 4.89
CA GLY A 123 49.29 -1.28 4.90
C GLY A 123 48.17 -2.11 4.32
N HIS A 124 47.81 -3.19 5.00
CA HIS A 124 46.75 -4.07 4.50
C HIS A 124 45.93 -4.80 5.55
N LYS A 125 45.67 -4.18 6.71
CA LYS A 125 44.82 -4.83 7.71
C LYS A 125 43.40 -4.66 7.20
N LEU A 126 42.46 -5.44 7.75
CA LEU A 126 41.06 -5.37 7.37
C LEU A 126 40.16 -5.32 8.61
N ALA A 127 39.04 -4.63 8.49
CA ALA A 127 38.05 -4.56 9.54
C ALA A 127 36.75 -4.68 8.77
N TYR A 128 35.91 -5.62 9.14
CA TYR A 128 34.62 -5.80 8.48
C TYR A 128 33.58 -6.07 9.52
N VAL A 129 32.33 -5.95 9.12
CA VAL A 129 31.21 -6.16 10.02
C VAL A 129 30.34 -7.26 9.42
N TRP A 130 29.93 -8.21 10.24
CA TRP A 130 29.12 -9.33 9.79
C TRP A 130 28.16 -9.63 10.93
N ASN A 131 26.89 -9.86 10.60
CA ASN A 131 25.87 -10.11 11.62
C ASN A 131 25.95 -9.08 12.75
N ASN A 132 26.18 -7.83 12.38
CA ASN A 132 26.25 -6.72 13.34
C ASN A 132 27.43 -6.75 14.33
N ASP A 133 28.47 -7.52 14.04
CA ASP A 133 29.62 -7.57 14.92
C ASP A 133 30.87 -7.21 14.14
N ILE A 134 31.87 -6.67 14.84
CA ILE A 134 33.12 -6.25 14.21
C ILE A 134 34.22 -7.30 14.26
N TYR A 135 34.91 -7.48 13.13
CA TYR A 135 36.04 -8.42 13.01
C TYR A 135 37.25 -7.69 12.43
N VAL A 136 38.44 -8.12 12.82
CA VAL A 136 39.67 -7.52 12.29
C VAL A 136 40.60 -8.62 11.78
N LYS A 137 41.22 -8.41 10.63
CA LYS A 137 42.18 -9.35 10.04
C LYS A 137 43.49 -8.62 9.82
N ILE A 138 44.53 -9.00 10.58
CA ILE A 138 45.84 -8.38 10.47
C ILE A 138 46.47 -8.71 9.12
N GLU A 139 46.14 -9.88 8.58
CA GLU A 139 46.68 -10.33 7.30
C GLU A 139 45.53 -10.96 6.52
N PRO A 140 45.51 -10.76 5.20
CA PRO A 140 44.45 -11.30 4.32
C PRO A 140 44.16 -12.79 4.44
N ASN A 141 45.21 -13.59 4.60
CA ASN A 141 45.04 -15.04 4.71
C ASN A 141 44.95 -15.60 6.13
N LEU A 142 45.03 -14.74 7.14
CA LEU A 142 44.96 -15.20 8.53
C LEU A 142 43.58 -15.13 9.18
N PRO A 143 43.34 -15.95 10.21
CA PRO A 143 42.04 -15.93 10.89
C PRO A 143 41.75 -14.58 11.51
N SER A 144 40.50 -14.14 11.40
CA SER A 144 40.11 -12.84 11.95
C SER A 144 39.83 -12.89 13.44
N TYR A 145 40.01 -11.74 14.09
CA TYR A 145 39.76 -11.59 15.53
C TYR A 145 38.38 -10.98 15.74
N ARG A 146 37.57 -11.60 16.59
CA ARG A 146 36.23 -11.10 16.87
C ARG A 146 36.39 -9.94 17.83
N ILE A 147 35.89 -8.76 17.47
CA ILE A 147 36.02 -7.62 18.36
C ILE A 147 34.81 -7.41 19.26
N THR A 148 33.61 -7.60 18.73
CA THR A 148 32.37 -7.44 19.50
C THR A 148 31.56 -8.72 19.47
N TRP A 149 30.72 -8.93 20.47
CA TRP A 149 29.92 -10.15 20.52
C TRP A 149 28.44 -9.88 20.77
N THR A 150 28.09 -8.61 20.88
CA THR A 150 26.71 -8.21 21.17
C THR A 150 25.83 -8.00 19.94
N GLY A 151 26.41 -8.09 18.75
CA GLY A 151 25.67 -7.89 17.51
C GLY A 151 24.35 -8.62 17.42
N LYS A 152 23.25 -7.89 17.22
CA LYS A 152 21.93 -8.50 17.13
C LYS A 152 21.02 -7.76 16.14
N GLU A 153 20.67 -8.44 15.06
CA GLU A 153 19.83 -7.86 14.03
C GLU A 153 18.69 -6.99 14.56
N ASP A 154 18.61 -5.77 14.03
CA ASP A 154 17.62 -4.74 14.39
C ASP A 154 17.68 -4.30 15.84
N ILE A 155 18.70 -4.68 16.58
CA ILE A 155 18.77 -4.27 17.98
C ILE A 155 20.12 -3.63 18.35
N ILE A 156 21.21 -4.40 18.20
CA ILE A 156 22.55 -3.89 18.50
C ILE A 156 23.40 -3.84 17.23
N TYR A 157 23.88 -2.64 16.91
CA TYR A 157 24.73 -2.44 15.73
C TYR A 157 26.15 -2.05 16.11
N ASN A 158 27.13 -2.91 15.85
CA ASN A 158 28.52 -2.55 16.16
C ASN A 158 29.27 -2.24 14.86
N GLY A 159 29.83 -1.05 14.74
CA GLY A 159 30.58 -0.73 13.54
C GLY A 159 29.78 -0.32 12.31
N ILE A 160 28.45 -0.41 12.39
CA ILE A 160 27.55 0.00 11.31
C ILE A 160 26.42 0.80 11.95
N THR A 161 25.82 1.69 11.18
CA THR A 161 24.74 2.53 11.68
C THR A 161 23.37 1.87 11.49
N ASP A 162 22.38 2.31 12.27
CA ASP A 162 21.03 1.80 12.13
C ASP A 162 20.43 2.66 11.01
N TRP A 163 19.12 2.58 10.80
CA TRP A 163 18.50 3.33 9.71
C TRP A 163 18.66 4.84 9.77
N VAL A 164 18.34 5.45 10.91
CA VAL A 164 18.42 6.91 11.04
C VAL A 164 19.84 7.47 11.07
N TYR A 165 20.75 6.77 11.73
CA TYR A 165 22.12 7.23 11.76
C TYR A 165 22.72 7.16 10.36
N GLU A 166 22.35 6.13 9.59
CA GLU A 166 22.86 5.99 8.24
C GLU A 166 22.41 7.15 7.34
N GLU A 167 21.11 7.42 7.40
CA GLU A 167 20.47 8.43 6.58
C GLU A 167 20.65 9.90 7.02
N GLU A 168 20.51 10.17 8.31
CA GLU A 168 20.55 11.55 8.80
C GLU A 168 21.79 12.07 9.53
N VAL A 169 22.74 11.19 9.85
CA VAL A 169 23.92 11.62 10.59
C VAL A 169 25.23 11.40 9.85
N PHE A 170 25.58 10.17 9.57
CA PHE A 170 26.84 9.87 8.89
C PHE A 170 26.77 9.71 7.37
N SER A 171 25.56 9.62 6.80
CA SER A 171 25.44 9.45 5.35
C SER A 171 26.36 8.31 4.93
N ALA A 172 26.33 7.23 5.70
CA ALA A 172 27.16 6.07 5.46
C ALA A 172 26.66 4.95 6.36
N TYR A 173 26.93 3.70 5.98
CA TYR A 173 26.52 2.52 6.74
C TYR A 173 27.59 2.31 7.80
N SER A 174 28.78 2.70 7.41
CA SER A 174 29.98 2.59 8.22
C SER A 174 30.00 3.39 9.52
N ALA A 175 30.43 2.72 10.59
CA ALA A 175 30.55 3.34 11.90
C ALA A 175 31.88 2.84 12.49
N LEU A 176 32.89 2.78 11.63
CA LEU A 176 34.26 2.35 11.97
C LEU A 176 35.24 3.44 11.57
N TRP A 177 36.24 3.69 12.40
CA TRP A 177 37.22 4.73 12.08
C TRP A 177 38.63 4.32 12.48
N TRP A 178 39.41 3.96 11.48
CA TRP A 178 40.80 3.58 11.66
C TRP A 178 41.66 4.79 12.06
N SER A 179 42.60 4.60 12.99
CA SER A 179 43.49 5.70 13.37
C SER A 179 44.40 5.87 12.15
N PRO A 180 45.04 7.03 11.99
CA PRO A 180 45.90 7.28 10.83
C PRO A 180 46.84 6.18 10.35
N ASN A 181 47.64 5.58 11.23
CA ASN A 181 48.54 4.51 10.81
C ASN A 181 47.95 3.09 11.04
N GLY A 182 46.67 3.02 11.39
CA GLY A 182 46.03 1.73 11.59
C GLY A 182 46.23 1.02 12.92
N THR A 183 46.84 1.70 13.88
CA THR A 183 47.03 1.04 15.15
C THR A 183 45.70 0.83 15.86
N PHE A 184 44.92 1.90 15.96
CA PHE A 184 43.63 1.86 16.64
C PHE A 184 42.43 1.79 15.68
N LEU A 185 41.39 1.11 16.13
CA LEU A 185 40.16 1.01 15.37
C LEU A 185 39.08 1.55 16.30
N ALA A 186 38.52 2.69 15.94
CA ALA A 186 37.45 3.25 16.74
C ALA A 186 36.11 2.87 16.09
N TYR A 187 35.09 2.65 16.92
CA TYR A 187 33.79 2.30 16.38
C TYR A 187 32.67 2.73 17.31
N ALA A 188 31.48 2.87 16.74
CA ALA A 188 30.32 3.25 17.50
C ALA A 188 29.44 2.03 17.61
N GLN A 189 28.60 2.03 18.64
CA GLN A 189 27.66 0.96 18.86
C GLN A 189 26.27 1.57 19.01
N PHE A 190 25.30 1.08 18.26
CA PHE A 190 23.96 1.63 18.37
C PHE A 190 23.00 0.60 18.95
N ASN A 191 22.13 1.06 19.84
CA ASN A 191 21.13 0.23 20.49
C ASN A 191 19.72 0.76 20.13
N ASP A 192 18.96 -0.01 19.34
CA ASP A 192 17.63 0.40 18.89
C ASP A 192 16.51 -0.35 19.59
N THR A 193 16.87 -1.01 20.68
CA THR A 193 15.94 -1.81 21.45
C THR A 193 14.52 -1.26 21.58
N GLU A 194 14.39 0.03 21.93
CA GLU A 194 13.05 0.57 22.12
C GLU A 194 12.55 1.47 21.00
N VAL A 195 13.24 1.45 19.87
CA VAL A 195 12.85 2.26 18.74
C VAL A 195 11.70 1.56 18.03
N PRO A 196 10.57 2.26 17.82
CA PRO A 196 9.44 1.62 17.15
C PRO A 196 9.86 1.21 15.74
N LEU A 197 9.10 0.28 15.17
CA LEU A 197 9.38 -0.21 13.83
C LEU A 197 8.37 0.30 12.80
N ILE A 198 8.87 0.69 11.62
CA ILE A 198 7.96 1.08 10.55
C ILE A 198 7.73 -0.28 9.86
N GLU A 199 6.49 -0.59 9.53
CA GLU A 199 6.18 -1.85 8.88
C GLU A 199 5.44 -1.56 7.58
N TYR A 200 5.76 -2.27 6.52
CA TYR A 200 5.06 -2.07 5.25
C TYR A 200 5.23 -3.35 4.43
N SER A 201 4.34 -3.57 3.47
CA SER A 201 4.40 -4.77 2.65
C SER A 201 5.41 -4.71 1.51
N PHE A 202 5.94 -5.87 1.17
CA PHE A 202 6.83 -5.98 0.02
C PHE A 202 6.21 -7.15 -0.72
N TYR A 203 5.95 -6.95 -2.01
CA TYR A 203 5.27 -7.98 -2.77
C TYR A 203 6.18 -8.96 -3.49
N SER A 204 7.35 -8.50 -3.88
CA SER A 204 8.33 -9.35 -4.55
C SER A 204 7.82 -9.82 -5.92
N ASP A 205 8.46 -10.86 -6.45
CA ASP A 205 8.04 -11.38 -7.73
C ASP A 205 6.67 -12.00 -7.60
N GLU A 206 6.03 -12.13 -8.75
CA GLU A 206 4.71 -12.68 -8.89
C GLU A 206 4.59 -14.02 -8.16
N SER A 207 5.67 -14.79 -8.18
CA SER A 207 5.68 -16.10 -7.57
C SER A 207 5.47 -16.12 -6.05
N LEU A 208 5.77 -15.04 -5.34
CA LEU A 208 5.59 -15.03 -3.88
C LEU A 208 4.09 -15.00 -3.58
N GLN A 209 3.59 -16.07 -2.95
CA GLN A 209 2.17 -16.19 -2.67
C GLN A 209 1.65 -15.19 -1.64
N TYR A 210 2.38 -15.05 -0.55
CA TYR A 210 2.03 -14.13 0.52
C TYR A 210 2.99 -12.94 0.56
N PRO A 211 2.44 -11.71 0.56
CA PRO A 211 3.31 -10.54 0.60
C PRO A 211 4.15 -10.62 1.87
N LYS A 212 5.34 -10.06 1.81
CA LYS A 212 6.24 -10.05 2.94
C LYS A 212 6.08 -8.72 3.67
N THR A 213 6.29 -8.71 4.98
CA THR A 213 6.22 -7.47 5.77
C THR A 213 7.65 -7.05 6.15
N VAL A 214 8.05 -5.85 5.74
CA VAL A 214 9.40 -5.35 6.07
C VAL A 214 9.26 -4.60 7.38
N ARG A 215 10.17 -4.82 8.30
CA ARG A 215 10.12 -4.15 9.61
C ARG A 215 11.46 -3.46 9.86
N VAL A 216 11.45 -2.14 10.03
CA VAL A 216 12.67 -1.37 10.21
C VAL A 216 12.63 -0.43 11.41
N PRO A 217 13.59 -0.56 12.33
CA PRO A 217 13.62 0.34 13.49
C PRO A 217 13.78 1.74 12.89
N TYR A 218 12.77 2.57 13.07
CA TYR A 218 12.76 3.90 12.48
C TYR A 218 12.02 4.83 13.44
N PRO A 219 12.75 5.69 14.14
CA PRO A 219 12.15 6.63 15.09
C PRO A 219 11.51 7.82 14.40
N LYS A 220 10.19 7.92 14.48
CA LYS A 220 9.51 9.06 13.89
C LYS A 220 9.63 10.24 14.90
N ALA A 221 9.27 11.44 14.48
CA ALA A 221 9.39 12.61 15.35
C ALA A 221 8.82 12.39 16.75
N GLY A 222 9.61 12.73 17.77
CA GLY A 222 9.15 12.57 19.13
C GLY A 222 9.24 11.18 19.73
N ALA A 223 9.55 10.18 18.91
CA ALA A 223 9.63 8.79 19.37
C ALA A 223 10.95 8.48 20.10
N VAL A 224 11.08 7.24 20.57
CA VAL A 224 12.29 6.82 21.26
C VAL A 224 13.40 6.64 20.22
N ASN A 225 14.55 7.22 20.50
CA ASN A 225 15.71 7.15 19.63
C ASN A 225 16.70 6.08 20.03
N PRO A 226 17.57 5.68 19.10
CA PRO A 226 18.57 4.66 19.43
C PRO A 226 19.57 5.34 20.34
N THR A 227 20.26 4.57 21.20
CA THR A 227 21.26 5.16 22.06
C THR A 227 22.60 4.77 21.43
N VAL A 228 23.64 5.51 21.78
CA VAL A 228 24.94 5.26 21.20
C VAL A 228 26.08 5.24 22.21
N LYS A 229 27.09 4.42 21.95
CA LYS A 229 28.27 4.35 22.80
C LYS A 229 29.45 4.36 21.83
N PHE A 230 30.60 4.86 22.30
CA PHE A 230 31.78 4.94 21.45
C PHE A 230 32.92 4.14 22.06
N PHE A 231 33.66 3.42 21.22
CA PHE A 231 34.76 2.56 21.69
C PHE A 231 36.02 2.66 20.81
N VAL A 232 37.16 2.34 21.40
CA VAL A 232 38.42 2.33 20.67
C VAL A 232 39.17 1.08 21.10
N VAL A 233 39.64 0.32 20.12
CA VAL A 233 40.37 -0.90 20.39
C VAL A 233 41.75 -0.88 19.72
N ASN A 234 42.74 -1.47 20.38
CA ASN A 234 44.10 -1.54 19.85
C ASN A 234 44.21 -2.79 18.98
N THR A 235 44.41 -2.61 17.69
CA THR A 235 44.50 -3.78 16.83
C THR A 235 45.91 -4.35 16.77
N ASP A 236 46.87 -3.68 17.42
CA ASP A 236 48.24 -4.19 17.42
C ASP A 236 48.44 -5.18 18.58
N SER A 237 47.54 -5.14 19.56
CA SER A 237 47.67 -6.04 20.70
C SER A 237 46.51 -6.99 20.82
N LEU A 238 46.18 -7.66 19.72
CA LEU A 238 45.08 -8.63 19.69
C LEU A 238 45.59 -10.05 19.90
N SER A 239 44.85 -10.83 20.68
CA SER A 239 45.26 -12.21 20.94
C SER A 239 44.28 -13.26 20.45
N SER A 240 44.83 -14.40 20.07
CA SER A 240 44.03 -15.52 19.59
C SER A 240 43.53 -16.32 20.78
N VAL A 241 43.98 -15.94 21.97
CA VAL A 241 43.60 -16.65 23.19
C VAL A 241 42.67 -15.85 24.11
N THR A 242 42.66 -14.53 23.95
CA THR A 242 41.81 -13.70 24.78
C THR A 242 40.96 -12.73 23.94
N ASN A 243 39.73 -12.50 24.36
CA ASN A 243 38.83 -11.59 23.65
C ASN A 243 39.38 -10.16 23.71
N ALA A 244 39.49 -9.52 22.56
CA ALA A 244 39.98 -8.15 22.47
C ALA A 244 39.29 -7.28 23.50
N THR A 245 40.00 -6.26 23.98
CA THR A 245 39.46 -5.34 24.97
C THR A 245 39.18 -4.01 24.28
N SER A 246 37.95 -3.52 24.41
CA SER A 246 37.60 -2.25 23.80
C SER A 246 37.47 -1.22 24.88
N ILE A 247 38.13 -0.07 24.68
CA ILE A 247 38.06 1.01 25.66
C ILE A 247 36.96 1.98 25.26
N GLN A 248 36.04 2.26 26.19
CA GLN A 248 34.96 3.19 25.96
C GLN A 248 35.30 4.66 26.29
N ILE A 249 34.79 5.54 25.45
CA ILE A 249 34.95 6.98 25.61
C ILE A 249 33.52 7.45 25.75
N THR A 250 33.16 7.87 26.96
CA THR A 250 31.81 8.31 27.24
C THR A 250 31.60 9.74 26.80
N ALA A 251 30.34 10.11 26.53
CA ALA A 251 30.05 11.46 26.07
C ALA A 251 30.11 12.41 27.26
N PRO A 252 30.29 13.71 27.01
CA PRO A 252 30.36 14.69 28.09
C PRO A 252 29.06 14.79 28.88
N ALA A 253 29.19 15.16 30.16
CA ALA A 253 28.05 15.27 31.09
C ALA A 253 26.94 16.12 30.52
N SER A 254 27.31 17.19 29.82
CA SER A 254 26.33 18.09 29.23
C SER A 254 25.47 17.38 28.18
N MET A 255 25.93 16.22 27.72
CA MET A 255 25.20 15.42 26.73
C MET A 255 24.44 14.31 27.44
N LEU A 256 25.06 13.71 28.44
CA LEU A 256 24.45 12.61 29.18
C LEU A 256 23.17 12.98 29.93
N ILE A 257 22.93 14.27 30.13
CA ILE A 257 21.71 14.68 30.84
C ILE A 257 20.43 14.33 30.10
N GLY A 258 20.52 14.11 28.78
CA GLY A 258 19.34 13.78 27.99
C GLY A 258 19.63 13.01 26.71
N ASP A 259 18.65 12.93 25.81
CA ASP A 259 18.87 12.23 24.57
C ASP A 259 19.95 12.98 23.80
N HIS A 260 20.79 12.24 23.07
CA HIS A 260 21.85 12.88 22.31
C HIS A 260 22.26 11.97 21.17
N TYR A 261 23.15 12.49 20.33
CA TYR A 261 23.68 11.76 19.17
C TYR A 261 25.20 11.91 19.11
N LEU A 262 25.85 10.93 18.47
CA LEU A 262 27.27 11.04 18.21
C LEU A 262 27.18 11.55 16.78
N CYS A 263 27.75 12.70 16.46
CA CYS A 263 27.61 13.22 15.09
C CYS A 263 28.89 13.35 14.26
N ASP A 264 30.05 13.21 14.88
CA ASP A 264 31.31 13.26 14.16
C ASP A 264 32.47 12.59 14.88
N VAL A 265 33.33 11.94 14.09
CA VAL A 265 34.51 11.27 14.60
C VAL A 265 35.62 11.61 13.62
N THR A 266 36.69 12.22 14.13
CA THR A 266 37.80 12.60 13.25
C THR A 266 39.11 12.43 13.99
N TRP A 267 39.97 11.55 13.52
CA TRP A 267 41.27 11.36 14.16
C TRP A 267 42.14 12.60 13.92
N ALA A 268 42.87 13.01 14.96
CA ALA A 268 43.76 14.17 14.89
C ALA A 268 45.19 13.67 14.64
N THR A 269 45.63 12.68 15.43
CA THR A 269 46.98 12.09 15.28
C THR A 269 46.91 10.60 15.55
N GLN A 270 48.07 9.95 15.65
CA GLN A 270 48.11 8.52 15.91
C GLN A 270 47.55 8.20 17.29
N GLU A 271 47.51 9.18 18.18
CA GLU A 271 47.07 8.92 19.55
C GLU A 271 46.08 9.95 20.10
N ARG A 272 45.46 10.70 19.19
CA ARG A 272 44.48 11.73 19.57
C ARG A 272 43.27 11.63 18.67
N ILE A 273 42.09 11.48 19.27
CA ILE A 273 40.87 11.38 18.51
C ILE A 273 39.87 12.44 18.95
N SER A 274 39.14 13.01 17.99
CA SER A 274 38.13 14.02 18.35
C SER A 274 36.76 13.47 18.00
N LEU A 275 35.77 13.85 18.78
CA LEU A 275 34.40 13.43 18.58
C LEU A 275 33.50 14.59 18.89
N GLN A 276 32.40 14.69 18.14
CA GLN A 276 31.42 15.73 18.42
C GLN A 276 30.09 15.05 18.78
N TRP A 277 29.45 15.55 19.82
CA TRP A 277 28.16 15.05 20.29
C TRP A 277 27.11 16.15 20.10
N LEU A 278 25.90 15.75 19.78
CA LEU A 278 24.82 16.69 19.52
C LEU A 278 23.62 16.37 20.39
N ARG A 279 23.08 17.38 21.08
CA ARG A 279 21.89 17.14 21.91
C ARG A 279 20.69 16.83 21.00
N ARG A 280 19.66 16.18 21.54
CA ARG A 280 18.51 15.88 20.71
C ARG A 280 17.95 17.20 20.19
N ILE A 281 18.00 18.24 21.03
CA ILE A 281 17.58 19.58 20.62
C ILE A 281 18.89 20.00 19.96
N GLN A 282 18.92 19.86 18.64
CA GLN A 282 20.12 20.09 17.85
C GLN A 282 20.74 21.46 17.72
N ASN A 283 20.68 22.26 18.76
CA ASN A 283 21.29 23.58 18.71
C ASN A 283 22.43 23.73 19.70
N TYR A 284 22.93 22.59 20.17
CA TYR A 284 24.04 22.59 21.11
C TYR A 284 24.87 21.33 20.89
N SER A 285 26.13 21.49 20.50
CA SER A 285 27.00 20.34 20.30
C SER A 285 28.31 20.56 21.02
N VAL A 286 28.99 19.46 21.35
CA VAL A 286 30.24 19.50 22.09
C VAL A 286 31.34 18.66 21.45
N MET A 287 32.54 19.22 21.34
CA MET A 287 33.65 18.45 20.79
C MET A 287 34.58 18.03 21.92
N ASP A 288 34.92 16.74 21.94
CA ASP A 288 35.85 16.23 22.93
C ASP A 288 37.11 15.89 22.14
N ILE A 289 38.27 16.11 22.75
CA ILE A 289 39.55 15.81 22.11
C ILE A 289 40.20 14.89 23.10
N CYS A 290 40.39 13.64 22.69
CA CYS A 290 40.94 12.58 23.56
C CYS A 290 42.29 12.01 23.17
N ASP A 291 43.17 11.92 24.17
CA ASP A 291 44.52 11.42 24.00
C ASP A 291 44.73 10.06 24.64
N TYR A 292 45.46 9.19 23.96
CA TYR A 292 45.76 7.87 24.49
C TYR A 292 46.81 7.98 25.61
N ASP A 293 46.51 7.37 26.77
CA ASP A 293 47.43 7.35 27.93
C ASP A 293 48.17 6.01 27.87
N GLU A 294 49.43 6.03 27.43
CA GLU A 294 50.20 4.80 27.32
C GLU A 294 50.33 4.03 28.64
N SER A 295 50.30 4.73 29.77
CA SER A 295 50.45 4.06 31.06
C SER A 295 49.25 3.22 31.43
N SER A 296 48.08 3.85 31.47
CA SER A 296 46.84 3.16 31.83
C SER A 296 46.19 2.45 30.66
N GLY A 297 46.52 2.85 29.45
CA GLY A 297 45.93 2.24 28.26
C GLY A 297 44.50 2.72 28.05
N ARG A 298 44.20 3.88 28.61
CA ARG A 298 42.87 4.49 28.52
C ARG A 298 42.92 5.72 27.63
N TRP A 299 41.74 6.29 27.36
CA TRP A 299 41.64 7.49 26.56
C TRP A 299 41.04 8.55 27.45
N ASN A 300 41.73 9.68 27.58
CA ASN A 300 41.25 10.76 28.42
C ASN A 300 40.99 11.99 27.57
N CYS A 301 39.88 12.64 27.82
CA CYS A 301 39.50 13.81 27.06
C CYS A 301 39.45 15.00 28.00
N LEU A 302 40.56 15.74 28.09
CA LEU A 302 40.61 16.88 29.01
C LEU A 302 39.47 17.88 28.83
N VAL A 303 38.82 18.23 29.93
CA VAL A 303 37.74 19.21 29.90
C VAL A 303 38.24 20.52 29.30
N ALA A 304 39.50 20.84 29.56
CA ALA A 304 40.09 22.07 29.04
C ALA A 304 40.14 22.08 27.52
N ARG A 305 40.05 20.90 26.92
CA ARG A 305 40.11 20.79 25.47
C ARG A 305 38.72 20.62 24.84
N GLN A 306 37.69 20.93 25.62
CA GLN A 306 36.32 20.81 25.11
C GLN A 306 35.98 22.06 24.32
N HIS A 307 35.18 21.88 23.28
CA HIS A 307 34.76 22.98 22.44
C HIS A 307 33.27 22.92 22.21
N ILE A 308 32.59 23.96 22.65
CA ILE A 308 31.15 24.03 22.53
C ILE A 308 30.80 24.83 21.30
N GLU A 309 29.76 24.37 20.62
CA GLU A 309 29.29 25.04 19.43
C GLU A 309 27.77 25.06 19.52
N MET A 310 27.18 26.25 19.52
CA MET A 310 25.74 26.38 19.63
C MET A 310 25.16 27.44 18.70
N SER A 311 23.84 27.50 18.63
CA SER A 311 23.17 28.48 17.79
C SER A 311 21.94 28.98 18.52
N THR A 312 21.65 30.27 18.33
CA THR A 312 20.50 30.90 18.95
C THR A 312 19.37 31.05 17.94
N THR A 313 19.72 31.07 16.66
CA THR A 313 18.75 31.23 15.59
C THR A 313 18.23 29.94 14.96
N GLY A 314 18.98 28.85 15.12
CA GLY A 314 18.57 27.58 14.55
C GLY A 314 19.36 26.41 15.08
N TRP A 315 19.59 25.44 14.20
CA TRP A 315 20.34 24.22 14.55
C TRP A 315 21.83 24.50 14.36
N VAL A 316 22.68 23.52 14.58
CA VAL A 316 24.12 23.70 14.42
C VAL A 316 24.63 23.06 13.12
N GLY A 317 25.37 23.83 12.31
CA GLY A 317 25.91 23.34 11.06
C GLY A 317 24.85 23.24 9.98
N ARG A 318 25.22 22.96 8.74
CA ARG A 318 24.21 22.88 7.68
C ARG A 318 23.24 21.74 7.93
N PHE A 319 23.77 20.53 8.11
CA PHE A 319 22.93 19.38 8.42
C PHE A 319 23.41 18.74 9.72
N ARG A 320 24.59 19.14 10.16
CA ARG A 320 25.20 18.66 11.41
C ARG A 320 26.52 19.40 11.65
N PRO A 321 27.04 19.39 12.89
CA PRO A 321 28.30 20.08 13.14
C PRO A 321 29.37 19.64 12.12
N SER A 322 30.11 20.61 11.57
CA SER A 322 31.17 20.36 10.58
C SER A 322 32.34 19.52 11.14
N GLU A 323 33.16 18.97 10.25
CA GLU A 323 34.28 18.16 10.69
C GLU A 323 35.52 19.03 10.82
N PRO A 324 36.31 18.79 11.88
CA PRO A 324 37.53 19.57 12.08
C PRO A 324 38.65 19.09 11.17
N HIS A 325 39.60 19.97 10.87
CA HIS A 325 40.74 19.62 10.04
C HIS A 325 42.00 19.95 10.85
N PHE A 326 42.56 18.92 11.48
CA PHE A 326 43.72 19.05 12.32
C PHE A 326 45.00 19.20 11.53
N THR A 327 45.92 19.97 12.13
CA THR A 327 47.25 20.22 11.58
C THR A 327 48.07 18.94 11.77
N LEU A 328 49.27 18.91 11.19
CA LEU A 328 50.15 17.76 11.31
C LEU A 328 50.37 17.29 12.75
N ASP A 329 50.70 18.21 13.66
CA ASP A 329 50.95 17.82 15.05
C ASP A 329 49.67 17.67 15.88
N GLY A 330 48.53 17.91 15.27
CA GLY A 330 47.28 17.76 15.98
C GLY A 330 47.05 18.75 17.11
N ASN A 331 47.84 19.83 17.17
CA ASN A 331 47.68 20.82 18.24
C ASN A 331 46.68 21.92 17.95
N SER A 332 46.33 22.09 16.68
CA SER A 332 45.34 23.10 16.32
C SER A 332 44.49 22.53 15.18
N PHE A 333 43.39 23.19 14.85
CA PHE A 333 42.52 22.69 13.79
C PHE A 333 41.64 23.77 13.19
N TYR A 334 41.23 23.53 11.94
CA TYR A 334 40.36 24.43 11.20
C TYR A 334 38.98 23.82 11.06
N LYS A 335 37.96 24.65 11.19
CA LYS A 335 36.60 24.15 11.16
C LYS A 335 35.63 25.24 10.69
N ILE A 336 34.71 24.86 9.80
CA ILE A 336 33.73 25.80 9.29
C ILE A 336 32.61 25.98 10.31
N ILE A 337 32.33 27.23 10.67
CA ILE A 337 31.23 27.56 11.60
C ILE A 337 30.63 28.91 11.22
N SER A 338 29.35 29.14 11.57
CA SER A 338 28.73 30.41 11.23
C SER A 338 29.27 31.48 12.14
N ASN A 339 29.72 32.58 11.54
CA ASN A 339 30.28 33.68 12.28
C ASN A 339 29.19 34.55 12.90
N GLU A 340 29.56 35.68 13.49
CA GLU A 340 28.59 36.57 14.13
C GLU A 340 27.58 37.22 13.17
N GLU A 341 27.88 37.22 11.87
CA GLU A 341 26.96 37.77 10.87
C GLU A 341 26.09 36.64 10.33
N GLY A 342 26.36 35.41 10.77
CA GLY A 342 25.56 34.29 10.29
C GLY A 342 26.07 33.61 9.03
N TYR A 343 27.30 33.92 8.62
CA TYR A 343 27.89 33.29 7.43
C TYR A 343 28.93 32.26 7.82
N ARG A 344 28.91 31.14 7.11
CA ARG A 344 29.81 30.05 7.41
C ARG A 344 31.23 30.27 6.87
N HIS A 345 32.16 30.35 7.81
CA HIS A 345 33.56 30.58 7.51
C HIS A 345 34.50 29.68 8.29
N ILE A 346 35.76 29.72 7.92
CA ILE A 346 36.76 28.87 8.56
C ILE A 346 37.32 29.50 9.82
N CYS A 347 37.16 28.81 10.95
CA CYS A 347 37.70 29.34 12.18
C CYS A 347 38.91 28.48 12.58
N TYR A 348 39.98 29.10 13.07
CA TYR A 348 41.19 28.39 13.48
C TYR A 348 41.18 28.20 14.98
N PHE A 349 41.17 26.94 15.43
CA PHE A 349 41.15 26.61 16.86
C PHE A 349 42.49 26.07 17.38
N GLN A 350 42.76 26.32 18.65
CA GLN A 350 43.95 25.83 19.36
C GLN A 350 43.23 24.77 20.21
N ILE A 351 43.73 23.54 20.34
CA ILE A 351 42.96 22.54 21.10
C ILE A 351 42.56 22.88 22.52
N ASP A 352 43.40 23.62 23.22
CA ASP A 352 43.08 23.97 24.60
C ASP A 352 42.84 25.47 24.71
N LYS A 353 42.16 26.04 23.74
CA LYS A 353 41.87 27.46 23.77
C LYS A 353 40.41 27.56 23.42
N LYS A 354 39.67 28.41 24.11
CA LYS A 354 38.23 28.53 23.86
C LYS A 354 37.85 29.35 22.63
N ASP A 355 38.53 30.45 22.40
CA ASP A 355 38.16 31.26 21.25
C ASP A 355 38.95 30.87 20.02
N CYS A 356 38.25 30.78 18.90
CA CYS A 356 38.89 30.44 17.65
C CYS A 356 38.94 31.73 16.84
N THR A 357 39.83 31.75 15.86
CA THR A 357 40.00 32.94 15.03
C THR A 357 39.55 32.68 13.58
N PHE A 358 38.64 33.51 13.07
CA PHE A 358 38.17 33.36 11.69
C PHE A 358 39.25 33.78 10.71
N ILE A 359 39.49 32.94 9.71
CA ILE A 359 40.51 33.27 8.74
C ILE A 359 39.92 33.73 7.42
N THR A 360 38.60 33.64 7.30
CA THR A 360 37.89 34.10 6.10
C THR A 360 36.65 34.81 6.65
N LYS A 361 36.09 35.72 5.86
CA LYS A 361 34.91 36.48 6.26
C LYS A 361 34.32 37.12 5.01
N GLY A 362 33.07 37.53 5.11
CA GLY A 362 32.41 38.14 3.96
C GLY A 362 30.99 37.59 3.79
N THR A 363 30.20 38.28 2.98
CA THR A 363 28.83 37.87 2.73
C THR A 363 28.78 36.79 1.67
N TRP A 364 29.33 35.64 2.02
CA TRP A 364 29.38 34.47 1.17
C TRP A 364 29.82 33.37 2.12
N GLU A 365 29.85 32.12 1.65
CA GLU A 365 30.25 31.04 2.53
C GLU A 365 31.23 30.05 1.97
N VAL A 366 31.98 29.44 2.89
CA VAL A 366 32.92 28.40 2.55
C VAL A 366 32.04 27.14 2.51
N ILE A 367 32.17 26.34 1.45
CA ILE A 367 31.38 25.09 1.32
C ILE A 367 32.10 23.97 2.09
N GLY A 368 33.41 23.86 1.89
CA GLY A 368 34.16 22.83 2.60
C GLY A 368 35.65 23.07 2.57
N ILE A 369 36.35 22.50 3.55
CA ILE A 369 37.82 22.57 3.61
C ILE A 369 38.24 21.33 2.82
N GLU A 370 39.13 21.49 1.84
CA GLU A 370 39.51 20.35 1.00
C GLU A 370 40.90 19.76 1.23
N ALA A 371 41.86 20.60 1.63
CA ALA A 371 43.23 20.16 1.88
C ALA A 371 43.95 21.16 2.76
N LEU A 372 44.91 20.66 3.53
CA LEU A 372 45.69 21.47 4.45
C LEU A 372 47.18 21.10 4.47
N THR A 373 48.04 22.11 4.38
CA THR A 373 49.50 21.94 4.46
C THR A 373 49.99 22.98 5.50
N SER A 374 51.27 22.93 5.88
CA SER A 374 51.79 23.90 6.84
C SER A 374 51.70 25.33 6.28
N ASP A 375 51.69 25.47 4.97
CA ASP A 375 51.60 26.82 4.37
C ASP A 375 50.22 27.25 3.89
N TYR A 376 49.40 26.29 3.45
CA TYR A 376 48.09 26.63 2.92
C TYR A 376 46.96 25.73 3.31
N LEU A 377 45.77 26.32 3.26
CA LEU A 377 44.54 25.60 3.51
C LEU A 377 43.76 25.82 2.21
N TYR A 378 43.30 24.74 1.61
CA TYR A 378 42.54 24.82 0.37
C TYR A 378 41.05 24.64 0.64
N TYR A 379 40.22 25.45 -0.01
CA TYR A 379 38.79 25.31 0.23
C TYR A 379 37.92 25.72 -0.96
N ILE A 380 36.66 25.38 -0.88
CA ILE A 380 35.71 25.75 -1.92
C ILE A 380 34.70 26.71 -1.31
N SER A 381 34.37 27.76 -2.05
CA SER A 381 33.40 28.73 -1.56
C SER A 381 32.63 29.28 -2.73
N ASN A 382 31.54 29.98 -2.44
CA ASN A 382 30.73 30.58 -3.48
C ASN A 382 31.00 32.09 -3.49
N GLU A 383 32.21 32.50 -3.13
CA GLU A 383 32.55 33.91 -3.13
C GLU A 383 32.64 34.60 -4.51
N TYR A 384 33.25 33.95 -5.49
CA TYR A 384 33.43 34.55 -6.81
C TYR A 384 32.18 35.23 -7.39
N LYS A 385 32.32 36.51 -7.69
CA LYS A 385 31.24 37.31 -8.27
C LYS A 385 29.95 37.34 -7.45
N GLY A 386 30.05 36.97 -6.17
CA GLY A 386 28.86 36.96 -5.33
C GLY A 386 27.76 36.01 -5.80
N MET A 387 28.12 34.96 -6.54
CA MET A 387 27.10 34.01 -7.00
C MET A 387 27.05 32.85 -6.00
N PRO A 388 25.98 32.79 -5.19
CA PRO A 388 25.88 31.71 -4.20
C PRO A 388 25.72 30.32 -4.84
N GLY A 389 25.38 30.31 -6.13
CA GLY A 389 25.21 29.05 -6.84
C GLY A 389 26.46 28.65 -7.62
N GLY A 390 27.57 29.33 -7.38
CA GLY A 390 28.83 29.01 -8.04
C GLY A 390 29.78 28.45 -7.00
N ARG A 391 30.81 27.72 -7.44
CA ARG A 391 31.76 27.08 -6.52
C ARG A 391 33.15 27.18 -7.12
N ASN A 392 34.10 27.66 -6.33
CA ASN A 392 35.47 27.76 -6.82
C ASN A 392 36.43 27.33 -5.74
N LEU A 393 37.60 26.87 -6.17
CA LEU A 393 38.65 26.42 -5.28
C LEU A 393 39.60 27.57 -4.95
N TYR A 394 39.82 27.81 -3.66
CA TYR A 394 40.72 28.86 -3.19
C TYR A 394 41.76 28.29 -2.24
N LYS A 395 42.82 29.04 -2.03
CA LYS A 395 43.84 28.67 -1.07
C LYS A 395 44.11 29.94 -0.30
N ILE A 396 44.36 29.80 1.00
CA ILE A 396 44.63 30.94 1.85
C ILE A 396 45.95 30.70 2.57
N GLN A 397 46.82 31.70 2.54
CA GLN A 397 48.13 31.61 3.19
C GLN A 397 47.96 31.60 4.70
N LEU A 398 48.39 30.53 5.36
CA LEU A 398 48.22 30.48 6.81
C LEU A 398 49.01 31.55 7.58
N SER A 399 50.11 32.04 7.01
CA SER A 399 50.89 33.07 7.70
C SER A 399 50.38 34.50 7.47
N ASP A 400 49.43 34.67 6.55
CA ASP A 400 48.88 35.99 6.24
C ASP A 400 47.54 35.79 5.53
N TYR A 401 46.47 35.88 6.30
CA TYR A 401 45.13 35.67 5.80
C TYR A 401 44.67 36.70 4.78
N THR A 402 45.39 37.80 4.62
CA THR A 402 44.97 38.78 3.61
C THR A 402 45.28 38.22 2.23
N LYS A 403 46.14 37.20 2.17
CA LYS A 403 46.49 36.60 0.88
C LYS A 403 45.68 35.35 0.50
N VAL A 404 44.55 35.59 -0.15
CA VAL A 404 43.66 34.54 -0.64
C VAL A 404 43.76 34.50 -2.16
N THR A 405 44.02 33.34 -2.71
CA THR A 405 44.15 33.20 -4.15
C THR A 405 43.11 32.23 -4.70
N CYS A 406 42.38 32.63 -5.74
CA CYS A 406 41.41 31.73 -6.34
C CYS A 406 42.13 30.93 -7.42
N LEU A 407 42.03 29.61 -7.32
CA LEU A 407 42.71 28.70 -8.23
C LEU A 407 41.86 28.22 -9.41
N SER A 408 40.56 28.45 -9.38
CA SER A 408 39.70 27.96 -10.46
C SER A 408 38.90 29.04 -11.15
N CYS A 409 38.69 30.16 -10.47
CA CYS A 409 37.89 31.26 -10.99
C CYS A 409 38.15 31.64 -12.43
N GLU A 410 39.40 31.89 -12.75
CA GLU A 410 39.75 32.34 -14.08
C GLU A 410 40.21 31.30 -15.11
N LEU A 411 40.19 30.01 -14.75
CA LEU A 411 40.61 28.96 -15.69
C LEU A 411 39.82 29.01 -16.99
N ASN A 412 38.50 29.15 -16.89
CA ASN A 412 37.62 29.24 -18.05
C ASN A 412 36.27 29.69 -17.49
N PRO A 413 36.16 30.99 -17.22
CA PRO A 413 35.00 31.69 -16.67
C PRO A 413 33.66 31.48 -17.36
N GLU A 414 33.68 31.32 -18.69
CA GLU A 414 32.43 31.13 -19.42
C GLU A 414 31.90 29.71 -19.30
N ARG A 415 32.81 28.74 -19.31
CA ARG A 415 32.43 27.35 -19.23
C ARG A 415 32.37 26.80 -17.79
N CYS A 416 33.22 27.32 -16.93
CA CYS A 416 33.34 26.82 -15.57
C CYS A 416 33.14 27.81 -14.43
N GLN A 417 32.08 27.58 -13.65
CA GLN A 417 31.72 28.39 -12.51
C GLN A 417 31.32 27.49 -11.34
N TYR A 418 31.44 26.18 -11.51
CA TYR A 418 31.09 25.24 -10.44
C TYR A 418 32.11 24.11 -10.43
N TYR A 419 32.98 24.14 -9.43
CA TYR A 419 34.05 23.16 -9.27
C TYR A 419 33.99 22.38 -7.95
N SER A 420 34.62 21.21 -7.94
CA SER A 420 34.79 20.37 -6.76
C SER A 420 36.23 19.94 -7.04
N VAL A 421 36.94 19.44 -6.03
CA VAL A 421 38.34 19.09 -6.24
C VAL A 421 38.76 17.79 -5.57
N SER A 422 39.86 17.22 -6.04
CA SER A 422 40.40 16.01 -5.43
C SER A 422 41.91 16.14 -5.30
N PHE A 423 42.41 16.26 -4.07
CA PHE A 423 43.85 16.40 -3.86
C PHE A 423 44.53 15.04 -3.65
N SER A 424 45.82 14.95 -4.00
CA SER A 424 46.60 13.73 -3.79
C SER A 424 46.97 13.65 -2.29
N LYS A 425 47.53 12.52 -1.86
CA LYS A 425 47.89 12.32 -0.45
C LYS A 425 48.42 13.49 0.36
N GLU A 426 49.42 14.20 -0.12
CA GLU A 426 49.97 15.34 0.64
C GLU A 426 49.67 16.68 -0.07
N ALA A 427 48.58 16.71 -0.83
CA ALA A 427 48.18 17.91 -1.54
C ALA A 427 49.22 18.36 -2.53
N LYS A 428 50.04 17.44 -3.00
CA LYS A 428 51.05 17.84 -3.97
C LYS A 428 50.36 18.12 -5.32
N TYR A 429 49.31 17.35 -5.61
CA TYR A 429 48.55 17.51 -6.85
C TYR A 429 47.05 17.58 -6.59
N TYR A 430 46.31 18.24 -7.49
CA TYR A 430 44.87 18.26 -7.36
C TYR A 430 44.17 18.19 -8.69
N GLN A 431 43.01 17.53 -8.69
CA GLN A 431 42.20 17.39 -9.88
C GLN A 431 41.01 18.31 -9.73
N LEU A 432 40.74 19.12 -10.76
CA LEU A 432 39.60 20.00 -10.73
C LEU A 432 38.51 19.40 -11.59
N ARG A 433 37.30 19.41 -11.05
CA ARG A 433 36.16 18.88 -11.77
C ARG A 433 35.17 20.02 -11.94
N CYS A 434 35.11 20.55 -13.15
CA CYS A 434 34.20 21.64 -13.49
C CYS A 434 32.93 20.96 -13.96
N SER A 435 31.77 21.38 -13.47
CA SER A 435 30.54 20.75 -13.92
C SER A 435 29.51 21.75 -14.47
N GLY A 436 29.92 22.99 -14.73
CA GLY A 436 28.99 23.95 -15.29
C GLY A 436 29.51 25.38 -15.31
N PRO A 437 28.83 26.29 -16.04
CA PRO A 437 27.61 26.07 -16.82
C PRO A 437 27.79 25.31 -18.16
N GLY A 438 29.03 25.17 -18.62
CA GLY A 438 29.26 24.44 -19.86
C GLY A 438 29.42 22.94 -19.56
N LEU A 439 29.90 22.16 -20.52
CA LEU A 439 30.09 20.72 -20.31
C LEU A 439 31.23 20.43 -19.33
N PRO A 440 31.08 19.39 -18.49
CA PRO A 440 32.11 19.03 -17.51
C PRO A 440 33.50 19.00 -18.09
N LEU A 441 34.44 19.52 -17.32
CA LEU A 441 35.84 19.60 -17.72
C LEU A 441 36.70 19.15 -16.54
N TYR A 442 37.53 18.16 -16.78
CA TYR A 442 38.41 17.63 -15.75
C TYR A 442 39.84 17.96 -16.06
N THR A 443 40.54 18.50 -15.06
CA THR A 443 41.94 18.88 -15.25
C THR A 443 42.83 18.48 -14.08
N LEU A 444 44.14 18.39 -14.34
CA LEU A 444 45.10 18.03 -13.31
C LEU A 444 46.05 19.21 -13.11
N HIS A 445 46.39 19.47 -11.85
CA HIS A 445 47.23 20.61 -11.49
C HIS A 445 48.30 20.21 -10.45
N SER A 446 49.34 21.03 -10.33
CA SER A 446 50.39 20.81 -9.33
C SER A 446 50.32 21.99 -8.38
N SER A 447 50.36 21.69 -7.09
CA SER A 447 50.25 22.73 -6.08
C SER A 447 51.39 23.73 -5.95
N VAL A 448 52.63 23.28 -6.11
CA VAL A 448 53.79 24.16 -5.93
C VAL A 448 53.66 25.54 -6.59
N ASN A 449 53.23 25.55 -7.85
CA ASN A 449 53.02 26.82 -8.53
C ASN A 449 51.66 26.85 -9.21
N ASP A 450 50.75 25.98 -8.79
CA ASP A 450 49.43 25.94 -9.37
C ASP A 450 49.45 25.88 -10.89
N LYS A 451 50.27 24.98 -11.43
CA LYS A 451 50.36 24.82 -12.86
C LYS A 451 49.22 23.94 -13.36
N GLY A 452 48.77 24.22 -14.58
CA GLY A 452 47.72 23.43 -15.19
C GLY A 452 48.50 22.40 -16.00
N LEU A 453 48.65 21.19 -15.47
CA LEU A 453 49.40 20.18 -16.18
C LEU A 453 48.71 19.70 -17.44
N ARG A 454 47.49 19.18 -17.32
CA ARG A 454 46.80 18.65 -18.50
C ARG A 454 45.30 18.45 -18.35
N VAL A 455 44.62 18.33 -19.49
CA VAL A 455 43.18 18.09 -19.52
C VAL A 455 42.96 16.59 -19.54
N LEU A 456 42.24 16.06 -18.55
CA LEU A 456 41.97 14.62 -18.45
C LEU A 456 40.77 14.20 -19.30
N GLU A 457 39.76 15.07 -19.35
CA GLU A 457 38.56 14.79 -20.09
C GLU A 457 37.81 16.10 -20.30
N ASP A 458 37.53 16.43 -21.55
CA ASP A 458 36.84 17.68 -21.87
C ASP A 458 35.47 17.49 -22.49
N ASN A 459 35.03 16.24 -22.59
CA ASN A 459 33.73 15.94 -23.18
C ASN A 459 33.55 16.48 -24.59
N SER A 460 34.62 16.58 -25.37
CA SER A 460 34.49 17.08 -26.73
C SER A 460 33.60 16.15 -27.58
N ALA A 461 33.57 14.86 -27.26
CA ALA A 461 32.72 13.94 -28.00
C ALA A 461 31.26 14.40 -27.84
N LEU A 462 30.81 14.53 -26.60
CA LEU A 462 29.44 14.96 -26.30
C LEU A 462 29.12 16.28 -26.95
N ASP A 463 30.02 17.25 -26.82
CA ASP A 463 29.83 18.57 -27.40
C ASP A 463 29.54 18.44 -28.90
N LYS A 464 30.25 17.52 -29.57
CA LYS A 464 30.06 17.32 -31.01
C LYS A 464 28.64 16.81 -31.28
N MET A 465 28.16 15.87 -30.46
CA MET A 465 26.81 15.35 -30.67
C MET A 465 25.77 16.42 -30.37
N LEU A 466 25.95 17.16 -29.29
CA LEU A 466 24.98 18.18 -28.94
C LEU A 466 24.83 19.30 -29.96
N GLN A 467 25.80 19.42 -30.87
CA GLN A 467 25.72 20.44 -31.90
C GLN A 467 24.52 20.22 -32.85
N ASN A 468 24.16 18.96 -33.08
CA ASN A 468 23.05 18.59 -33.95
C ASN A 468 21.72 18.49 -33.21
N VAL A 469 21.64 19.15 -32.05
CA VAL A 469 20.43 19.13 -31.23
C VAL A 469 20.04 20.54 -30.80
N GLN A 470 18.75 20.82 -30.75
CA GLN A 470 18.31 22.13 -30.32
C GLN A 470 18.22 22.12 -28.79
N MET A 471 19.35 22.37 -28.15
CA MET A 471 19.44 22.38 -26.70
C MET A 471 18.93 23.69 -26.10
N PRO A 472 18.31 23.58 -24.92
CA PRO A 472 17.75 24.72 -24.18
C PRO A 472 18.91 25.45 -23.55
N SER A 473 18.65 26.67 -23.11
CA SER A 473 19.68 27.47 -22.46
C SER A 473 19.27 27.62 -21.01
N LYS A 474 20.19 28.13 -20.19
CA LYS A 474 19.89 28.32 -18.80
C LYS A 474 20.20 29.72 -18.36
N LYS A 475 19.20 30.36 -17.77
CA LYS A 475 19.32 31.70 -17.27
C LYS A 475 19.39 31.60 -15.75
N LEU A 476 20.39 32.25 -15.17
CA LEU A 476 20.52 32.27 -13.73
C LEU A 476 20.49 33.75 -13.35
N ASP A 477 19.63 34.11 -12.40
CA ASP A 477 19.50 35.50 -11.98
C ASP A 477 18.84 35.59 -10.60
N PHE A 478 18.35 36.76 -10.24
CA PHE A 478 17.71 36.93 -8.94
C PHE A 478 16.57 37.95 -8.94
N ILE A 479 15.69 37.85 -7.95
CA ILE A 479 14.60 38.78 -7.79
C ILE A 479 14.76 39.27 -6.37
N ILE A 480 14.20 40.42 -6.06
CA ILE A 480 14.33 40.93 -4.70
C ILE A 480 13.05 40.76 -3.90
N LEU A 481 13.23 40.59 -2.59
CA LEU A 481 12.12 40.42 -1.66
C LEU A 481 12.58 41.05 -0.34
N ASN A 482 11.98 42.19 0.02
CA ASN A 482 12.34 42.87 1.25
C ASN A 482 13.83 43.12 1.37
N GLU A 483 14.38 43.85 0.42
CA GLU A 483 15.80 44.18 0.44
C GLU A 483 16.73 42.97 0.42
N THR A 484 16.17 41.79 0.12
CA THR A 484 16.98 40.58 0.06
C THR A 484 16.88 39.97 -1.32
N LYS A 485 18.02 39.55 -1.86
CA LYS A 485 17.98 38.96 -3.18
C LYS A 485 17.91 37.45 -3.05
N PHE A 486 17.09 36.85 -3.92
CA PHE A 486 16.89 35.41 -3.94
C PHE A 486 17.06 34.96 -5.39
N TRP A 487 17.90 33.96 -5.60
CA TRP A 487 18.19 33.48 -6.92
C TRP A 487 17.22 32.44 -7.49
N TYR A 488 17.14 32.39 -8.81
CA TYR A 488 16.30 31.44 -9.51
C TYR A 488 16.96 31.09 -10.83
N GLN A 489 16.50 30.03 -11.46
CA GLN A 489 17.07 29.65 -12.72
C GLN A 489 15.94 29.25 -13.60
N MET A 490 16.12 29.44 -14.90
CA MET A 490 15.11 29.06 -15.86
C MET A 490 15.76 28.29 -16.98
N ILE A 491 15.21 27.11 -17.29
CA ILE A 491 15.72 26.35 -18.40
C ILE A 491 14.81 26.86 -19.52
N LEU A 492 15.39 27.66 -20.41
CA LEU A 492 14.60 28.25 -21.49
C LEU A 492 14.62 27.40 -22.73
N PRO A 493 13.48 27.30 -23.43
CA PRO A 493 13.43 26.50 -24.66
C PRO A 493 14.37 27.04 -25.74
N PRO A 494 14.72 26.20 -26.72
CA PRO A 494 15.62 26.57 -27.83
C PRO A 494 15.01 27.79 -28.54
N HIS A 495 15.84 28.73 -28.98
CA HIS A 495 15.36 29.93 -29.69
C HIS A 495 14.35 30.72 -28.87
N PHE A 496 14.60 30.82 -27.58
CA PHE A 496 13.70 31.56 -26.71
C PHE A 496 13.32 32.91 -27.30
N ASP A 497 12.02 33.17 -27.39
CA ASP A 497 11.52 34.44 -27.92
C ASP A 497 10.71 35.13 -26.83
N LYS A 498 11.28 36.18 -26.23
CA LYS A 498 10.61 36.89 -25.14
C LYS A 498 9.33 37.59 -25.51
N SER A 499 8.94 37.51 -26.78
CA SER A 499 7.70 38.13 -27.22
C SER A 499 6.56 37.12 -27.17
N LYS A 500 6.90 35.86 -26.90
CA LYS A 500 5.88 34.81 -26.83
C LYS A 500 5.58 34.40 -25.39
N LYS A 501 4.45 33.74 -25.18
CA LYS A 501 4.05 33.29 -23.85
C LYS A 501 4.29 31.80 -23.73
N TYR A 502 5.18 31.42 -22.81
CA TYR A 502 5.49 30.00 -22.60
C TYR A 502 4.86 29.48 -21.32
N PRO A 503 4.36 28.23 -21.35
CA PRO A 503 3.78 27.69 -20.12
C PRO A 503 5.00 27.58 -19.20
N LEU A 504 4.80 27.48 -17.89
CA LEU A 504 5.95 27.40 -17.00
C LEU A 504 5.79 26.36 -15.88
N LEU A 505 6.82 25.53 -15.71
CA LEU A 505 6.82 24.49 -14.68
C LEU A 505 7.85 24.84 -13.60
N LEU A 506 7.37 25.00 -12.38
CA LEU A 506 8.25 25.31 -11.28
C LEU A 506 8.78 24.01 -10.65
N ASP A 507 10.06 23.73 -10.84
CA ASP A 507 10.76 22.56 -10.31
C ASP A 507 11.21 22.96 -8.91
N VAL A 508 10.64 22.37 -7.88
CA VAL A 508 11.01 22.75 -6.51
C VAL A 508 11.47 21.64 -5.58
N TYR A 509 12.34 22.01 -4.64
CA TYR A 509 12.76 21.10 -3.59
C TYR A 509 12.47 21.92 -2.35
N ALA A 510 13.24 23.01 -2.20
CA ALA A 510 13.05 23.97 -1.12
C ALA A 510 13.20 23.54 0.32
N GLY A 511 13.81 22.37 0.56
CA GLY A 511 14.01 21.94 1.92
C GLY A 511 15.07 22.83 2.56
N PRO A 512 15.26 22.75 3.90
CA PRO A 512 16.29 23.61 4.51
C PRO A 512 17.69 23.32 4.00
N CYS A 513 18.39 24.40 3.69
CA CYS A 513 19.75 24.38 3.16
C CYS A 513 19.81 23.82 1.72
N SER A 514 18.69 23.87 1.02
CA SER A 514 18.68 23.39 -0.36
C SER A 514 19.16 24.48 -1.33
N GLN A 515 19.48 24.10 -2.55
CA GLN A 515 19.87 25.07 -3.58
C GLN A 515 19.49 24.45 -4.91
N LYS A 516 18.50 25.04 -5.57
CA LYS A 516 18.01 24.54 -6.84
C LYS A 516 18.32 25.48 -7.99
N ALA A 517 18.97 26.58 -7.63
CA ALA A 517 19.38 27.60 -8.59
C ALA A 517 20.91 27.60 -8.57
N ASP A 518 21.53 27.00 -9.56
CA ASP A 518 23.00 26.96 -9.63
C ASP A 518 23.55 27.00 -11.06
N THR A 519 24.87 26.93 -11.20
CA THR A 519 25.51 26.98 -12.50
C THR A 519 25.86 25.59 -13.07
N VAL A 520 25.28 24.55 -12.49
CA VAL A 520 25.57 23.18 -12.91
C VAL A 520 24.87 22.76 -14.21
N PHE A 521 25.62 22.13 -15.11
CA PHE A 521 25.07 21.65 -16.39
C PHE A 521 24.36 20.29 -16.16
N ARG A 522 23.13 20.14 -16.63
CA ARG A 522 22.40 18.91 -16.41
C ARG A 522 21.58 18.48 -17.62
N LEU A 523 21.47 17.18 -17.82
CA LEU A 523 20.65 16.61 -18.89
C LEU A 523 19.61 15.80 -18.11
N ASN A 524 18.41 16.36 -17.98
CA ASN A 524 17.36 15.70 -17.22
C ASN A 524 15.97 15.94 -17.83
N TRP A 525 14.95 15.59 -17.07
CA TRP A 525 13.58 15.73 -17.52
C TRP A 525 13.31 17.16 -17.99
N ALA A 526 13.77 18.14 -17.20
CA ALA A 526 13.59 19.54 -17.56
C ALA A 526 14.20 19.83 -18.93
N THR A 527 15.34 19.22 -19.25
CA THR A 527 15.98 19.45 -20.55
C THR A 527 15.01 19.12 -21.69
N TYR A 528 14.33 17.98 -21.54
CA TYR A 528 13.38 17.54 -22.54
C TYR A 528 12.17 18.46 -22.56
N LEU A 529 11.68 18.79 -21.37
CA LEU A 529 10.49 19.64 -21.31
C LEU A 529 10.70 20.96 -22.05
N ALA A 530 11.87 21.55 -21.89
CA ALA A 530 12.13 22.83 -22.54
C ALA A 530 12.53 22.68 -24.01
N SER A 531 13.27 21.63 -24.33
CA SER A 531 13.74 21.44 -25.70
C SER A 531 12.67 20.95 -26.67
N THR A 532 11.86 19.99 -26.23
CA THR A 532 10.82 19.43 -27.08
C THR A 532 9.43 20.03 -26.89
N GLU A 533 8.99 20.22 -25.64
CA GLU A 533 7.67 20.76 -25.37
C GLU A 533 7.65 22.28 -25.23
N ASN A 534 8.80 22.93 -25.38
CA ASN A 534 8.87 24.39 -25.25
C ASN A 534 8.24 24.91 -23.97
N ILE A 535 8.48 24.19 -22.88
CA ILE A 535 8.01 24.58 -21.55
C ILE A 535 9.19 25.19 -20.80
N ILE A 536 8.97 26.28 -20.10
CA ILE A 536 10.04 26.88 -19.30
C ILE A 536 10.06 26.21 -17.92
N VAL A 537 11.21 25.65 -17.52
CA VAL A 537 11.30 25.02 -16.20
C VAL A 537 12.12 25.90 -15.28
N ALA A 538 11.46 26.44 -14.26
CA ALA A 538 12.13 27.32 -13.31
C ALA A 538 12.30 26.71 -11.93
N SER A 539 13.27 27.21 -11.19
CA SER A 539 13.54 26.76 -9.83
C SER A 539 13.92 28.04 -9.07
N PHE A 540 13.54 28.09 -7.80
CA PHE A 540 13.78 29.27 -7.00
C PHE A 540 14.24 28.90 -5.59
N ASP A 541 15.25 29.61 -5.09
CA ASP A 541 15.78 29.38 -3.75
C ASP A 541 15.33 30.52 -2.82
N GLY A 542 14.31 30.24 -2.02
CA GLY A 542 13.80 31.25 -1.11
C GLY A 542 14.27 31.08 0.32
N ARG A 543 13.49 31.60 1.24
CA ARG A 543 13.86 31.49 2.64
C ARG A 543 14.01 30.03 3.01
N GLY A 544 15.07 29.74 3.75
CA GLY A 544 15.32 28.37 4.12
C GLY A 544 16.44 27.80 3.26
N SER A 545 16.67 28.36 2.07
CA SER A 545 17.72 27.83 1.19
C SER A 545 19.13 28.04 1.80
N GLY A 546 20.11 27.27 1.31
CA GLY A 546 21.42 27.37 1.92
C GLY A 546 22.50 28.15 1.20
N TYR A 547 23.69 28.16 1.80
CA TYR A 547 24.88 28.83 1.24
C TYR A 547 24.80 30.33 1.13
N GLN A 548 23.82 30.93 1.80
CA GLN A 548 23.65 32.38 1.77
C GLN A 548 23.59 32.96 3.17
N GLY A 549 24.00 32.18 4.17
CA GLY A 549 23.97 32.69 5.53
C GLY A 549 22.74 32.26 6.31
N ASP A 550 22.84 32.31 7.64
CA ASP A 550 21.76 31.90 8.56
C ASP A 550 20.48 32.74 8.53
N LYS A 551 20.60 34.03 8.24
CA LYS A 551 19.44 34.92 8.19
C LYS A 551 18.45 34.34 7.19
N ILE A 552 18.96 33.77 6.11
CA ILE A 552 18.11 33.18 5.11
C ILE A 552 17.81 31.72 5.46
N MET A 553 18.86 30.95 5.72
CA MET A 553 18.66 29.54 6.02
C MET A 553 17.82 29.26 7.27
N HIS A 554 18.01 30.04 8.35
CA HIS A 554 17.27 29.81 9.58
C HIS A 554 15.89 30.48 9.63
N ALA A 555 15.51 31.17 8.56
CA ALA A 555 14.21 31.84 8.53
C ALA A 555 13.05 30.87 8.76
N ILE A 556 13.25 29.59 8.45
CA ILE A 556 12.17 28.62 8.66
C ILE A 556 12.35 27.75 9.89
N ASN A 557 13.26 28.15 10.76
CA ASN A 557 13.47 27.37 11.96
C ASN A 557 12.19 27.21 12.77
N ARG A 558 11.85 25.97 13.12
CA ARG A 558 10.65 25.65 13.89
C ARG A 558 9.41 26.01 13.11
N ARG A 559 9.59 26.34 11.84
CA ARG A 559 8.48 26.76 11.00
C ARG A 559 8.44 26.14 9.60
N LEU A 560 8.67 24.84 9.50
CA LEU A 560 8.64 24.22 8.17
C LEU A 560 7.23 24.34 7.60
N GLY A 561 7.15 24.39 6.27
CA GLY A 561 5.85 24.51 5.64
C GLY A 561 5.30 25.92 5.69
N THR A 562 6.15 26.91 5.94
CA THR A 562 5.67 28.29 5.96
C THR A 562 6.37 29.14 4.90
N PHE A 563 7.45 29.82 5.27
CA PHE A 563 8.14 30.71 4.33
C PHE A 563 8.65 30.11 3.04
N GLU A 564 9.24 28.92 3.10
CA GLU A 564 9.76 28.29 1.89
C GLU A 564 8.62 27.97 0.92
N VAL A 565 7.42 27.74 1.44
CA VAL A 565 6.25 27.47 0.59
C VAL A 565 5.75 28.80 -0.01
N GLU A 566 5.54 29.78 0.87
CA GLU A 566 5.11 31.12 0.50
C GLU A 566 6.06 31.73 -0.53
N ASP A 567 7.37 31.60 -0.32
CA ASP A 567 8.30 32.17 -1.28
C ASP A 567 8.23 31.54 -2.68
N GLN A 568 7.88 30.26 -2.78
CA GLN A 568 7.75 29.62 -4.08
C GLN A 568 6.55 30.25 -4.81
N ILE A 569 5.45 30.44 -4.07
CA ILE A 569 4.26 31.03 -4.66
C ILE A 569 4.60 32.44 -5.14
N GLU A 570 5.35 33.18 -4.33
CA GLU A 570 5.76 34.56 -4.66
C GLU A 570 6.59 34.60 -5.96
N ALA A 571 7.55 33.69 -6.08
CA ALA A 571 8.38 33.63 -7.26
C ALA A 571 7.53 33.40 -8.50
N ALA A 572 6.65 32.40 -8.42
CA ALA A 572 5.79 32.10 -9.56
C ALA A 572 4.93 33.32 -9.88
N ARG A 573 4.43 33.97 -8.83
CA ARG A 573 3.62 35.18 -9.00
C ARG A 573 4.44 36.16 -9.84
N GLN A 574 5.69 36.38 -9.44
CA GLN A 574 6.54 37.30 -10.17
C GLN A 574 6.89 36.86 -11.57
N PHE A 575 7.04 35.55 -11.76
CA PHE A 575 7.36 35.01 -13.08
C PHE A 575 6.16 35.12 -14.01
N SER A 576 4.97 34.98 -13.45
CA SER A 576 3.76 35.08 -14.27
C SER A 576 3.57 36.50 -14.80
N LYS A 577 4.15 37.48 -14.11
CA LYS A 577 4.03 38.87 -14.55
C LYS A 577 5.04 39.23 -15.61
N MET A 578 6.03 38.38 -15.82
CA MET A 578 7.02 38.65 -16.86
C MET A 578 6.31 38.42 -18.20
N GLY A 579 6.73 39.17 -19.21
CA GLY A 579 6.11 39.09 -20.51
C GLY A 579 6.12 37.75 -21.24
N PHE A 580 7.08 36.89 -20.95
CA PHE A 580 7.16 35.61 -21.65
C PHE A 580 6.49 34.40 -20.99
N VAL A 581 5.73 34.63 -19.93
CA VAL A 581 5.05 33.57 -19.21
C VAL A 581 3.52 33.64 -19.36
N ASP A 582 2.91 32.53 -19.74
CA ASP A 582 1.46 32.44 -19.88
C ASP A 582 0.89 32.16 -18.50
N ASN A 583 0.41 33.19 -17.80
CA ASN A 583 -0.10 33.00 -16.45
C ASN A 583 -1.30 32.06 -16.34
N LYS A 584 -1.74 31.51 -17.46
CA LYS A 584 -2.87 30.57 -17.40
C LYS A 584 -2.31 29.15 -17.36
N ARG A 585 -1.04 29.02 -17.72
CA ARG A 585 -0.40 27.70 -17.73
C ARG A 585 0.86 27.65 -16.86
N ILE A 586 0.66 27.63 -15.56
CA ILE A 586 1.79 27.54 -14.65
C ILE A 586 1.59 26.33 -13.76
N ALA A 587 2.60 25.47 -13.72
CA ALA A 587 2.54 24.27 -12.93
C ALA A 587 3.70 24.22 -11.95
N ILE A 588 3.63 23.25 -11.04
CA ILE A 588 4.68 23.08 -10.05
C ILE A 588 4.85 21.58 -9.78
N TRP A 589 6.09 21.15 -9.54
CA TRP A 589 6.34 19.74 -9.22
C TRP A 589 7.59 19.61 -8.35
N GLY A 590 7.60 18.55 -7.55
CA GLY A 590 8.70 18.30 -6.64
C GLY A 590 8.68 16.85 -6.20
N TRP A 591 9.81 16.42 -5.67
CA TRP A 591 9.99 15.06 -5.20
C TRP A 591 10.47 15.17 -3.75
N SER A 592 10.01 14.27 -2.90
CA SER A 592 10.48 14.28 -1.52
C SER A 592 10.08 15.59 -0.83
N TYR A 593 11.03 16.36 -0.33
CA TYR A 593 10.67 17.62 0.32
C TYR A 593 9.94 18.46 -0.72
N GLY A 594 10.39 18.38 -1.97
CA GLY A 594 9.76 19.12 -3.05
C GLY A 594 8.30 18.67 -3.24
N GLY A 595 8.00 17.40 -2.98
CA GLY A 595 6.64 16.91 -3.09
C GLY A 595 5.78 17.55 -2.00
N TYR A 596 6.35 17.70 -0.82
CA TYR A 596 5.66 18.34 0.30
C TYR A 596 5.33 19.80 -0.07
N VAL A 597 6.35 20.57 -0.43
CA VAL A 597 6.15 21.96 -0.77
C VAL A 597 5.16 22.13 -1.91
N THR A 598 5.29 21.27 -2.93
CA THR A 598 4.39 21.29 -4.08
C THR A 598 2.94 21.10 -3.62
N SER A 599 2.73 20.19 -2.68
CA SER A 599 1.42 19.91 -2.13
C SER A 599 0.90 21.08 -1.30
N MET A 600 1.76 21.66 -0.48
CA MET A 600 1.36 22.80 0.36
C MET A 600 0.99 23.99 -0.55
N VAL A 601 1.76 24.16 -1.63
CA VAL A 601 1.50 25.21 -2.60
C VAL A 601 0.15 24.99 -3.27
N LEU A 602 -0.08 23.79 -3.76
CA LEU A 602 -1.32 23.48 -4.44
C LEU A 602 -2.54 23.61 -3.53
N GLY A 603 -2.31 23.43 -2.23
CA GLY A 603 -3.42 23.53 -1.28
C GLY A 603 -3.43 24.85 -0.53
N SER A 604 -2.77 25.86 -1.09
CA SER A 604 -2.69 27.17 -0.45
C SER A 604 -3.81 28.13 -0.85
N GLY A 605 -4.51 27.84 -1.94
CA GLY A 605 -5.57 28.71 -2.41
C GLY A 605 -5.06 29.95 -3.14
N SER A 606 -3.77 29.98 -3.47
CA SER A 606 -3.17 31.12 -4.16
C SER A 606 -3.73 31.38 -5.55
N GLY A 607 -4.23 30.33 -6.21
CA GLY A 607 -4.79 30.49 -7.55
C GLY A 607 -3.78 30.64 -8.68
N VAL A 608 -2.50 30.63 -8.35
CA VAL A 608 -1.45 30.80 -9.34
C VAL A 608 -1.16 29.55 -10.17
N PHE A 609 -1.38 28.37 -9.61
CA PHE A 609 -1.06 27.14 -10.33
C PHE A 609 -2.26 26.37 -10.85
N LYS A 610 -2.16 25.92 -12.10
CA LYS A 610 -3.22 25.14 -12.72
C LYS A 610 -3.16 23.67 -12.31
N CYS A 611 -1.96 23.14 -12.19
CA CYS A 611 -1.75 21.74 -11.86
C CYS A 611 -0.39 21.53 -11.18
N GLY A 612 -0.19 20.35 -10.60
CA GLY A 612 1.07 20.08 -9.95
C GLY A 612 1.29 18.60 -9.74
N ILE A 613 2.55 18.20 -9.62
CA ILE A 613 2.85 16.80 -9.38
C ILE A 613 3.73 16.66 -8.13
N ALA A 614 3.31 15.77 -7.24
CA ALA A 614 4.03 15.49 -5.99
C ALA A 614 4.49 14.02 -5.98
N VAL A 615 5.81 13.79 -5.90
CA VAL A 615 6.36 12.44 -5.86
C VAL A 615 6.95 12.16 -4.46
N ALA A 616 6.46 11.10 -3.82
CA ALA A 616 6.93 10.70 -2.48
C ALA A 616 7.03 11.89 -1.53
N PRO A 617 5.94 12.64 -1.39
CA PRO A 617 6.01 13.80 -0.49
C PRO A 617 5.87 13.47 0.98
N VAL A 618 6.38 14.38 1.80
CA VAL A 618 6.21 14.30 3.25
C VAL A 618 4.82 14.96 3.34
N SER A 619 3.92 14.48 4.20
CA SER A 619 2.60 15.09 4.32
C SER A 619 2.37 15.68 5.71
N ARG A 620 2.94 15.08 6.76
CA ARG A 620 2.85 15.63 8.11
C ARG A 620 4.17 15.24 8.82
N TRP A 621 4.83 16.25 9.37
CA TRP A 621 6.11 16.02 9.99
C TRP A 621 6.22 14.94 11.06
N GLU A 622 5.12 14.60 11.71
CA GLU A 622 5.18 13.53 12.69
C GLU A 622 5.41 12.16 12.04
N TYR A 623 5.29 12.08 10.72
CA TYR A 623 5.52 10.79 10.04
C TYR A 623 6.97 10.63 9.63
N TYR A 624 7.72 11.72 9.60
CA TYR A 624 9.13 11.65 9.19
C TYR A 624 10.06 11.37 10.36
N ASP A 625 11.33 11.06 10.10
CA ASP A 625 12.22 10.70 11.19
C ASP A 625 12.62 11.80 12.17
N SER A 626 12.97 11.36 13.38
CA SER A 626 13.35 12.28 14.44
C SER A 626 14.55 13.16 14.14
N VAL A 627 15.68 12.56 13.78
CA VAL A 627 16.91 13.31 13.54
C VAL A 627 16.79 14.48 12.56
N TYR A 628 16.08 14.28 11.47
CA TYR A 628 15.94 15.35 10.49
C TYR A 628 14.81 16.31 10.84
N THR A 629 13.65 15.77 11.20
CA THR A 629 12.50 16.60 11.52
C THR A 629 12.72 17.50 12.73
N GLU A 630 13.17 16.91 13.84
CA GLU A 630 13.41 17.64 15.09
C GLU A 630 14.51 18.68 14.94
N ARG A 631 15.41 18.47 13.98
CA ARG A 631 16.49 19.40 13.72
C ARG A 631 15.89 20.77 13.44
N TYR A 632 14.83 20.77 12.62
CA TYR A 632 14.16 22.00 12.22
C TYR A 632 12.91 22.32 13.00
N MET A 633 12.24 21.30 13.49
CA MET A 633 10.97 21.50 14.16
C MET A 633 10.89 21.33 15.68
N GLY A 634 11.99 20.98 16.34
CA GLY A 634 11.89 20.76 17.77
C GLY A 634 11.02 19.52 18.00
N LEU A 635 10.58 19.30 19.25
CA LEU A 635 9.77 18.13 19.55
C LEU A 635 8.27 18.37 19.38
N PRO A 636 7.54 17.33 18.97
CA PRO A 636 6.11 17.46 18.77
C PRO A 636 5.31 17.24 20.08
N THR A 637 5.58 18.08 21.08
CA THR A 637 4.89 18.04 22.36
C THR A 637 4.28 19.42 22.55
N PRO A 638 3.19 19.52 23.33
CA PRO A 638 2.55 20.83 23.54
C PRO A 638 3.44 21.89 24.18
N GLU A 639 4.42 21.44 24.98
CA GLU A 639 5.35 22.38 25.63
C GLU A 639 6.44 22.81 24.66
N ASP A 640 6.61 22.09 23.56
CA ASP A 640 7.65 22.48 22.62
C ASP A 640 7.08 23.07 21.33
N ASN A 641 6.78 22.24 20.33
CA ASN A 641 6.31 22.82 19.09
C ASN A 641 5.18 22.04 18.39
N LEU A 642 4.37 21.34 19.16
CA LEU A 642 3.28 20.54 18.61
C LEU A 642 2.30 21.31 17.74
N ASP A 643 1.89 22.51 18.14
CA ASP A 643 0.95 23.26 17.32
C ASP A 643 1.43 23.44 15.89
N HIS A 644 2.69 23.83 15.71
CA HIS A 644 3.13 24.02 14.34
C HIS A 644 3.26 22.68 13.59
N TYR A 645 3.46 21.61 14.34
CA TYR A 645 3.54 20.28 13.74
C TYR A 645 2.15 19.97 13.18
N ARG A 646 1.12 20.32 13.94
CA ARG A 646 -0.25 20.02 13.55
C ARG A 646 -0.84 20.88 12.45
N ASN A 647 -0.41 22.13 12.31
CA ASN A 647 -1.01 22.89 11.24
C ASN A 647 -0.10 23.10 10.03
N SER A 648 0.93 22.27 9.94
CA SER A 648 1.84 22.35 8.80
C SER A 648 1.70 21.06 7.95
N THR A 649 0.52 20.44 8.01
CA THR A 649 0.24 19.22 7.26
C THR A 649 -0.41 19.54 5.92
N VAL A 650 -0.28 18.63 4.98
CA VAL A 650 -0.88 18.77 3.65
C VAL A 650 -2.38 18.54 3.81
N MET A 651 -2.70 17.44 4.51
CA MET A 651 -4.09 17.03 4.79
C MET A 651 -5.02 18.15 5.19
N SER A 652 -4.58 19.05 6.07
CA SER A 652 -5.45 20.15 6.50
C SER A 652 -5.87 21.10 5.38
N ARG A 653 -5.17 21.06 4.25
CA ARG A 653 -5.48 21.93 3.13
C ARG A 653 -6.22 21.21 2.01
N ALA A 654 -6.67 19.99 2.28
CA ALA A 654 -7.38 19.18 1.29
C ALA A 654 -8.39 19.94 0.42
N GLU A 655 -9.34 20.61 1.09
CA GLU A 655 -10.40 21.40 0.45
C GLU A 655 -9.91 22.36 -0.64
N ASN A 656 -8.77 23.01 -0.39
CA ASN A 656 -8.20 23.95 -1.35
C ASN A 656 -7.74 23.33 -2.67
N PHE A 657 -7.74 22.00 -2.75
CA PHE A 657 -7.31 21.32 -3.97
C PHE A 657 -8.41 21.28 -5.04
N LYS A 658 -9.62 21.71 -4.70
CA LYS A 658 -10.75 21.68 -5.62
C LYS A 658 -10.52 22.46 -6.91
N GLN A 659 -9.60 23.44 -6.89
CA GLN A 659 -9.38 24.23 -8.11
C GLN A 659 -8.08 23.96 -8.87
N VAL A 660 -7.46 22.80 -8.64
CA VAL A 660 -6.22 22.44 -9.35
C VAL A 660 -6.19 20.99 -9.76
N GLU A 661 -5.30 20.65 -10.67
CA GLU A 661 -5.13 19.26 -11.09
C GLU A 661 -3.89 18.76 -10.35
N TYR A 662 -4.09 17.67 -9.61
CA TYR A 662 -3.06 17.11 -8.77
C TYR A 662 -2.75 15.67 -9.14
N LEU A 663 -1.46 15.35 -9.31
CA LEU A 663 -1.02 13.99 -9.59
C LEU A 663 -0.14 13.62 -8.40
N LEU A 664 -0.54 12.58 -7.68
CA LEU A 664 0.15 12.11 -6.47
C LEU A 664 0.74 10.73 -6.75
N ILE A 665 2.07 10.63 -6.60
CA ILE A 665 2.83 9.42 -6.89
C ILE A 665 3.69 8.99 -5.70
N HIS A 666 3.91 7.68 -5.53
CA HIS A 666 4.70 7.19 -4.40
C HIS A 666 5.01 5.68 -4.54
N GLY A 667 6.21 5.27 -4.14
CA GLY A 667 6.57 3.85 -4.20
C GLY A 667 6.09 3.16 -2.92
N THR A 668 5.52 1.97 -3.03
CA THR A 668 5.01 1.26 -1.85
C THR A 668 6.06 0.79 -0.86
N ALA A 669 7.29 0.62 -1.35
CA ALA A 669 8.36 0.17 -0.47
C ALA A 669 9.30 1.31 -0.08
N ASP A 670 8.78 2.53 -0.02
CA ASP A 670 9.60 3.68 0.38
C ASP A 670 9.86 3.54 1.89
N ASP A 671 11.12 3.32 2.25
CA ASP A 671 11.53 3.17 3.65
C ASP A 671 11.89 4.53 4.29
N ASN A 672 12.04 5.54 3.45
CA ASN A 672 12.42 6.89 3.89
C ASN A 672 11.18 7.74 4.21
N VAL A 673 10.42 8.12 3.18
CA VAL A 673 9.17 8.86 3.30
C VAL A 673 8.12 7.75 3.09
N HIS A 674 7.61 7.21 4.17
CA HIS A 674 6.69 6.08 4.05
C HIS A 674 5.47 6.32 3.16
N PHE A 675 5.04 5.28 2.46
CA PHE A 675 3.87 5.38 1.59
C PHE A 675 2.74 6.03 2.40
N GLN A 676 2.72 5.71 3.70
CA GLN A 676 1.76 6.27 4.64
C GLN A 676 1.51 7.76 4.37
N GLN A 677 2.58 8.53 4.18
CA GLN A 677 2.44 9.97 3.97
C GLN A 677 1.48 10.27 2.79
N SER A 678 1.62 9.57 1.67
CA SER A 678 0.71 9.79 0.54
C SER A 678 -0.63 9.13 0.78
N ALA A 679 -0.64 8.02 1.52
CA ALA A 679 -1.88 7.33 1.83
C ALA A 679 -2.81 8.26 2.61
N GLN A 680 -2.24 9.08 3.49
CA GLN A 680 -3.06 10.00 4.28
C GLN A 680 -3.52 11.21 3.44
N ILE A 681 -2.70 11.62 2.47
CA ILE A 681 -3.08 12.73 1.60
C ILE A 681 -4.31 12.32 0.78
N SER A 682 -4.20 11.18 0.11
CA SER A 682 -5.28 10.70 -0.73
C SER A 682 -6.58 10.55 0.05
N LYS A 683 -6.50 9.99 1.26
CA LYS A 683 -7.70 9.81 2.09
C LYS A 683 -8.35 11.16 2.40
N ALA A 684 -7.54 12.18 2.72
CA ALA A 684 -8.09 13.50 3.00
C ALA A 684 -8.75 14.12 1.76
N LEU A 685 -8.16 13.91 0.57
CA LEU A 685 -8.75 14.47 -0.64
C LEU A 685 -10.08 13.79 -0.88
N VAL A 686 -10.11 12.47 -0.66
CA VAL A 686 -11.33 11.70 -0.79
C VAL A 686 -12.39 12.21 0.17
N ASP A 687 -11.97 12.49 1.42
CA ASP A 687 -12.90 12.95 2.44
C ASP A 687 -13.62 14.29 2.16
N VAL A 688 -13.02 15.16 1.34
CA VAL A 688 -13.66 16.43 0.98
C VAL A 688 -14.17 16.41 -0.46
N GLY A 689 -14.21 15.23 -1.07
CA GLY A 689 -14.72 15.14 -2.43
C GLY A 689 -13.87 15.75 -3.54
N VAL A 690 -12.54 15.71 -3.38
CA VAL A 690 -11.67 16.26 -4.42
C VAL A 690 -11.12 15.17 -5.35
N ASP A 691 -11.34 15.34 -6.65
CA ASP A 691 -10.83 14.38 -7.59
C ASP A 691 -9.38 14.68 -7.87
N PHE A 692 -8.59 13.65 -8.15
CA PHE A 692 -7.15 13.82 -8.45
C PHE A 692 -6.61 12.58 -9.14
N GLN A 693 -5.37 12.66 -9.59
CA GLN A 693 -4.69 11.56 -10.28
C GLN A 693 -3.71 10.92 -9.32
N ALA A 694 -3.56 9.59 -9.43
CA ALA A 694 -2.63 8.89 -8.56
C ALA A 694 -1.93 7.75 -9.26
N MET A 695 -0.76 7.42 -8.72
CA MET A 695 0.01 6.30 -9.23
C MET A 695 0.91 5.76 -8.12
N TRP A 696 0.81 4.47 -7.83
CA TRP A 696 1.69 3.89 -6.82
C TRP A 696 2.65 3.04 -7.64
N TYR A 697 3.85 2.82 -7.09
CA TYR A 697 4.83 1.98 -7.76
C TYR A 697 5.16 0.84 -6.82
N THR A 698 4.67 -0.34 -7.18
CA THR A 698 4.89 -1.53 -6.40
C THR A 698 6.36 -1.82 -6.14
N ASP A 699 6.70 -1.97 -4.86
CA ASP A 699 8.05 -2.29 -4.41
C ASP A 699 9.18 -1.29 -4.69
N GLU A 700 8.83 -0.09 -5.16
CA GLU A 700 9.86 0.93 -5.40
C GLU A 700 10.11 1.71 -4.10
N ASP A 701 11.33 2.19 -3.89
CA ASP A 701 11.57 2.98 -2.69
C ASP A 701 11.56 4.47 -3.00
N HIS A 702 12.19 5.26 -2.15
CA HIS A 702 12.19 6.70 -2.32
C HIS A 702 12.77 7.20 -3.65
N GLY A 703 13.66 6.44 -4.26
CA GLY A 703 14.25 6.90 -5.50
C GLY A 703 13.50 6.52 -6.75
N ILE A 704 12.55 5.59 -6.64
CA ILE A 704 11.79 5.08 -7.77
C ILE A 704 12.73 5.06 -8.96
N ALA A 705 13.86 4.40 -8.75
CA ALA A 705 14.93 4.34 -9.72
C ALA A 705 15.17 3.06 -10.50
N SER A 706 14.39 2.01 -10.28
CA SER A 706 14.64 0.83 -11.09
C SER A 706 14.43 1.30 -12.54
N SER A 707 15.10 0.66 -13.48
CA SER A 707 15.02 1.03 -14.88
C SER A 707 13.59 1.20 -15.45
N THR A 708 12.74 0.22 -15.25
CA THR A 708 11.38 0.29 -15.76
C THR A 708 10.53 1.35 -15.03
N ALA A 709 10.62 1.38 -13.69
CA ALA A 709 9.82 2.34 -12.94
C ALA A 709 10.16 3.78 -13.31
N HIS A 710 11.46 4.02 -13.47
CA HIS A 710 11.98 5.33 -13.83
C HIS A 710 11.39 5.81 -15.15
N GLN A 711 11.47 4.96 -16.17
CA GLN A 711 10.90 5.32 -17.46
C GLN A 711 9.37 5.51 -17.35
N HIS A 712 8.74 4.64 -16.57
CA HIS A 712 7.29 4.72 -16.39
C HIS A 712 6.83 5.97 -15.66
N ILE A 713 7.50 6.35 -14.57
CA ILE A 713 7.07 7.53 -13.85
C ILE A 713 7.24 8.77 -14.69
N TYR A 714 8.38 8.90 -15.37
CA TYR A 714 8.56 10.10 -16.20
C TYR A 714 7.66 10.11 -17.42
N THR A 715 7.33 8.94 -17.95
CA THR A 715 6.44 8.89 -19.09
C THR A 715 5.07 9.38 -18.60
N HIS A 716 4.64 8.86 -17.45
CA HIS A 716 3.35 9.21 -16.88
C HIS A 716 3.23 10.70 -16.53
N MET A 717 4.28 11.27 -15.93
CA MET A 717 4.25 12.68 -15.57
C MET A 717 4.27 13.55 -16.84
N SER A 718 4.98 13.10 -17.87
CA SER A 718 5.02 13.87 -19.11
C SER A 718 3.61 14.00 -19.70
N HIS A 719 2.86 12.90 -19.74
CA HIS A 719 1.50 12.95 -20.25
C HIS A 719 0.67 13.94 -19.41
N PHE A 720 0.83 13.89 -18.09
CA PHE A 720 0.06 14.77 -17.21
C PHE A 720 0.35 16.23 -17.47
N ILE A 721 1.64 16.61 -17.52
CA ILE A 721 2.01 18.00 -17.76
C ILE A 721 1.55 18.48 -19.14
N LYS A 722 1.77 17.67 -20.18
CA LYS A 722 1.35 18.04 -21.54
C LYS A 722 -0.16 18.25 -21.57
N GLN A 723 -0.91 17.33 -20.97
CA GLN A 723 -2.36 17.45 -20.91
C GLN A 723 -2.74 18.76 -20.17
N CYS A 724 -2.13 19.00 -19.00
CA CYS A 724 -2.39 20.23 -18.25
C CYS A 724 -2.14 21.52 -19.08
N PHE A 725 -1.12 21.50 -19.94
CA PHE A 725 -0.78 22.66 -20.77
C PHE A 725 -1.42 22.65 -22.18
N SER A 726 -2.21 21.64 -22.49
CA SER A 726 -2.84 21.52 -23.80
C SER A 726 -1.81 21.43 -24.93
N LEU A 727 -0.76 20.63 -24.68
CA LEU A 727 0.32 20.47 -25.66
C LEU A 727 0.12 19.20 -26.50
N PRO A 728 0.38 19.30 -27.81
CA PRO A 728 0.25 18.17 -28.75
C PRO A 728 0.85 16.88 -28.19
N THR B 1 -37.90 20.70 -20.97
CA THR B 1 -37.28 19.34 -21.12
C THR B 1 -37.09 18.67 -19.75
N ARG B 2 -37.56 17.43 -19.62
CA ARG B 2 -37.42 16.71 -18.35
C ARG B 2 -35.93 16.46 -18.05
N LYS B 3 -35.56 16.64 -16.78
CA LYS B 3 -34.19 16.42 -16.34
C LYS B 3 -33.82 14.94 -16.49
N THR B 4 -32.54 14.64 -16.50
CA THR B 4 -32.12 13.26 -16.62
C THR B 4 -31.67 12.76 -15.24
N TYR B 5 -31.33 11.49 -15.17
CA TYR B 5 -30.85 10.90 -13.93
C TYR B 5 -29.34 11.10 -13.96
N THR B 6 -28.88 12.12 -13.24
CA THR B 6 -27.48 12.51 -13.17
C THR B 6 -26.63 11.69 -12.21
N LEU B 7 -25.32 11.93 -12.26
CA LEU B 7 -24.39 11.24 -11.38
C LEU B 7 -24.68 11.67 -9.95
N THR B 8 -24.94 12.96 -9.73
CA THR B 8 -25.24 13.45 -8.38
C THR B 8 -26.48 12.78 -7.79
N ASP B 9 -27.46 12.49 -8.65
CA ASP B 9 -28.68 11.85 -8.19
C ASP B 9 -28.33 10.48 -7.63
N TYR B 10 -27.44 9.78 -8.33
CA TYR B 10 -27.01 8.48 -7.87
C TYR B 10 -26.21 8.58 -6.56
N LEU B 11 -25.15 9.39 -6.56
CA LEU B 11 -24.29 9.53 -5.38
C LEU B 11 -24.97 10.13 -4.15
N LYS B 12 -26.01 10.94 -4.38
CA LYS B 12 -26.72 11.56 -3.27
C LYS B 12 -28.01 10.86 -2.89
N ASN B 13 -28.39 9.83 -3.63
CA ASN B 13 -29.62 9.08 -3.36
C ASN B 13 -30.83 10.01 -3.32
N THR B 14 -30.98 10.87 -4.32
CA THR B 14 -32.11 11.76 -4.32
C THR B 14 -33.41 10.95 -4.55
N TYR B 15 -33.39 10.05 -5.52
CA TYR B 15 -34.56 9.22 -5.80
C TYR B 15 -34.45 7.95 -4.98
N ARG B 16 -35.01 7.99 -3.78
CA ARG B 16 -34.93 6.88 -2.86
C ARG B 16 -35.95 5.77 -3.04
N LEU B 17 -35.44 4.54 -3.07
CA LEU B 17 -36.25 3.35 -3.20
C LEU B 17 -36.80 3.03 -1.82
N LYS B 18 -38.10 2.80 -1.73
CA LYS B 18 -38.72 2.45 -0.45
C LYS B 18 -38.90 0.95 -0.34
N LEU B 19 -38.81 0.44 0.88
CA LEU B 19 -38.98 -0.98 1.10
C LEU B 19 -39.81 -1.22 2.33
N TYR B 20 -40.08 -2.49 2.63
CA TYR B 20 -40.88 -2.80 3.80
C TYR B 20 -40.25 -3.96 4.56
N SER B 21 -39.31 -3.65 5.43
CA SER B 21 -38.64 -4.69 6.21
C SER B 21 -39.41 -4.98 7.48
N LEU B 22 -39.99 -6.17 7.57
CA LEU B 22 -40.75 -6.54 8.75
C LEU B 22 -40.09 -7.75 9.41
N ARG B 23 -40.45 -8.01 10.66
CA ARG B 23 -39.88 -9.15 11.40
C ARG B 23 -40.98 -9.97 12.06
N TRP B 24 -41.22 -11.17 11.56
CA TRP B 24 -42.24 -12.03 12.14
C TRP B 24 -41.84 -12.36 13.56
N ILE B 25 -42.76 -12.26 14.50
CA ILE B 25 -42.45 -12.57 15.89
C ILE B 25 -43.29 -13.74 16.34
N SER B 26 -44.22 -14.13 15.47
CA SER B 26 -45.12 -15.26 15.73
C SER B 26 -45.76 -15.65 14.40
N ASP B 27 -46.79 -16.48 14.46
CA ASP B 27 -47.47 -16.90 13.25
C ASP B 27 -48.43 -15.87 12.66
N HIS B 28 -48.64 -14.76 13.34
CA HIS B 28 -49.55 -13.74 12.81
C HIS B 28 -49.27 -12.32 13.26
N GLU B 29 -48.06 -12.08 13.77
CA GLU B 29 -47.68 -10.73 14.19
C GLU B 29 -46.26 -10.44 13.75
N TYR B 30 -46.02 -9.19 13.34
CA TYR B 30 -44.69 -8.80 12.93
C TYR B 30 -44.37 -7.41 13.42
N LEU B 31 -43.08 -7.10 13.46
CA LEU B 31 -42.59 -5.80 13.90
C LEU B 31 -42.17 -4.97 12.71
N TYR B 32 -42.47 -3.68 12.75
CA TYR B 32 -42.11 -2.77 11.67
C TYR B 32 -41.72 -1.45 12.31
N LYS B 33 -40.62 -0.88 11.83
CA LYS B 33 -40.12 0.39 12.35
C LYS B 33 -40.71 1.57 11.55
N GLN B 34 -41.50 2.41 12.23
CA GLN B 34 -42.12 3.57 11.60
C GLN B 34 -41.80 4.82 12.41
N GLU B 35 -40.97 5.71 11.85
CA GLU B 35 -40.57 6.94 12.54
C GLU B 35 -39.83 6.58 13.83
N ASN B 36 -38.81 5.73 13.68
CA ASN B 36 -38.00 5.25 14.80
C ASN B 36 -38.84 4.62 15.91
N ASN B 37 -40.12 4.38 15.62
CA ASN B 37 -41.01 3.74 16.56
C ASN B 37 -41.21 2.31 16.11
N ILE B 38 -41.02 1.36 17.02
CA ILE B 38 -41.22 -0.03 16.67
C ILE B 38 -42.66 -0.40 16.91
N LEU B 39 -43.37 -0.68 15.84
CA LEU B 39 -44.77 -1.05 15.93
C LEU B 39 -44.96 -2.54 15.68
N VAL B 40 -46.01 -3.09 16.28
CA VAL B 40 -46.34 -4.51 16.08
C VAL B 40 -47.61 -4.54 15.22
N PHE B 41 -47.63 -5.43 14.24
CA PHE B 41 -48.77 -5.53 13.33
C PHE B 41 -49.50 -6.87 13.40
N ASN B 42 -50.82 -6.81 13.26
CA ASN B 42 -51.62 -8.01 13.22
C ASN B 42 -51.71 -8.27 11.73
N ALA B 43 -51.20 -9.41 11.28
CA ALA B 43 -51.21 -9.75 9.86
C ALA B 43 -52.59 -9.83 9.23
N GLU B 44 -53.51 -10.50 9.91
CA GLU B 44 -54.87 -10.71 9.40
C GLU B 44 -55.73 -9.47 9.16
N TYR B 45 -55.53 -8.41 9.94
CA TYR B 45 -56.33 -7.19 9.78
C TYR B 45 -55.54 -5.92 9.45
N GLY B 46 -54.24 -5.94 9.72
CA GLY B 46 -53.42 -4.78 9.42
C GLY B 46 -53.37 -3.74 10.52
N ASN B 47 -54.19 -3.90 11.56
CA ASN B 47 -54.16 -2.93 12.66
C ASN B 47 -52.84 -3.11 13.42
N SER B 48 -52.44 -2.08 14.15
CA SER B 48 -51.18 -2.18 14.88
C SER B 48 -51.20 -1.49 16.25
N SER B 49 -50.03 -1.45 16.87
CA SER B 49 -49.84 -0.83 18.17
C SER B 49 -48.37 -0.50 18.31
N VAL B 50 -48.04 0.35 19.28
CA VAL B 50 -46.65 0.71 19.48
C VAL B 50 -46.06 -0.35 20.39
N PHE B 51 -45.03 -1.04 19.89
CA PHE B 51 -44.39 -2.10 20.64
C PHE B 51 -43.29 -1.49 21.51
N LEU B 52 -42.59 -0.52 20.95
CA LEU B 52 -41.53 0.15 21.69
C LEU B 52 -41.43 1.59 21.23
N GLU B 53 -41.83 2.49 22.12
CA GLU B 53 -41.79 3.93 21.86
C GLU B 53 -40.37 4.39 21.51
N ASN B 54 -40.26 5.20 20.46
CA ASN B 54 -38.95 5.69 20.03
C ASN B 54 -38.15 6.38 21.15
N SER B 55 -38.85 7.00 22.09
CA SER B 55 -38.21 7.71 23.20
C SER B 55 -37.92 6.82 24.41
N THR B 56 -37.91 5.51 24.19
CA THR B 56 -37.67 4.60 25.29
C THR B 56 -36.21 4.59 25.74
N PHE B 57 -35.30 4.74 24.77
CA PHE B 57 -33.87 4.73 25.10
C PHE B 57 -33.11 6.05 24.84
N ASP B 58 -33.70 7.17 25.24
CA ASP B 58 -33.06 8.48 25.08
C ASP B 58 -31.95 8.61 26.11
N GLU B 59 -32.25 8.22 27.34
CA GLU B 59 -31.28 8.29 28.41
C GLU B 59 -30.33 7.11 28.40
N PHE B 60 -30.35 6.35 27.31
CA PHE B 60 -29.48 5.18 27.19
C PHE B 60 -28.02 5.62 27.11
N GLY B 61 -27.80 6.85 26.65
CA GLY B 61 -26.46 7.37 26.55
C GLY B 61 -25.64 6.72 25.46
N HIS B 62 -26.32 6.07 24.51
CA HIS B 62 -25.66 5.40 23.40
C HIS B 62 -26.61 5.28 22.21
N SER B 63 -26.05 5.37 21.01
CA SER B 63 -26.87 5.24 19.81
C SER B 63 -27.06 3.75 19.50
N ILE B 64 -28.30 3.26 19.62
CA ILE B 64 -28.58 1.85 19.38
C ILE B 64 -28.57 1.48 17.89
N ASN B 65 -27.66 0.56 17.54
CA ASN B 65 -27.50 0.11 16.16
C ASN B 65 -28.53 -0.88 15.65
N ASP B 66 -29.06 -1.70 16.55
CA ASP B 66 -30.04 -2.72 16.19
C ASP B 66 -30.62 -3.34 17.46
N TYR B 67 -31.73 -4.03 17.33
CA TYR B 67 -32.38 -4.66 18.48
C TYR B 67 -32.75 -6.08 18.11
N SER B 68 -33.14 -6.87 19.09
CA SER B 68 -33.52 -8.25 18.84
C SER B 68 -34.41 -8.77 19.98
N ILE B 69 -35.64 -9.10 19.66
CA ILE B 69 -36.56 -9.60 20.67
C ILE B 69 -36.45 -11.09 20.90
N SER B 70 -36.40 -11.47 22.17
CA SER B 70 -36.31 -12.87 22.52
C SER B 70 -37.57 -13.54 21.99
N PRO B 71 -37.46 -14.80 21.59
CA PRO B 71 -38.63 -15.51 21.06
C PRO B 71 -39.91 -15.33 21.87
N ASP B 72 -39.83 -15.49 23.18
CA ASP B 72 -41.02 -15.37 24.02
C ASP B 72 -41.51 -13.96 24.26
N GLY B 73 -40.93 -12.99 23.56
CA GLY B 73 -41.34 -11.61 23.74
C GLY B 73 -41.03 -10.98 25.08
N GLN B 74 -40.40 -11.71 26.00
CA GLN B 74 -40.08 -11.17 27.32
C GLN B 74 -38.89 -10.22 27.44
N PHE B 75 -37.96 -10.27 26.50
CA PHE B 75 -36.79 -9.40 26.56
C PHE B 75 -36.39 -8.88 25.18
N ILE B 76 -35.60 -7.82 25.18
CA ILE B 76 -35.12 -7.26 23.93
C ILE B 76 -33.62 -7.00 24.04
N LEU B 77 -32.89 -7.51 23.06
CA LEU B 77 -31.45 -7.39 23.00
C LEU B 77 -31.10 -6.09 22.27
N LEU B 78 -30.39 -5.19 22.94
CA LEU B 78 -30.01 -3.91 22.36
C LEU B 78 -28.56 -3.93 21.95
N GLU B 79 -28.32 -3.68 20.68
CA GLU B 79 -26.97 -3.73 20.16
C GLU B 79 -26.40 -2.33 19.87
N TYR B 80 -25.25 -2.02 20.48
CA TYR B 80 -24.61 -0.73 20.22
C TYR B 80 -23.09 -0.87 20.11
N ASN B 81 -22.40 0.25 19.87
CA ASN B 81 -20.94 0.26 19.71
C ASN B 81 -20.58 -0.70 18.57
N TYR B 82 -21.38 -0.69 17.51
CA TYR B 82 -21.14 -1.55 16.37
C TYR B 82 -19.79 -1.30 15.72
N VAL B 83 -19.02 -2.37 15.54
CA VAL B 83 -17.72 -2.26 14.90
C VAL B 83 -17.57 -3.34 13.83
N LYS B 84 -17.78 -2.95 12.57
CA LYS B 84 -17.68 -3.88 11.45
C LYS B 84 -16.34 -4.60 11.33
N GLN B 85 -16.38 -5.86 10.93
CA GLN B 85 -15.16 -6.60 10.71
C GLN B 85 -15.13 -7.01 9.23
N TRP B 86 -15.42 -8.27 8.92
CA TRP B 86 -15.39 -8.70 7.52
C TRP B 86 -16.79 -8.53 6.89
N ARG B 87 -17.17 -9.43 5.98
CA ARG B 87 -18.47 -9.29 5.33
C ARG B 87 -19.67 -9.42 6.28
N HIS B 88 -19.59 -10.38 7.20
CA HIS B 88 -20.70 -10.62 8.12
C HIS B 88 -20.35 -10.39 9.58
N SER B 89 -19.08 -10.58 9.93
CA SER B 89 -18.62 -10.43 11.31
C SER B 89 -18.51 -8.97 11.73
N TYR B 90 -18.66 -8.74 13.03
CA TYR B 90 -18.54 -7.43 13.64
C TYR B 90 -18.53 -7.58 15.16
N THR B 91 -18.12 -6.54 15.86
CA THR B 91 -18.13 -6.59 17.33
C THR B 91 -19.06 -5.50 17.84
N ALA B 92 -19.61 -5.71 19.03
CA ALA B 92 -20.52 -4.74 19.57
C ALA B 92 -20.74 -4.94 21.06
N SER B 93 -21.42 -3.98 21.67
CA SER B 93 -21.79 -4.04 23.08
C SER B 93 -23.28 -4.38 23.08
N TYR B 94 -23.76 -4.91 24.19
CA TYR B 94 -25.16 -5.27 24.27
C TYR B 94 -25.74 -5.06 25.64
N ASP B 95 -27.02 -4.77 25.66
CA ASP B 95 -27.72 -4.62 26.91
C ASP B 95 -29.02 -5.33 26.71
N ILE B 96 -29.56 -5.88 27.78
CA ILE B 96 -30.82 -6.56 27.67
C ILE B 96 -31.82 -5.72 28.41
N TYR B 97 -32.97 -5.52 27.78
CA TYR B 97 -34.05 -4.75 28.37
C TYR B 97 -35.22 -5.69 28.68
N ASP B 98 -35.67 -5.65 29.93
CA ASP B 98 -36.78 -6.47 30.41
C ASP B 98 -38.08 -5.73 30.03
N LEU B 99 -38.79 -6.25 29.02
CA LEU B 99 -40.03 -5.62 28.56
C LEU B 99 -41.13 -5.64 29.60
N ASN B 100 -41.12 -6.68 30.43
CA ASN B 100 -42.14 -6.82 31.47
C ASN B 100 -42.02 -5.71 32.50
N LYS B 101 -40.89 -5.70 33.21
CA LYS B 101 -40.61 -4.71 34.24
C LYS B 101 -40.22 -3.35 33.67
N ARG B 102 -40.03 -3.30 32.36
CA ARG B 102 -39.64 -2.07 31.68
C ARG B 102 -38.37 -1.47 32.28
N GLN B 103 -37.42 -2.34 32.63
CA GLN B 103 -36.14 -1.93 33.19
C GLN B 103 -35.02 -2.51 32.33
N LEU B 104 -33.84 -1.93 32.45
CA LEU B 104 -32.67 -2.35 31.71
C LEU B 104 -31.83 -3.20 32.68
N ILE B 105 -31.52 -4.42 32.30
CA ILE B 105 -30.74 -5.28 33.17
C ILE B 105 -29.34 -4.70 33.37
N THR B 106 -28.93 -4.59 34.63
CA THR B 106 -27.63 -4.02 34.95
C THR B 106 -26.70 -5.00 35.63
N GLU B 107 -27.16 -6.23 35.80
CA GLU B 107 -26.35 -7.26 36.45
C GLU B 107 -25.90 -8.36 35.47
N GLU B 108 -24.69 -8.87 35.68
CA GLU B 108 -24.15 -9.92 34.84
C GLU B 108 -24.37 -9.57 33.38
N ARG B 109 -23.96 -8.37 33.02
CA ARG B 109 -24.10 -7.86 31.67
C ARG B 109 -23.22 -8.60 30.66
N ILE B 110 -23.70 -8.65 29.44
CA ILE B 110 -22.98 -9.27 28.35
C ILE B 110 -21.72 -8.46 28.23
N PRO B 111 -20.56 -9.11 28.14
CA PRO B 111 -19.26 -8.44 28.04
C PRO B 111 -19.18 -7.50 26.85
N ASN B 112 -18.26 -6.54 26.93
CA ASN B 112 -18.07 -5.62 25.82
C ASN B 112 -17.14 -6.40 24.90
N ASN B 113 -17.25 -6.13 23.61
CA ASN B 113 -16.44 -6.82 22.61
C ASN B 113 -16.96 -8.23 22.37
N THR B 114 -18.27 -8.41 22.47
CA THR B 114 -18.85 -9.71 22.22
C THR B 114 -18.89 -9.86 20.71
N GLN B 115 -18.43 -11.00 20.26
CA GLN B 115 -18.29 -11.31 18.85
C GLN B 115 -19.56 -11.79 18.18
N TRP B 116 -20.45 -12.35 18.99
CA TRP B 116 -21.71 -12.84 18.48
C TRP B 116 -22.60 -13.26 19.62
N VAL B 117 -23.90 -13.02 19.42
CA VAL B 117 -24.89 -13.36 20.43
C VAL B 117 -26.18 -13.72 19.74
N THR B 118 -26.86 -14.73 20.28
CA THR B 118 -28.12 -15.17 19.70
C THR B 118 -29.05 -15.79 20.74
N TRP B 119 -30.31 -15.39 20.71
CA TRP B 119 -31.33 -15.93 21.60
C TRP B 119 -31.52 -17.40 21.23
N SER B 120 -32.06 -18.19 22.16
CA SER B 120 -32.37 -19.58 21.84
C SER B 120 -33.63 -19.48 20.96
N PRO B 121 -33.91 -20.50 20.15
CA PRO B 121 -35.09 -20.45 19.26
C PRO B 121 -36.44 -20.30 19.97
N VAL B 122 -36.48 -20.71 21.22
CA VAL B 122 -37.68 -20.62 22.04
C VAL B 122 -37.23 -20.10 23.40
N GLY B 123 -38.13 -19.44 24.11
CA GLY B 123 -37.80 -18.91 25.42
C GLY B 123 -36.95 -17.67 25.32
N HIS B 124 -35.96 -17.57 26.22
CA HIS B 124 -35.07 -16.41 26.25
C HIS B 124 -33.65 -16.75 26.70
N LYS B 125 -33.21 -17.96 26.35
CA LYS B 125 -31.84 -18.37 26.67
C LYS B 125 -30.93 -17.56 25.74
N LEU B 126 -29.71 -17.33 26.18
CA LEU B 126 -28.74 -16.57 25.41
C LEU B 126 -27.43 -17.31 25.29
N ALA B 127 -26.86 -17.28 24.09
CA ALA B 127 -25.56 -17.90 23.87
C ALA B 127 -24.73 -16.82 23.20
N TYR B 128 -23.48 -16.66 23.62
CA TYR B 128 -22.64 -15.64 22.99
C TYR B 128 -21.19 -16.06 22.97
N VAL B 129 -20.43 -15.37 22.15
CA VAL B 129 -19.01 -15.65 21.98
C VAL B 129 -18.21 -14.39 22.38
N TRP B 130 -17.23 -14.59 23.25
CA TRP B 130 -16.39 -13.51 23.74
C TRP B 130 -14.98 -14.06 23.90
N ASN B 131 -14.03 -13.35 23.31
CA ASN B 131 -12.65 -13.80 23.33
C ASN B 131 -12.55 -15.22 22.79
N ASN B 132 -13.29 -15.49 21.72
CA ASN B 132 -13.28 -16.79 21.04
C ASN B 132 -13.82 -18.03 21.80
N ASP B 133 -14.52 -17.79 22.90
CA ASP B 133 -15.09 -18.86 23.70
C ASP B 133 -16.60 -18.69 23.79
N ILE B 134 -17.30 -19.82 23.94
CA ILE B 134 -18.76 -19.81 24.02
C ILE B 134 -19.25 -19.72 25.46
N TYR B 135 -20.29 -18.91 25.66
CA TYR B 135 -20.91 -18.73 26.96
C TYR B 135 -22.43 -18.83 26.79
N VAL B 136 -23.11 -19.33 27.82
CA VAL B 136 -24.56 -19.46 27.80
C VAL B 136 -25.18 -18.84 29.05
N LYS B 137 -26.30 -18.15 28.87
CA LYS B 137 -27.02 -17.55 30.00
C LYS B 137 -28.41 -18.14 29.94
N ILE B 138 -28.82 -18.80 31.01
CA ILE B 138 -30.16 -19.38 31.07
C ILE B 138 -31.16 -18.25 31.33
N GLU B 139 -30.76 -17.26 32.14
CA GLU B 139 -31.61 -16.11 32.45
C GLU B 139 -30.79 -14.84 32.23
N PRO B 140 -31.39 -13.81 31.59
CA PRO B 140 -30.72 -12.53 31.30
C PRO B 140 -29.95 -11.89 32.45
N ASN B 141 -30.44 -12.02 33.68
CA ASN B 141 -29.76 -11.38 34.82
C ASN B 141 -28.87 -12.29 35.67
N LEU B 142 -28.73 -13.55 35.27
CA LEU B 142 -27.91 -14.49 36.02
C LEU B 142 -26.54 -14.74 35.37
N PRO B 143 -25.60 -15.31 36.13
CA PRO B 143 -24.24 -15.59 35.62
C PRO B 143 -24.21 -16.55 34.45
N SER B 144 -23.27 -16.31 33.54
CA SER B 144 -23.09 -17.14 32.38
C SER B 144 -22.35 -18.42 32.71
N TYR B 145 -22.58 -19.46 31.91
CA TYR B 145 -21.87 -20.73 32.05
C TYR B 145 -20.87 -20.75 30.89
N ARG B 146 -19.60 -20.94 31.21
CA ARG B 146 -18.60 -20.98 30.17
C ARG B 146 -18.68 -22.38 29.57
N ILE B 147 -18.61 -22.46 28.24
CA ILE B 147 -18.69 -23.72 27.51
C ILE B 147 -17.32 -24.22 27.00
N THR B 148 -16.45 -23.27 26.61
CA THR B 148 -15.12 -23.59 26.09
C THR B 148 -14.03 -22.76 26.78
N TRP B 149 -12.82 -23.30 26.80
CA TRP B 149 -11.68 -22.61 27.42
C TRP B 149 -10.51 -22.56 26.44
N THR B 150 -10.67 -23.16 25.26
CA THR B 150 -9.60 -23.17 24.27
C THR B 150 -9.50 -21.91 23.41
N GLY B 151 -10.50 -21.04 23.47
CA GLY B 151 -10.49 -19.81 22.68
C GLY B 151 -9.14 -19.13 22.65
N LYS B 152 -8.71 -18.72 21.46
CA LYS B 152 -7.43 -18.06 21.32
C LYS B 152 -7.41 -17.26 20.02
N GLU B 153 -7.35 -15.95 20.18
CA GLU B 153 -7.32 -14.99 19.08
C GLU B 153 -6.51 -15.46 17.86
N ASP B 154 -7.14 -15.42 16.68
CA ASP B 154 -6.52 -15.84 15.43
C ASP B 154 -6.04 -17.28 15.43
N ILE B 155 -6.37 -18.05 16.47
CA ILE B 155 -5.91 -19.45 16.50
C ILE B 155 -7.03 -20.46 16.67
N ILE B 156 -7.76 -20.36 17.78
CA ILE B 156 -8.86 -21.26 18.04
C ILE B 156 -10.14 -20.44 18.09
N TYR B 157 -11.09 -20.78 17.21
CA TYR B 157 -12.38 -20.11 17.15
C TYR B 157 -13.51 -21.06 17.57
N ASN B 158 -14.15 -20.79 18.70
CA ASN B 158 -15.25 -21.63 19.17
C ASN B 158 -16.57 -20.88 18.94
N GLY B 159 -17.48 -21.49 18.20
CA GLY B 159 -18.77 -20.86 17.98
C GLY B 159 -18.79 -19.73 16.98
N ILE B 160 -17.64 -19.39 16.42
CA ILE B 160 -17.56 -18.35 15.40
C ILE B 160 -16.61 -18.84 14.32
N THR B 161 -16.77 -18.32 13.12
CA THR B 161 -15.92 -18.75 12.00
C THR B 161 -14.62 -17.96 11.87
N ASP B 162 -13.62 -18.54 11.22
CA ASP B 162 -12.37 -17.84 10.95
C ASP B 162 -12.68 -17.08 9.64
N TRP B 163 -11.71 -16.38 9.06
CA TRP B 163 -11.99 -15.61 7.85
C TRP B 163 -12.58 -16.39 6.68
N VAL B 164 -11.92 -17.47 6.28
CA VAL B 164 -12.37 -18.22 5.13
C VAL B 164 -13.69 -18.97 5.32
N TYR B 165 -14.00 -19.41 6.55
CA TYR B 165 -15.26 -20.11 6.78
C TYR B 165 -16.40 -19.08 6.78
N GLU B 166 -16.13 -17.86 7.25
CA GLU B 166 -17.15 -16.83 7.26
C GLU B 166 -17.49 -16.42 5.81
N GLU B 167 -16.47 -16.13 5.02
CA GLU B 167 -16.66 -15.68 3.66
C GLU B 167 -17.14 -16.73 2.66
N GLU B 168 -16.45 -17.88 2.60
CA GLU B 168 -16.74 -18.92 1.62
C GLU B 168 -17.55 -20.18 1.98
N VAL B 169 -17.83 -20.40 3.26
CA VAL B 169 -18.56 -21.60 3.62
C VAL B 169 -19.91 -21.33 4.26
N PHE B 170 -19.94 -20.60 5.36
CA PHE B 170 -21.19 -20.32 6.05
C PHE B 170 -21.82 -18.97 5.77
N SER B 171 -21.15 -18.09 5.01
CA SER B 171 -21.71 -16.76 4.73
C SER B 171 -22.22 -16.15 6.01
N ALA B 172 -21.54 -16.44 7.12
CA ALA B 172 -21.93 -15.91 8.40
C ALA B 172 -20.77 -15.99 9.35
N TYR B 173 -20.90 -15.28 10.46
CA TYR B 173 -19.87 -15.25 11.46
C TYR B 173 -20.13 -16.30 12.51
N SER B 174 -21.39 -16.54 12.81
CA SER B 174 -21.70 -17.50 13.84
C SER B 174 -21.50 -18.94 13.42
N ALA B 175 -21.05 -19.74 14.37
CA ALA B 175 -20.81 -21.16 14.16
C ALA B 175 -21.41 -21.91 15.34
N LEU B 176 -22.65 -21.56 15.68
CA LEU B 176 -23.33 -22.26 16.74
C LEU B 176 -24.78 -22.40 16.32
N TRP B 177 -25.40 -23.51 16.72
CA TRP B 177 -26.75 -23.79 16.32
C TRP B 177 -27.59 -24.38 17.43
N TRP B 178 -28.60 -23.63 17.86
CA TRP B 178 -29.48 -24.10 18.91
C TRP B 178 -30.43 -25.19 18.37
N SER B 179 -30.69 -26.22 19.17
CA SER B 179 -31.62 -27.26 18.74
C SER B 179 -32.98 -26.56 18.76
N PRO B 180 -33.98 -27.09 18.03
CA PRO B 180 -35.32 -26.48 17.97
C PRO B 180 -35.97 -25.92 19.24
N ASN B 181 -36.00 -26.69 20.33
CA ASN B 181 -36.62 -26.17 21.54
C ASN B 181 -35.59 -25.58 22.53
N GLY B 182 -34.35 -25.46 22.06
CA GLY B 182 -33.28 -24.88 22.87
C GLY B 182 -32.54 -25.73 23.87
N THR B 183 -32.85 -27.02 23.97
CA THR B 183 -32.16 -27.88 24.92
C THR B 183 -30.68 -28.04 24.60
N PHE B 184 -30.37 -28.33 23.34
CA PHE B 184 -28.97 -28.52 22.95
C PHE B 184 -28.40 -27.30 22.24
N LEU B 185 -27.09 -27.15 22.33
CA LEU B 185 -26.38 -26.09 21.64
C LEU B 185 -25.26 -26.80 20.88
N ALA B 186 -25.32 -26.74 19.55
CA ALA B 186 -24.29 -27.36 18.75
C ALA B 186 -23.33 -26.25 18.31
N TYR B 187 -22.08 -26.60 18.04
CA TYR B 187 -21.14 -25.59 17.60
C TYR B 187 -19.90 -26.15 16.93
N ALA B 188 -19.24 -25.31 16.17
CA ALA B 188 -18.03 -25.67 15.45
C ALA B 188 -16.81 -25.02 16.10
N GLN B 189 -15.66 -25.66 15.95
CA GLN B 189 -14.41 -25.15 16.50
C GLN B 189 -13.40 -25.18 15.38
N PHE B 190 -12.83 -24.03 15.08
CA PHE B 190 -11.85 -23.94 14.00
C PHE B 190 -10.48 -23.70 14.59
N ASN B 191 -9.50 -24.40 14.02
CA ASN B 191 -8.12 -24.32 14.46
C ASN B 191 -7.31 -23.78 13.27
N ASP B 192 -6.71 -22.59 13.42
CA ASP B 192 -5.95 -21.99 12.32
C ASP B 192 -4.49 -21.90 12.66
N THR B 193 -4.08 -22.69 13.64
CA THR B 193 -2.70 -22.69 14.10
C THR B 193 -1.66 -22.65 13.00
N GLU B 194 -1.87 -23.44 11.95
CA GLU B 194 -0.90 -23.50 10.86
C GLU B 194 -1.28 -22.75 9.58
N VAL B 195 -2.35 -21.97 9.66
CA VAL B 195 -2.78 -21.19 8.52
C VAL B 195 -1.94 -19.92 8.34
N PRO B 196 -1.38 -19.71 7.13
CA PRO B 196 -0.56 -18.53 6.87
C PRO B 196 -1.40 -17.26 7.03
N LEU B 197 -0.72 -16.16 7.32
CA LEU B 197 -1.39 -14.88 7.54
C LEU B 197 -1.19 -13.89 6.41
N ILE B 198 -2.27 -13.19 6.07
CA ILE B 198 -2.15 -12.16 5.07
C ILE B 198 -1.82 -10.96 5.98
N GLU B 199 -0.92 -10.11 5.53
CA GLU B 199 -0.54 -8.95 6.32
C GLU B 199 -0.57 -7.74 5.42
N TYR B 200 -1.19 -6.68 5.91
CA TYR B 200 -1.24 -5.43 5.17
C TYR B 200 -1.35 -4.27 6.15
N SER B 201 -0.95 -3.10 5.71
CA SER B 201 -0.98 -1.90 6.55
C SER B 201 -2.38 -1.32 6.57
N PHE B 202 -2.72 -0.71 7.70
CA PHE B 202 -3.97 0.00 7.89
C PHE B 202 -3.45 1.31 8.47
N TYR B 203 -3.70 2.41 7.77
CA TYR B 203 -3.18 3.69 8.20
C TYR B 203 -4.00 4.42 9.24
N SER B 204 -5.31 4.16 9.26
CA SER B 204 -6.19 4.78 10.24
C SER B 204 -6.22 6.30 10.14
N ASP B 205 -6.68 6.93 11.21
CA ASP B 205 -6.72 8.37 11.29
C ASP B 205 -5.34 8.98 11.10
N GLU B 206 -5.31 10.22 10.66
CA GLU B 206 -4.09 10.96 10.44
C GLU B 206 -3.28 11.03 11.76
N SER B 207 -3.98 10.96 12.89
CA SER B 207 -3.32 11.03 14.20
C SER B 207 -2.43 9.84 14.55
N LEU B 208 -2.63 8.69 13.89
CA LEU B 208 -1.80 7.52 14.20
C LEU B 208 -0.41 7.74 13.61
N GLN B 209 0.62 7.77 14.46
CA GLN B 209 1.97 8.03 13.97
C GLN B 209 2.57 6.91 13.12
N TYR B 210 2.47 5.67 13.61
CA TYR B 210 2.98 4.50 12.90
C TYR B 210 1.83 3.67 12.32
N PRO B 211 1.92 3.29 11.03
CA PRO B 211 0.84 2.50 10.45
C PRO B 211 0.67 1.20 11.23
N LYS B 212 -0.53 0.66 11.21
CA LYS B 212 -0.82 -0.59 11.89
C LYS B 212 -0.78 -1.75 10.86
N THR B 213 -0.26 -2.90 11.28
CA THR B 213 -0.21 -4.05 10.38
C THR B 213 -1.31 -5.02 10.75
N VAL B 214 -2.29 -5.16 9.86
CA VAL B 214 -3.39 -6.06 10.10
C VAL B 214 -2.94 -7.47 9.68
N ARG B 215 -3.11 -8.42 10.59
CA ARG B 215 -2.69 -9.80 10.34
C ARG B 215 -3.87 -10.74 10.52
N VAL B 216 -4.20 -11.51 9.49
CA VAL B 216 -5.31 -12.44 9.60
C VAL B 216 -5.08 -13.79 8.94
N PRO B 217 -5.41 -14.87 9.66
CA PRO B 217 -5.27 -16.24 9.16
C PRO B 217 -6.13 -16.30 7.90
N TYR B 218 -5.49 -16.58 6.78
CA TYR B 218 -6.15 -16.61 5.50
C TYR B 218 -5.43 -17.62 4.61
N PRO B 219 -6.09 -18.72 4.28
CA PRO B 219 -5.42 -19.70 3.44
C PRO B 219 -5.55 -19.43 1.92
N LYS B 220 -4.44 -19.09 1.26
CA LYS B 220 -4.47 -18.88 -0.18
C LYS B 220 -4.54 -20.26 -0.86
N ALA B 221 -4.70 -20.30 -2.18
CA ALA B 221 -4.82 -21.56 -2.89
C ALA B 221 -3.66 -22.52 -2.65
N GLY B 222 -4.01 -23.75 -2.28
CA GLY B 222 -3.02 -24.78 -2.03
C GLY B 222 -2.31 -24.70 -0.70
N ALA B 223 -2.67 -23.72 0.14
CA ALA B 223 -2.02 -23.55 1.45
C ALA B 223 -2.72 -24.35 2.55
N VAL B 224 -2.10 -24.39 3.73
CA VAL B 224 -2.66 -25.12 4.87
C VAL B 224 -3.98 -24.51 5.35
N ASN B 225 -5.05 -25.30 5.32
CA ASN B 225 -6.36 -24.85 5.74
C ASN B 225 -6.59 -25.05 7.22
N PRO B 226 -7.63 -24.40 7.75
CA PRO B 226 -7.95 -24.54 9.16
C PRO B 226 -8.58 -25.93 9.28
N THR B 227 -8.50 -26.53 10.46
CA THR B 227 -9.13 -27.84 10.64
C THR B 227 -10.33 -27.51 11.48
N VAL B 228 -11.30 -28.40 11.53
CA VAL B 228 -12.53 -28.16 12.26
C VAL B 228 -12.99 -29.35 13.08
N LYS B 229 -13.79 -29.04 14.09
CA LYS B 229 -14.38 -30.06 14.96
C LYS B 229 -15.79 -29.59 15.31
N PHE B 230 -16.67 -30.55 15.58
CA PHE B 230 -18.06 -30.25 15.89
C PHE B 230 -18.45 -30.83 17.24
N PHE B 231 -19.21 -30.06 18.01
CA PHE B 231 -19.64 -30.51 19.32
C PHE B 231 -21.09 -30.15 19.60
N VAL B 232 -21.68 -30.82 20.59
CA VAL B 232 -23.03 -30.55 21.02
C VAL B 232 -23.03 -30.59 22.54
N VAL B 233 -23.57 -29.56 23.20
CA VAL B 233 -23.65 -29.53 24.66
C VAL B 233 -25.11 -29.43 25.08
N ASN B 234 -25.47 -30.10 26.16
CA ASN B 234 -26.85 -30.09 26.67
C ASN B 234 -26.95 -28.92 27.64
N THR B 235 -27.53 -27.80 27.19
CA THR B 235 -27.63 -26.62 28.04
C THR B 235 -28.56 -26.78 29.22
N ASP B 236 -29.52 -27.71 29.13
CA ASP B 236 -30.45 -27.94 30.23
C ASP B 236 -29.73 -28.50 31.45
N SER B 237 -28.50 -28.98 31.27
CA SER B 237 -27.78 -29.54 32.41
C SER B 237 -26.76 -28.58 33.01
N LEU B 238 -26.61 -27.42 32.41
CA LEU B 238 -25.64 -26.44 32.88
C LEU B 238 -25.79 -26.08 34.36
N SER B 239 -27.01 -25.99 34.86
CA SER B 239 -27.17 -25.60 36.25
C SER B 239 -27.09 -26.75 37.23
N SER B 240 -26.84 -27.96 36.72
CA SER B 240 -26.75 -29.15 37.56
C SER B 240 -25.37 -29.79 37.67
N VAL B 241 -24.46 -29.40 36.77
CA VAL B 241 -23.11 -29.94 36.80
C VAL B 241 -22.13 -28.77 36.74
N THR B 242 -20.96 -28.93 37.35
CA THR B 242 -20.00 -27.83 37.36
C THR B 242 -19.49 -27.48 35.97
N ASN B 243 -19.33 -28.49 35.13
CA ASN B 243 -18.78 -28.28 33.80
C ASN B 243 -19.42 -29.20 32.75
N ALA B 244 -20.48 -28.72 32.13
CA ALA B 244 -21.19 -29.52 31.10
C ALA B 244 -20.26 -30.04 30.01
N THR B 245 -20.47 -31.30 29.64
CA THR B 245 -19.65 -32.00 28.65
C THR B 245 -20.07 -31.71 27.20
N SER B 246 -19.13 -31.25 26.39
CA SER B 246 -19.38 -30.98 24.98
C SER B 246 -19.11 -32.30 24.25
N ILE B 247 -20.16 -32.96 23.76
CA ILE B 247 -19.96 -34.21 23.05
C ILE B 247 -19.55 -33.93 21.63
N GLN B 248 -18.46 -34.55 21.19
CA GLN B 248 -17.99 -34.32 19.84
C GLN B 248 -18.61 -35.31 18.88
N ILE B 249 -18.89 -34.85 17.67
CA ILE B 249 -19.42 -35.72 16.64
C ILE B 249 -18.34 -35.69 15.57
N THR B 250 -17.63 -36.80 15.41
CA THR B 250 -16.56 -36.85 14.43
C THR B 250 -17.03 -37.00 12.98
N ALA B 251 -16.25 -36.43 12.07
CA ALA B 251 -16.57 -36.50 10.65
C ALA B 251 -16.46 -37.95 10.20
N PRO B 252 -17.09 -38.31 9.08
CA PRO B 252 -17.03 -39.69 8.57
C PRO B 252 -15.65 -40.06 8.07
N ALA B 253 -15.34 -41.35 8.14
CA ALA B 253 -14.06 -41.88 7.68
C ALA B 253 -13.70 -41.41 6.27
N SER B 254 -14.69 -41.28 5.41
CA SER B 254 -14.46 -40.82 4.03
C SER B 254 -13.96 -39.37 3.96
N MET B 255 -14.07 -38.62 5.06
CA MET B 255 -13.61 -37.23 5.10
C MET B 255 -12.29 -37.16 5.86
N LEU B 256 -12.16 -37.95 6.92
CA LEU B 256 -10.95 -37.97 7.73
C LEU B 256 -9.68 -38.40 6.99
N ILE B 257 -9.82 -39.04 5.82
CA ILE B 257 -8.63 -39.48 5.07
C ILE B 257 -7.85 -38.29 4.53
N GLY B 258 -8.49 -37.14 4.39
CA GLY B 258 -7.79 -35.98 3.89
C GLY B 258 -8.37 -34.68 4.41
N ASP B 259 -7.93 -33.54 3.89
CA ASP B 259 -8.47 -32.27 4.33
C ASP B 259 -9.95 -32.23 3.94
N HIS B 260 -10.76 -31.61 4.78
CA HIS B 260 -12.17 -31.53 4.51
C HIS B 260 -12.72 -30.25 5.16
N TYR B 261 -14.02 -30.03 5.01
CA TYR B 261 -14.68 -28.87 5.59
C TYR B 261 -16.03 -29.27 6.19
N LEU B 262 -16.45 -28.56 7.22
CA LEU B 262 -17.79 -28.78 7.76
C LEU B 262 -18.58 -27.75 6.92
N CYS B 263 -19.54 -28.17 6.10
CA CYS B 263 -20.25 -27.19 5.28
C CYS B 263 -21.73 -26.91 5.56
N ASP B 264 -22.36 -27.71 6.42
CA ASP B 264 -23.77 -27.47 6.76
C ASP B 264 -24.16 -28.13 8.05
N VAL B 265 -24.96 -27.43 8.83
CA VAL B 265 -25.45 -27.95 10.09
C VAL B 265 -26.92 -27.58 10.08
N THR B 266 -27.76 -28.57 10.27
CA THR B 266 -29.20 -28.35 10.28
C THR B 266 -29.85 -29.38 11.21
N TRP B 267 -30.51 -28.89 12.24
CA TRP B 267 -31.21 -29.76 13.19
C TRP B 267 -32.46 -30.29 12.49
N ALA B 268 -32.84 -31.53 12.79
CA ALA B 268 -34.04 -32.14 12.20
C ALA B 268 -35.16 -32.20 13.24
N THR B 269 -34.83 -32.56 14.46
CA THR B 269 -35.79 -32.65 15.56
C THR B 269 -35.04 -32.25 16.84
N GLN B 270 -35.71 -32.37 17.98
CA GLN B 270 -35.11 -32.04 19.28
C GLN B 270 -33.94 -32.95 19.60
N GLU B 271 -33.89 -34.12 18.96
CA GLU B 271 -32.85 -35.08 19.25
C GLU B 271 -32.15 -35.67 18.05
N ARG B 272 -32.17 -34.96 16.92
CA ARG B 272 -31.56 -35.42 15.70
C ARG B 272 -30.98 -34.24 14.93
N ILE B 273 -29.70 -34.31 14.62
CA ILE B 273 -29.05 -33.23 13.89
C ILE B 273 -28.42 -33.79 12.60
N SER B 274 -28.41 -32.97 11.55
CA SER B 274 -27.80 -33.40 10.30
C SER B 274 -26.61 -32.51 10.00
N LEU B 275 -25.54 -33.12 9.51
CA LEU B 275 -24.31 -32.40 9.18
C LEU B 275 -23.82 -32.78 7.79
N GLN B 276 -23.28 -31.82 7.07
CA GLN B 276 -22.72 -32.15 5.77
C GLN B 276 -21.27 -31.74 5.76
N TRP B 277 -20.45 -32.67 5.28
CA TRP B 277 -19.02 -32.46 5.18
C TRP B 277 -18.64 -32.47 3.70
N LEU B 278 -17.63 -31.68 3.35
CA LEU B 278 -17.18 -31.55 1.98
C LEU B 278 -15.65 -31.78 1.91
N ARG B 279 -15.20 -32.63 0.99
CA ARG B 279 -13.75 -32.87 0.85
C ARG B 279 -13.07 -31.62 0.32
N ARG B 280 -11.80 -31.47 0.63
CA ARG B 280 -11.07 -30.31 0.12
C ARG B 280 -11.26 -30.26 -1.39
N ILE B 281 -11.32 -31.44 -2.04
CA ILE B 281 -11.62 -31.48 -3.46
C ILE B 281 -13.14 -31.54 -3.41
N GLN B 282 -13.75 -30.36 -3.54
CA GLN B 282 -15.18 -30.15 -3.44
C GLN B 282 -16.16 -30.82 -4.41
N ASN B 283 -15.91 -32.05 -4.79
CA ASN B 283 -16.85 -32.69 -5.71
C ASN B 283 -17.40 -33.94 -5.04
N TYR B 284 -17.30 -33.97 -3.72
CA TYR B 284 -17.77 -35.08 -2.92
C TYR B 284 -18.12 -34.59 -1.51
N SER B 285 -19.38 -34.76 -1.12
CA SER B 285 -19.84 -34.34 0.19
C SER B 285 -20.67 -35.46 0.80
N VAL B 286 -20.68 -35.52 2.12
CA VAL B 286 -21.38 -36.54 2.87
C VAL B 286 -22.26 -35.95 3.97
N MET B 287 -23.49 -36.42 4.08
CA MET B 287 -24.37 -35.96 5.14
C MET B 287 -24.58 -37.06 6.16
N ASP B 288 -24.34 -36.76 7.43
CA ASP B 288 -24.57 -37.72 8.51
C ASP B 288 -25.82 -37.20 9.21
N ILE B 289 -26.61 -38.11 9.76
CA ILE B 289 -27.82 -37.75 10.48
C ILE B 289 -27.62 -38.45 11.83
N CYS B 290 -27.53 -37.65 12.89
CA CYS B 290 -27.21 -38.20 14.19
C CYS B 290 -28.26 -38.06 15.28
N ASP B 291 -28.49 -39.14 16.02
CA ASP B 291 -29.48 -39.14 17.07
C ASP B 291 -28.85 -39.17 18.44
N TYR B 292 -29.49 -38.48 19.38
CA TYR B 292 -29.01 -38.46 20.74
C TYR B 292 -29.35 -39.82 21.38
N ASP B 293 -28.44 -40.37 22.16
CA ASP B 293 -28.67 -41.65 22.85
C ASP B 293 -28.84 -41.35 24.34
N GLU B 294 -30.09 -41.20 24.75
CA GLU B 294 -30.47 -40.86 26.11
C GLU B 294 -29.81 -41.64 27.23
N SER B 295 -29.29 -42.83 26.92
CA SER B 295 -28.67 -43.64 27.94
C SER B 295 -27.18 -43.43 28.02
N SER B 296 -26.56 -43.12 26.89
CA SER B 296 -25.12 -42.90 26.85
C SER B 296 -24.76 -41.43 26.77
N GLY B 297 -25.77 -40.59 26.60
CA GLY B 297 -25.51 -39.17 26.52
C GLY B 297 -24.59 -38.87 25.35
N ARG B 298 -24.56 -39.79 24.39
CA ARG B 298 -23.72 -39.64 23.22
C ARG B 298 -24.53 -39.40 21.94
N TRP B 299 -23.85 -39.06 20.85
CA TRP B 299 -24.52 -38.82 19.58
C TRP B 299 -24.01 -39.82 18.56
N ASN B 300 -24.92 -40.57 17.95
CA ASN B 300 -24.51 -41.56 16.97
C ASN B 300 -25.13 -41.33 15.60
N CYS B 301 -24.31 -41.46 14.57
CA CYS B 301 -24.78 -41.27 13.20
C CYS B 301 -24.73 -42.61 12.44
N LEU B 302 -25.88 -43.25 12.33
CA LEU B 302 -26.01 -44.54 11.64
C LEU B 302 -25.62 -44.41 10.17
N VAL B 303 -24.71 -45.27 9.72
CA VAL B 303 -24.28 -45.21 8.33
C VAL B 303 -25.47 -45.45 7.40
N ALA B 304 -26.47 -46.16 7.89
CA ALA B 304 -27.66 -46.42 7.09
C ALA B 304 -28.38 -45.11 6.79
N ARG B 305 -28.05 -44.05 7.53
CA ARG B 305 -28.69 -42.74 7.35
C ARG B 305 -27.78 -41.74 6.69
N GLN B 306 -26.57 -42.17 6.35
CA GLN B 306 -25.59 -41.30 5.71
C GLN B 306 -25.98 -41.12 4.24
N HIS B 307 -25.81 -39.91 3.70
CA HIS B 307 -26.15 -39.66 2.29
C HIS B 307 -25.00 -39.03 1.55
N ILE B 308 -24.69 -39.61 0.38
CA ILE B 308 -23.61 -39.14 -0.46
C ILE B 308 -24.07 -38.28 -1.62
N GLU B 309 -23.32 -37.21 -1.88
CA GLU B 309 -23.64 -36.29 -2.96
C GLU B 309 -22.33 -35.95 -3.64
N MET B 310 -22.21 -36.27 -4.92
CA MET B 310 -20.97 -35.98 -5.62
C MET B 310 -21.27 -35.44 -7.00
N SER B 311 -20.24 -35.01 -7.71
CA SER B 311 -20.40 -34.50 -9.04
C SER B 311 -19.23 -34.95 -9.89
N THR B 312 -19.56 -35.26 -11.15
CA THR B 312 -18.57 -35.73 -12.12
C THR B 312 -18.17 -34.59 -13.05
N THR B 313 -19.06 -33.62 -13.22
CA THR B 313 -18.82 -32.47 -14.09
C THR B 313 -18.22 -31.23 -13.41
N GLY B 314 -18.44 -31.08 -12.10
CA GLY B 314 -17.91 -29.93 -11.40
C GLY B 314 -17.81 -30.13 -9.89
N TRP B 315 -18.14 -29.08 -9.16
CA TRP B 315 -18.12 -29.10 -7.70
C TRP B 315 -19.53 -29.48 -7.23
N VAL B 316 -19.75 -29.54 -5.93
CA VAL B 316 -21.06 -29.87 -5.41
C VAL B 316 -21.79 -28.64 -4.93
N GLY B 317 -23.02 -28.46 -5.42
CA GLY B 317 -23.82 -27.31 -5.02
C GLY B 317 -23.51 -26.10 -5.88
N ARG B 318 -24.29 -25.02 -5.75
CA ARG B 318 -24.00 -23.84 -6.55
C ARG B 318 -22.72 -23.25 -6.01
N PHE B 319 -22.67 -23.07 -4.69
CA PHE B 319 -21.50 -22.54 -4.00
C PHE B 319 -21.12 -23.47 -2.87
N ARG B 320 -21.99 -24.45 -2.62
CA ARG B 320 -21.77 -25.44 -1.55
C ARG B 320 -23.01 -26.36 -1.49
N PRO B 321 -22.84 -27.57 -0.94
CA PRO B 321 -23.98 -28.50 -0.84
C PRO B 321 -25.14 -27.77 -0.17
N SER B 322 -26.34 -27.96 -0.72
CA SER B 322 -27.56 -27.29 -0.23
C SER B 322 -28.08 -27.80 1.13
N GLU B 323 -28.95 -27.01 1.74
CA GLU B 323 -29.47 -27.39 3.03
C GLU B 323 -30.74 -28.24 2.95
N PRO B 324 -30.87 -29.18 3.87
CA PRO B 324 -32.05 -30.05 3.88
C PRO B 324 -33.16 -29.40 4.68
N HIS B 325 -34.40 -29.74 4.36
CA HIS B 325 -35.55 -29.22 5.08
C HIS B 325 -36.29 -30.47 5.53
N PHE B 326 -36.29 -30.74 6.82
CA PHE B 326 -36.92 -31.92 7.37
C PHE B 326 -38.41 -31.76 7.67
N THR B 327 -39.15 -32.86 7.52
CA THR B 327 -40.57 -32.87 7.84
C THR B 327 -40.59 -32.85 9.38
N LEU B 328 -41.71 -32.44 9.96
CA LEU B 328 -41.83 -32.35 11.41
C LEU B 328 -41.24 -33.54 12.18
N ASP B 329 -41.62 -34.76 11.82
CA ASP B 329 -41.13 -35.95 12.53
C ASP B 329 -39.66 -36.27 12.28
N GLY B 330 -39.00 -35.50 11.44
CA GLY B 330 -37.59 -35.72 11.18
C GLY B 330 -37.23 -37.01 10.45
N ASN B 331 -38.23 -37.67 9.88
CA ASN B 331 -37.95 -38.91 9.18
C ASN B 331 -37.69 -38.77 7.68
N SER B 332 -37.97 -37.61 7.11
CA SER B 332 -37.69 -37.40 5.69
C SER B 332 -37.28 -35.95 5.51
N PHE B 333 -36.77 -35.60 4.33
CA PHE B 333 -36.35 -34.22 4.09
C PHE B 333 -36.26 -33.94 2.60
N TYR B 334 -36.31 -32.66 2.25
CA TYR B 334 -36.24 -32.22 0.87
C TYR B 334 -34.95 -31.45 0.72
N LYS B 335 -34.26 -31.68 -0.38
CA LYS B 335 -32.97 -31.06 -0.63
C LYS B 335 -32.87 -30.73 -2.13
N ILE B 336 -32.27 -29.59 -2.46
CA ILE B 336 -32.11 -29.24 -3.86
C ILE B 336 -30.85 -29.87 -4.35
N ILE B 337 -30.94 -30.63 -5.45
CA ILE B 337 -29.78 -31.26 -6.03
C ILE B 337 -29.96 -31.28 -7.54
N SER B 338 -28.87 -31.42 -8.28
CA SER B 338 -29.02 -31.41 -9.71
C SER B 338 -29.35 -32.81 -10.15
N ASN B 339 -30.34 -32.91 -11.03
CA ASN B 339 -30.77 -34.23 -11.50
C ASN B 339 -29.82 -34.80 -12.55
N GLU B 340 -30.25 -35.87 -13.22
CA GLU B 340 -29.44 -36.51 -14.23
C GLU B 340 -29.18 -35.60 -15.45
N GLU B 341 -30.06 -34.62 -15.65
CA GLU B 341 -29.92 -33.69 -16.76
C GLU B 341 -29.09 -32.46 -16.41
N GLY B 342 -28.70 -32.33 -15.14
CA GLY B 342 -27.90 -31.17 -14.75
C GLY B 342 -28.67 -29.99 -14.19
N TYR B 343 -29.99 -30.11 -14.00
CA TYR B 343 -30.78 -29.01 -13.44
C TYR B 343 -31.09 -29.27 -11.97
N ARG B 344 -30.95 -28.22 -11.17
CA ARG B 344 -31.19 -28.34 -9.75
C ARG B 344 -32.66 -28.35 -9.43
N HIS B 345 -33.08 -29.45 -8.80
CA HIS B 345 -34.47 -29.65 -8.45
C HIS B 345 -34.63 -30.22 -7.04
N ILE B 346 -35.86 -30.25 -6.55
CA ILE B 346 -36.09 -30.75 -5.21
C ILE B 346 -36.20 -32.26 -5.13
N CYS B 347 -35.37 -32.88 -4.31
CA CYS B 347 -35.42 -34.31 -4.15
C CYS B 347 -35.91 -34.65 -2.75
N TYR B 348 -36.86 -35.59 -2.68
CA TYR B 348 -37.45 -36.02 -1.41
C TYR B 348 -36.74 -37.26 -0.90
N PHE B 349 -36.13 -37.13 0.26
CA PHE B 349 -35.36 -38.22 0.87
C PHE B 349 -36.05 -38.83 2.10
N GLN B 350 -35.83 -40.12 2.28
CA GLN B 350 -36.31 -40.84 3.45
C GLN B 350 -34.94 -40.90 4.17
N ILE B 351 -34.86 -40.66 5.48
CA ILE B 351 -33.54 -40.63 6.09
C ILE B 351 -32.67 -41.88 6.03
N ASP B 352 -33.30 -43.05 5.87
CA ASP B 352 -32.54 -44.29 5.80
C ASP B 352 -32.65 -44.99 4.44
N LYS B 353 -32.81 -44.20 3.38
CA LYS B 353 -32.88 -44.72 2.03
C LYS B 353 -32.00 -43.82 1.19
N LYS B 354 -31.09 -44.42 0.45
CA LYS B 354 -30.17 -43.63 -0.35
C LYS B 354 -30.75 -43.07 -1.65
N ASP B 355 -31.81 -43.68 -2.17
CA ASP B 355 -32.42 -43.16 -3.40
C ASP B 355 -33.54 -42.17 -3.09
N CYS B 356 -33.42 -40.95 -3.60
CA CYS B 356 -34.46 -39.95 -3.37
C CYS B 356 -35.35 -39.84 -4.59
N THR B 357 -36.47 -39.15 -4.43
CA THR B 357 -37.44 -38.96 -5.50
C THR B 357 -37.58 -37.48 -5.87
N PHE B 358 -37.32 -37.15 -7.12
CA PHE B 358 -37.44 -35.75 -7.52
C PHE B 358 -38.89 -35.35 -7.58
N ILE B 359 -39.23 -34.23 -6.96
CA ILE B 359 -40.61 -33.80 -6.99
C ILE B 359 -40.84 -32.65 -7.98
N THR B 360 -39.76 -32.16 -8.59
CA THR B 360 -39.86 -31.12 -9.61
C THR B 360 -38.88 -31.53 -10.68
N LYS B 361 -39.06 -31.00 -11.88
CA LYS B 361 -38.17 -31.31 -13.00
C LYS B 361 -38.44 -30.32 -14.13
N GLY B 362 -37.54 -30.28 -15.09
CA GLY B 362 -37.68 -29.38 -16.21
C GLY B 362 -36.37 -28.69 -16.52
N THR B 363 -36.33 -27.99 -17.63
CA THR B 363 -35.14 -27.26 -18.04
C THR B 363 -35.17 -25.86 -17.42
N TRP B 364 -35.18 -25.83 -16.09
CA TRP B 364 -35.18 -24.60 -15.31
C TRP B 364 -34.74 -25.05 -13.93
N GLU B 365 -34.57 -24.14 -12.98
CA GLU B 365 -34.12 -24.59 -11.67
C GLU B 365 -34.82 -23.99 -10.46
N VAL B 366 -34.81 -24.76 -9.37
CA VAL B 366 -35.36 -24.32 -8.11
C VAL B 366 -34.24 -23.48 -7.45
N ILE B 367 -34.56 -22.25 -7.07
CA ILE B 367 -33.58 -21.37 -6.44
C ILE B 367 -33.44 -21.73 -4.96
N GLY B 368 -34.57 -21.93 -4.29
CA GLY B 368 -34.54 -22.27 -2.88
C GLY B 368 -35.88 -22.75 -2.35
N ILE B 369 -35.83 -23.53 -1.28
CA ILE B 369 -37.01 -24.04 -0.61
C ILE B 369 -37.24 -22.98 0.46
N GLU B 370 -38.43 -22.38 0.48
CA GLU B 370 -38.78 -21.30 1.43
C GLU B 370 -39.54 -21.71 2.71
N ALA B 371 -40.35 -22.75 2.61
CA ALA B 371 -41.11 -23.19 3.77
C ALA B 371 -41.70 -24.56 3.50
N LEU B 372 -42.00 -25.28 4.58
CA LEU B 372 -42.56 -26.62 4.48
C LEU B 372 -43.61 -26.82 5.56
N THR B 373 -44.83 -27.20 5.17
CA THR B 373 -45.90 -27.48 6.13
C THR B 373 -46.24 -28.96 5.94
N SER B 374 -47.10 -29.51 6.79
CA SER B 374 -47.47 -30.91 6.65
C SER B 374 -48.16 -31.19 5.31
N ASP B 375 -48.71 -30.16 4.69
CA ASP B 375 -49.39 -30.30 3.42
C ASP B 375 -48.69 -29.74 2.17
N TYR B 376 -47.96 -28.64 2.32
CA TYR B 376 -47.29 -28.03 1.17
C TYR B 376 -45.83 -27.62 1.32
N LEU B 377 -45.10 -27.61 0.20
CA LEU B 377 -43.72 -27.15 0.19
C LEU B 377 -43.74 -25.95 -0.76
N TYR B 378 -43.22 -24.83 -0.29
CA TYR B 378 -43.17 -23.58 -1.08
C TYR B 378 -41.74 -23.32 -1.53
N TYR B 379 -41.54 -23.01 -2.80
CA TYR B 379 -40.19 -22.76 -3.30
C TYR B 379 -40.15 -21.67 -4.36
N ILE B 380 -38.96 -21.09 -4.59
CA ILE B 380 -38.79 -20.04 -5.59
C ILE B 380 -38.05 -20.67 -6.75
N SER B 381 -38.47 -20.40 -7.99
CA SER B 381 -37.77 -20.95 -9.14
C SER B 381 -37.81 -19.95 -10.30
N ASN B 382 -37.13 -20.29 -11.38
CA ASN B 382 -37.12 -19.44 -12.57
C ASN B 382 -37.83 -20.18 -13.71
N GLU B 383 -38.85 -20.97 -13.37
CA GLU B 383 -39.56 -21.71 -14.42
C GLU B 383 -40.42 -20.81 -15.29
N TYR B 384 -41.07 -19.83 -14.68
CA TYR B 384 -41.95 -18.95 -15.43
C TYR B 384 -41.39 -18.39 -16.73
N LYS B 385 -42.10 -18.71 -17.83
CA LYS B 385 -41.76 -18.25 -19.17
C LYS B 385 -40.36 -18.61 -19.65
N GLY B 386 -39.73 -19.57 -18.98
CA GLY B 386 -38.39 -19.97 -19.36
C GLY B 386 -37.35 -18.86 -19.17
N MET B 387 -37.59 -17.99 -18.18
CA MET B 387 -36.69 -16.87 -17.90
C MET B 387 -35.80 -17.17 -16.69
N PRO B 388 -34.55 -17.58 -16.95
CA PRO B 388 -33.63 -17.90 -15.87
C PRO B 388 -33.35 -16.71 -14.98
N GLY B 389 -33.63 -15.51 -15.52
CA GLY B 389 -33.45 -14.28 -14.79
C GLY B 389 -34.68 -13.82 -14.00
N GLY B 390 -35.75 -14.62 -14.00
CA GLY B 390 -36.95 -14.28 -13.24
C GLY B 390 -37.02 -15.17 -12.01
N ARG B 391 -37.89 -14.84 -11.05
CA ARG B 391 -38.03 -15.63 -9.82
C ARG B 391 -39.48 -15.59 -9.33
N ASN B 392 -40.08 -16.74 -9.09
CA ASN B 392 -41.44 -16.75 -8.61
C ASN B 392 -41.66 -17.76 -7.50
N LEU B 393 -42.73 -17.54 -6.72
CA LEU B 393 -43.08 -18.43 -5.64
C LEU B 393 -44.07 -19.53 -6.07
N TYR B 394 -43.70 -20.78 -5.80
CA TYR B 394 -44.55 -21.90 -6.14
C TYR B 394 -44.90 -22.72 -4.91
N LYS B 395 -46.05 -23.40 -5.03
CA LYS B 395 -46.62 -24.23 -3.97
C LYS B 395 -46.88 -25.64 -4.52
N ILE B 396 -46.21 -26.64 -3.99
CA ILE B 396 -46.44 -27.99 -4.49
C ILE B 396 -47.08 -28.82 -3.40
N GLN B 397 -48.14 -29.54 -3.77
CA GLN B 397 -48.89 -30.37 -2.83
C GLN B 397 -48.10 -31.63 -2.52
N LEU B 398 -47.86 -31.86 -1.23
CA LEU B 398 -47.09 -33.02 -0.82
C LEU B 398 -47.75 -34.35 -1.14
N SER B 399 -49.09 -34.40 -1.12
CA SER B 399 -49.79 -35.65 -1.43
C SER B 399 -50.08 -35.81 -2.93
N ASP B 400 -49.67 -34.83 -3.74
CA ASP B 400 -49.88 -34.91 -5.19
C ASP B 400 -48.97 -33.93 -5.95
N TYR B 401 -47.76 -34.41 -6.28
CA TYR B 401 -46.77 -33.59 -6.96
C TYR B 401 -47.22 -33.00 -8.30
N THR B 402 -48.32 -33.50 -8.85
CA THR B 402 -48.79 -32.96 -10.12
C THR B 402 -49.54 -31.67 -9.85
N LYS B 403 -49.69 -31.35 -8.58
CA LYS B 403 -50.40 -30.15 -8.19
C LYS B 403 -49.43 -29.05 -7.74
N VAL B 404 -49.03 -28.23 -8.71
CA VAL B 404 -48.10 -27.14 -8.47
C VAL B 404 -48.75 -25.85 -8.90
N THR B 405 -48.92 -24.95 -7.95
CA THR B 405 -49.53 -23.65 -8.22
C THR B 405 -48.48 -22.55 -8.12
N CYS B 406 -48.49 -21.60 -9.06
CA CYS B 406 -47.57 -20.50 -8.96
C CYS B 406 -48.33 -19.41 -8.22
N LEU B 407 -47.86 -19.07 -7.01
CA LEU B 407 -48.55 -18.05 -6.21
C LEU B 407 -48.30 -16.58 -6.62
N SER B 408 -47.20 -16.31 -7.31
CA SER B 408 -46.86 -14.93 -7.69
C SER B 408 -46.80 -14.59 -9.18
N CYS B 409 -46.66 -15.59 -10.04
CA CYS B 409 -46.53 -15.35 -11.49
C CYS B 409 -47.48 -14.32 -12.09
N GLU B 410 -48.76 -14.52 -11.85
CA GLU B 410 -49.82 -13.69 -12.40
C GLU B 410 -50.31 -12.49 -11.57
N LEU B 411 -49.71 -12.24 -10.42
CA LEU B 411 -50.18 -11.12 -9.58
C LEU B 411 -50.07 -9.75 -10.29
N ASN B 412 -49.01 -9.57 -11.07
CA ASN B 412 -48.79 -8.34 -11.83
C ASN B 412 -47.57 -8.67 -12.67
N PRO B 413 -47.78 -9.50 -13.70
CA PRO B 413 -46.76 -9.97 -14.63
C PRO B 413 -45.90 -8.95 -15.33
N GLU B 414 -46.42 -7.74 -15.57
CA GLU B 414 -45.63 -6.73 -16.27
C GLU B 414 -44.70 -5.97 -15.33
N ARG B 415 -45.15 -5.80 -14.10
CA ARG B 415 -44.37 -5.07 -13.11
C ARG B 415 -43.54 -5.99 -12.20
N CYS B 416 -43.94 -7.24 -12.07
CA CYS B 416 -43.26 -8.18 -11.18
C CYS B 416 -42.89 -9.54 -11.73
N GLN B 417 -41.59 -9.77 -11.91
CA GLN B 417 -41.09 -11.03 -12.42
C GLN B 417 -39.94 -11.54 -11.56
N TYR B 418 -39.62 -10.81 -10.50
CA TYR B 418 -38.53 -11.23 -9.62
C TYR B 418 -39.04 -11.10 -8.20
N TYR B 419 -39.36 -12.25 -7.64
CA TYR B 419 -39.92 -12.32 -6.32
C TYR B 419 -39.04 -12.95 -5.27
N SER B 420 -39.33 -12.56 -4.03
CA SER B 420 -38.65 -13.05 -2.86
C SER B 420 -39.78 -13.17 -1.85
N VAL B 421 -39.65 -14.02 -0.85
CA VAL B 421 -40.73 -14.20 0.11
C VAL B 421 -40.29 -14.31 1.57
N SER B 422 -41.21 -13.99 2.48
CA SER B 422 -40.97 -14.09 3.92
C SER B 422 -42.22 -14.65 4.64
N PHE B 423 -42.17 -15.92 5.05
CA PHE B 423 -43.32 -16.54 5.72
C PHE B 423 -43.32 -16.25 7.22
N SER B 424 -44.52 -16.21 7.82
CA SER B 424 -44.65 -15.98 9.26
C SER B 424 -44.11 -17.24 9.93
N LYS B 425 -44.17 -17.31 11.26
CA LYS B 425 -43.62 -18.46 12.00
C LYS B 425 -44.05 -19.87 11.60
N GLU B 426 -45.34 -20.08 11.41
CA GLU B 426 -45.84 -21.39 11.00
C GLU B 426 -46.39 -21.31 9.58
N ALA B 427 -45.83 -20.41 8.79
CA ALA B 427 -46.23 -20.23 7.40
C ALA B 427 -47.70 -19.85 7.22
N LYS B 428 -48.32 -19.30 8.25
CA LYS B 428 -49.73 -18.91 8.11
C LYS B 428 -49.87 -17.70 7.18
N TYR B 429 -48.83 -16.86 7.11
CA TYR B 429 -48.88 -15.68 6.26
C TYR B 429 -47.57 -15.53 5.52
N TYR B 430 -47.57 -14.77 4.44
CA TYR B 430 -46.34 -14.53 3.73
C TYR B 430 -46.29 -13.19 3.01
N GLN B 431 -45.17 -12.51 3.16
CA GLN B 431 -44.94 -11.23 2.52
C GLN B 431 -44.22 -11.49 1.21
N LEU B 432 -44.75 -10.96 0.12
CA LEU B 432 -44.12 -11.13 -1.17
C LEU B 432 -43.37 -9.83 -1.48
N ARG B 433 -42.15 -10.00 -1.94
CA ARG B 433 -41.29 -8.87 -2.27
C ARG B 433 -40.96 -8.89 -3.75
N CYS B 434 -41.65 -8.05 -4.50
CA CYS B 434 -41.43 -7.93 -5.94
C CYS B 434 -40.28 -6.92 -6.10
N SER B 435 -39.24 -7.27 -6.82
CA SER B 435 -38.14 -6.31 -6.95
C SER B 435 -37.87 -5.83 -8.38
N GLY B 436 -38.73 -6.24 -9.31
CA GLY B 436 -38.55 -5.83 -10.70
C GLY B 436 -39.44 -6.62 -11.62
N PRO B 437 -39.52 -6.27 -12.92
CA PRO B 437 -38.80 -5.15 -13.56
C PRO B 437 -39.31 -3.74 -13.26
N GLY B 438 -40.50 -3.63 -12.68
CA GLY B 438 -41.02 -2.32 -12.34
C GLY B 438 -40.56 -1.92 -10.96
N LEU B 439 -41.13 -0.87 -10.39
CA LEU B 439 -40.75 -0.44 -9.05
C LEU B 439 -41.10 -1.53 -8.01
N PRO B 440 -40.24 -1.73 -7.01
CA PRO B 440 -40.53 -2.75 -6.00
C PRO B 440 -41.93 -2.63 -5.41
N LEU B 441 -42.56 -3.77 -5.17
CA LEU B 441 -43.91 -3.82 -4.61
C LEU B 441 -43.93 -4.85 -3.49
N TYR B 442 -44.36 -4.44 -2.30
CA TYR B 442 -44.43 -5.38 -1.18
C TYR B 442 -45.88 -5.64 -0.80
N THR B 443 -46.26 -6.92 -0.79
CA THR B 443 -47.64 -7.28 -0.48
C THR B 443 -47.74 -8.37 0.59
N LEU B 444 -48.85 -8.41 1.31
CA LEU B 444 -49.05 -9.40 2.36
C LEU B 444 -50.11 -10.39 1.93
N HIS B 445 -49.90 -11.67 2.23
CA HIS B 445 -50.85 -12.68 1.82
C HIS B 445 -51.16 -13.67 2.93
N SER B 446 -52.32 -14.29 2.82
CA SER B 446 -52.79 -15.28 3.77
C SER B 446 -52.61 -16.69 3.15
N SER B 447 -51.90 -17.58 3.84
CA SER B 447 -51.66 -18.93 3.33
C SER B 447 -52.88 -19.87 3.25
N VAL B 448 -53.84 -19.68 4.15
CA VAL B 448 -55.01 -20.55 4.18
C VAL B 448 -55.76 -20.55 2.85
N ASN B 449 -55.82 -19.40 2.19
CA ASN B 449 -56.53 -19.26 0.92
C ASN B 449 -55.73 -18.55 -0.18
N ASP B 450 -54.45 -18.30 0.07
CA ASP B 450 -53.58 -17.62 -0.87
C ASP B 450 -54.20 -16.33 -1.41
N LYS B 451 -54.93 -15.61 -0.55
CA LYS B 451 -55.55 -14.36 -0.97
C LYS B 451 -54.69 -13.18 -0.56
N GLY B 452 -54.69 -12.14 -1.40
CA GLY B 452 -53.91 -10.95 -1.12
C GLY B 452 -54.59 -10.21 0.00
N LEU B 453 -53.88 -9.99 1.11
CA LEU B 453 -54.46 -9.28 2.24
C LEU B 453 -54.42 -7.78 2.04
N ARG B 454 -53.30 -7.27 1.54
CA ARG B 454 -53.15 -5.82 1.33
C ARG B 454 -51.77 -5.46 0.78
N VAL B 455 -51.65 -4.24 0.28
CA VAL B 455 -50.40 -3.72 -0.24
C VAL B 455 -49.67 -3.07 0.93
N LEU B 456 -48.39 -3.39 1.08
CA LEU B 456 -47.62 -2.83 2.17
C LEU B 456 -46.83 -1.61 1.74
N GLU B 457 -46.28 -1.67 0.52
CA GLU B 457 -45.50 -0.57 -0.04
C GLU B 457 -45.48 -0.74 -1.56
N ASP B 458 -45.88 0.32 -2.25
CA ASP B 458 -45.97 0.30 -3.70
C ASP B 458 -45.05 1.30 -4.39
N ASN B 459 -44.34 2.09 -3.58
CA ASN B 459 -43.40 3.07 -4.12
C ASN B 459 -44.07 4.12 -5.00
N SER B 460 -45.29 4.48 -4.66
CA SER B 460 -46.04 5.49 -5.41
C SER B 460 -45.28 6.82 -5.36
N ALA B 461 -44.74 7.15 -4.20
CA ALA B 461 -43.98 8.38 -4.04
C ALA B 461 -42.86 8.48 -5.07
N LEU B 462 -42.05 7.43 -5.19
CA LEU B 462 -40.96 7.41 -6.15
C LEU B 462 -41.50 7.41 -7.59
N ASP B 463 -42.54 6.62 -7.84
CA ASP B 463 -43.10 6.59 -9.18
C ASP B 463 -43.47 8.01 -9.61
N LYS B 464 -43.98 8.78 -8.66
CA LYS B 464 -44.36 10.14 -8.96
C LYS B 464 -43.12 10.92 -9.37
N MET B 465 -42.07 10.88 -8.56
CA MET B 465 -40.83 11.60 -8.87
C MET B 465 -40.20 11.19 -10.20
N LEU B 466 -40.09 9.89 -10.45
CA LEU B 466 -39.48 9.40 -11.69
C LEU B 466 -40.19 9.88 -12.96
N GLN B 467 -41.38 10.44 -12.78
CA GLN B 467 -42.17 10.97 -13.90
C GLN B 467 -41.51 12.16 -14.59
N ASN B 468 -40.88 13.04 -13.81
CA ASN B 468 -40.24 14.24 -14.37
C ASN B 468 -38.78 13.96 -14.69
N VAL B 469 -38.46 12.69 -14.95
CA VAL B 469 -37.09 12.31 -15.25
C VAL B 469 -37.03 11.41 -16.48
N GLN B 470 -36.03 11.64 -17.33
CA GLN B 470 -35.86 10.82 -18.53
C GLN B 470 -35.13 9.52 -18.17
N MET B 471 -35.85 8.60 -17.54
CA MET B 471 -35.25 7.35 -17.12
C MET B 471 -34.94 6.44 -18.31
N PRO B 472 -33.85 5.65 -18.21
CA PRO B 472 -33.47 4.72 -19.29
C PRO B 472 -34.40 3.52 -19.26
N SER B 473 -34.28 2.64 -20.25
CA SER B 473 -35.13 1.46 -20.28
C SER B 473 -34.19 0.26 -20.19
N LYS B 474 -34.77 -0.91 -19.89
CA LYS B 474 -33.98 -2.12 -19.78
C LYS B 474 -34.55 -3.22 -20.65
N LYS B 475 -33.69 -3.81 -21.47
CA LYS B 475 -34.07 -4.88 -22.35
C LYS B 475 -33.42 -6.16 -21.87
N LEU B 476 -34.21 -7.22 -21.74
CA LEU B 476 -33.70 -8.52 -21.31
C LEU B 476 -34.03 -9.48 -22.43
N ASP B 477 -33.02 -10.08 -23.05
CA ASP B 477 -33.24 -11.00 -24.17
C ASP B 477 -32.10 -12.00 -24.23
N PHE B 478 -31.97 -12.69 -25.36
CA PHE B 478 -30.90 -13.68 -25.50
C PHE B 478 -30.38 -13.82 -26.93
N ILE B 479 -29.21 -14.44 -27.04
CA ILE B 479 -28.59 -14.69 -28.32
C ILE B 479 -28.26 -16.18 -28.29
N ILE B 480 -28.28 -16.82 -29.45
CA ILE B 480 -28.01 -18.24 -29.53
C ILE B 480 -26.58 -18.53 -29.97
N LEU B 481 -25.84 -19.27 -29.15
CA LEU B 481 -24.48 -19.63 -29.47
C LEU B 481 -24.35 -21.14 -29.29
N ASN B 482 -24.00 -21.83 -30.38
CA ASN B 482 -23.85 -23.28 -30.36
C ASN B 482 -25.13 -23.98 -29.95
N GLU B 483 -26.27 -23.48 -30.42
CA GLU B 483 -27.56 -24.10 -30.11
C GLU B 483 -28.02 -23.87 -28.66
N THR B 484 -27.27 -23.07 -27.90
CA THR B 484 -27.61 -22.76 -26.52
C THR B 484 -27.98 -21.28 -26.40
N LYS B 485 -29.02 -21.00 -25.64
CA LYS B 485 -29.46 -19.62 -25.41
C LYS B 485 -28.61 -19.00 -24.30
N PHE B 486 -28.16 -17.77 -24.51
CA PHE B 486 -27.36 -17.05 -23.53
C PHE B 486 -28.00 -15.69 -23.36
N TRP B 487 -28.43 -15.40 -22.14
CA TRP B 487 -29.10 -14.15 -21.83
C TRP B 487 -28.22 -12.91 -21.62
N TYR B 488 -28.79 -11.75 -21.88
CA TYR B 488 -28.09 -10.50 -21.71
C TYR B 488 -29.14 -9.44 -21.45
N GLN B 489 -28.70 -8.30 -20.92
CA GLN B 489 -29.60 -7.20 -20.67
C GLN B 489 -28.88 -5.94 -21.11
N MET B 490 -29.64 -4.91 -21.44
CA MET B 490 -29.08 -3.65 -21.84
C MET B 490 -29.83 -2.54 -21.14
N ILE B 491 -29.09 -1.56 -20.63
CA ILE B 491 -29.70 -0.40 -20.01
C ILE B 491 -29.61 0.57 -21.18
N LEU B 492 -30.75 0.83 -21.81
CA LEU B 492 -30.81 1.69 -22.99
C LEU B 492 -31.13 3.15 -22.66
N PRO B 493 -30.43 4.09 -23.31
CA PRO B 493 -30.68 5.52 -23.05
C PRO B 493 -32.13 5.87 -23.38
N PRO B 494 -32.64 6.97 -22.80
CA PRO B 494 -34.01 7.39 -23.07
C PRO B 494 -34.13 7.64 -24.58
N HIS B 495 -35.33 7.46 -25.12
CA HIS B 495 -35.51 7.72 -26.56
C HIS B 495 -34.51 6.94 -27.41
N PHE B 496 -34.21 5.71 -26.98
CA PHE B 496 -33.26 4.89 -27.70
C PHE B 496 -33.65 4.80 -29.18
N ASP B 497 -32.70 5.08 -30.07
CA ASP B 497 -32.98 5.00 -31.49
C ASP B 497 -32.05 3.98 -32.15
N LYS B 498 -32.62 2.86 -32.60
CA LYS B 498 -31.81 1.82 -33.22
C LYS B 498 -31.13 2.25 -34.50
N SER B 499 -31.48 3.44 -35.01
CA SER B 499 -30.86 3.90 -36.26
C SER B 499 -29.55 4.59 -35.96
N LYS B 500 -29.26 4.80 -34.67
CA LYS B 500 -28.02 5.45 -34.28
C LYS B 500 -26.95 4.52 -33.73
N LYS B 501 -25.75 5.07 -33.60
CA LYS B 501 -24.62 4.32 -33.10
C LYS B 501 -24.33 4.86 -31.70
N TYR B 502 -24.45 3.99 -30.70
CA TYR B 502 -24.23 4.39 -29.30
C TYR B 502 -22.96 3.80 -28.72
N PRO B 503 -22.25 4.57 -27.87
CA PRO B 503 -21.04 3.93 -27.32
C PRO B 503 -21.57 2.85 -26.37
N LEU B 504 -20.82 1.78 -26.21
CA LEU B 504 -21.27 0.71 -25.33
C LEU B 504 -20.31 0.36 -24.20
N LEU B 505 -20.85 0.25 -22.99
CA LEU B 505 -20.06 -0.14 -21.81
C LEU B 505 -20.52 -1.53 -21.36
N LEU B 506 -19.62 -2.51 -21.41
CA LEU B 506 -19.96 -3.85 -20.98
C LEU B 506 -19.71 -3.94 -19.47
N ASP B 507 -20.77 -4.16 -18.70
CA ASP B 507 -20.74 -4.28 -17.24
C ASP B 507 -20.59 -5.77 -16.95
N VAL B 508 -19.45 -6.18 -16.38
CA VAL B 508 -19.26 -7.61 -16.16
C VAL B 508 -18.85 -8.10 -14.78
N TYR B 509 -19.23 -9.34 -14.48
CA TYR B 509 -18.85 -10.00 -13.25
C TYR B 509 -18.38 -11.34 -13.80
N ALA B 510 -19.32 -12.18 -14.21
CA ALA B 510 -18.99 -13.45 -14.87
C ALA B 510 -18.31 -14.56 -14.08
N GLY B 511 -18.38 -14.51 -12.75
CA GLY B 511 -17.78 -15.59 -11.98
C GLY B 511 -18.69 -16.80 -12.04
N PRO B 512 -18.24 -17.97 -11.57
CA PRO B 512 -19.11 -19.15 -11.63
C PRO B 512 -20.43 -18.98 -10.86
N CYS B 513 -21.52 -19.38 -11.49
CA CYS B 513 -22.88 -19.26 -10.96
C CYS B 513 -23.35 -17.82 -10.82
N SER B 514 -22.76 -16.91 -11.59
CA SER B 514 -23.18 -15.53 -11.54
C SER B 514 -24.35 -15.35 -12.51
N GLN B 515 -25.05 -14.24 -12.34
CA GLN B 515 -26.17 -13.88 -13.19
C GLN B 515 -26.23 -12.37 -13.22
N LYS B 516 -25.82 -11.78 -14.34
CA LYS B 516 -25.87 -10.32 -14.47
C LYS B 516 -27.01 -9.89 -15.37
N ALA B 517 -27.77 -10.85 -15.90
CA ALA B 517 -28.92 -10.55 -16.75
C ALA B 517 -30.18 -11.03 -16.04
N ASP B 518 -30.93 -10.08 -15.47
CA ASP B 518 -32.15 -10.44 -14.75
C ASP B 518 -33.25 -9.38 -14.90
N THR B 519 -34.34 -9.57 -14.17
CA THR B 519 -35.49 -8.68 -14.23
C THR B 519 -35.56 -7.71 -13.05
N VAL B 520 -34.45 -7.54 -12.33
CA VAL B 520 -34.47 -6.67 -11.17
C VAL B 520 -34.37 -5.19 -11.56
N PHE B 521 -35.13 -4.33 -10.88
CA PHE B 521 -35.09 -2.90 -11.15
C PHE B 521 -34.02 -2.22 -10.31
N ARG B 522 -33.05 -1.61 -10.97
CA ARG B 522 -32.01 -0.93 -10.23
C ARG B 522 -31.79 0.55 -10.58
N LEU B 523 -31.43 1.32 -9.57
CA LEU B 523 -31.11 2.72 -9.73
C LEU B 523 -29.63 2.76 -9.34
N ASN B 524 -28.75 2.76 -10.35
CA ASN B 524 -27.32 2.76 -10.09
C ASN B 524 -26.48 3.58 -11.09
N TRP B 525 -25.17 3.38 -11.07
CA TRP B 525 -24.26 4.10 -11.96
C TRP B 525 -24.66 3.91 -13.42
N ALA B 526 -25.05 2.69 -13.79
CA ALA B 526 -25.43 2.44 -15.18
C ALA B 526 -26.66 3.27 -15.55
N THR B 527 -27.52 3.54 -14.56
CA THR B 527 -28.71 4.35 -14.84
C THR B 527 -28.29 5.73 -15.33
N TYR B 528 -27.38 6.35 -14.59
CA TYR B 528 -26.87 7.65 -14.93
C TYR B 528 -26.14 7.65 -16.29
N LEU B 529 -25.34 6.62 -16.53
CA LEU B 529 -24.60 6.53 -17.78
C LEU B 529 -25.53 6.45 -18.99
N ALA B 530 -26.64 5.73 -18.85
CA ALA B 530 -27.60 5.62 -19.94
C ALA B 530 -28.45 6.89 -20.04
N SER B 531 -29.00 7.32 -18.92
CA SER B 531 -29.86 8.49 -18.92
C SER B 531 -29.22 9.82 -19.24
N THR B 532 -28.04 10.07 -18.69
CA THR B 532 -27.37 11.33 -18.92
C THR B 532 -26.30 11.30 -20.00
N GLU B 533 -25.45 10.28 -19.98
CA GLU B 533 -24.36 10.16 -20.94
C GLU B 533 -24.76 9.40 -22.20
N ASN B 534 -26.03 9.01 -22.28
CA ASN B 534 -26.52 8.27 -23.44
C ASN B 534 -25.62 7.10 -23.81
N ILE B 535 -25.18 6.37 -22.79
CA ILE B 535 -24.34 5.21 -23.00
C ILE B 535 -25.16 3.93 -22.82
N ILE B 536 -24.97 2.95 -23.69
CA ILE B 536 -25.67 1.70 -23.51
C ILE B 536 -24.82 0.85 -22.55
N VAL B 537 -25.41 0.41 -21.44
CA VAL B 537 -24.68 -0.42 -20.48
C VAL B 537 -25.20 -1.85 -20.61
N ALA B 538 -24.36 -2.76 -21.09
CA ALA B 538 -24.77 -4.14 -21.29
C ALA B 538 -24.10 -5.15 -20.37
N SER B 539 -24.76 -6.28 -20.18
CA SER B 539 -24.22 -7.36 -19.37
C SER B 539 -24.57 -8.67 -20.05
N PHE B 540 -23.72 -9.69 -19.86
CA PHE B 540 -23.93 -10.97 -20.52
C PHE B 540 -23.58 -12.15 -19.61
N ASP B 541 -24.42 -13.18 -19.63
CA ASP B 541 -24.17 -14.39 -18.84
C ASP B 541 -23.79 -15.51 -19.80
N GLY B 542 -22.50 -15.78 -19.93
CA GLY B 542 -22.05 -16.83 -20.82
C GLY B 542 -21.74 -18.12 -20.08
N ARG B 543 -20.89 -18.95 -20.65
CA ARG B 543 -20.52 -20.20 -19.99
C ARG B 543 -20.04 -19.91 -18.58
N GLY B 544 -20.43 -20.74 -17.64
CA GLY B 544 -20.05 -20.53 -16.24
C GLY B 544 -21.16 -19.88 -15.42
N SER B 545 -22.07 -19.11 -16.03
CA SER B 545 -23.14 -18.46 -15.26
C SER B 545 -24.11 -19.49 -14.67
N GLY B 546 -24.93 -19.06 -13.70
CA GLY B 546 -25.80 -20.03 -13.04
C GLY B 546 -27.30 -20.04 -13.31
N TYR B 547 -27.98 -20.93 -12.61
CA TYR B 547 -29.44 -21.04 -12.72
C TYR B 547 -29.95 -21.51 -14.07
N GLN B 548 -29.07 -22.15 -14.83
CA GLN B 548 -29.42 -22.62 -16.16
C GLN B 548 -28.89 -24.01 -16.42
N GLY B 549 -28.62 -24.75 -15.35
CA GLY B 549 -28.13 -26.11 -15.50
C GLY B 549 -26.62 -26.23 -15.43
N ASP B 550 -26.16 -27.42 -15.05
CA ASP B 550 -24.74 -27.67 -14.93
C ASP B 550 -23.96 -27.67 -16.25
N LYS B 551 -24.63 -27.85 -17.39
CA LYS B 551 -23.88 -27.88 -18.63
C LYS B 551 -23.24 -26.51 -18.84
N ILE B 552 -23.97 -25.47 -18.49
CA ILE B 552 -23.46 -24.11 -18.60
C ILE B 552 -22.58 -23.75 -17.40
N MET B 553 -23.09 -23.97 -16.18
CA MET B 553 -22.33 -23.64 -14.99
C MET B 553 -20.98 -24.34 -14.86
N HIS B 554 -20.93 -25.65 -15.13
CA HIS B 554 -19.66 -26.36 -15.00
C HIS B 554 -18.78 -26.30 -16.26
N ALA B 555 -19.12 -25.45 -17.23
CA ALA B 555 -18.31 -25.37 -18.45
C ALA B 555 -16.91 -24.82 -18.14
N ILE B 556 -16.77 -24.03 -17.08
CA ILE B 556 -15.45 -23.51 -16.74
C ILE B 556 -14.76 -24.27 -15.65
N ASN B 557 -15.30 -25.44 -15.28
CA ASN B 557 -14.67 -26.24 -14.23
C ASN B 557 -13.19 -26.44 -14.52
N ARG B 558 -12.35 -26.17 -13.52
CA ARG B 558 -10.89 -26.30 -13.62
C ARG B 558 -10.27 -25.39 -14.68
N ARG B 559 -11.07 -24.48 -15.23
CA ARG B 559 -10.61 -23.58 -16.28
C ARG B 559 -11.08 -22.14 -16.15
N LEU B 560 -10.90 -21.52 -14.97
CA LEU B 560 -11.31 -20.11 -14.81
C LEU B 560 -10.43 -19.27 -15.73
N GLY B 561 -10.94 -18.13 -16.17
CA GLY B 561 -10.15 -17.29 -17.05
C GLY B 561 -10.15 -17.74 -18.51
N THR B 562 -11.10 -18.56 -18.92
CA THR B 562 -11.15 -18.98 -20.32
C THR B 562 -12.50 -18.65 -20.96
N PHE B 563 -13.42 -19.61 -20.95
CA PHE B 563 -14.73 -19.41 -21.58
C PHE B 563 -15.53 -18.22 -21.10
N GLU B 564 -15.53 -17.96 -19.79
CA GLU B 564 -16.32 -16.85 -19.30
C GLU B 564 -15.69 -15.56 -19.80
N VAL B 565 -14.40 -15.60 -20.08
CA VAL B 565 -13.70 -14.42 -20.58
C VAL B 565 -14.00 -14.25 -22.08
N GLU B 566 -13.78 -15.32 -22.84
CA GLU B 566 -14.03 -15.28 -24.29
C GLU B 566 -15.48 -14.96 -24.61
N ASP B 567 -16.42 -15.58 -23.88
CA ASP B 567 -17.84 -15.35 -24.16
C ASP B 567 -18.23 -13.89 -24.03
N GLN B 568 -17.60 -13.24 -23.06
CA GLN B 568 -17.81 -11.83 -22.80
C GLN B 568 -17.32 -11.03 -24.01
N ILE B 569 -16.26 -11.51 -24.66
CA ILE B 569 -15.72 -10.84 -25.85
C ILE B 569 -16.68 -11.08 -27.02
N GLU B 570 -17.10 -12.32 -27.18
CA GLU B 570 -18.03 -12.69 -28.24
C GLU B 570 -19.32 -11.90 -28.08
N ALA B 571 -19.76 -11.67 -26.84
CA ALA B 571 -20.99 -10.92 -26.60
C ALA B 571 -20.92 -9.50 -27.16
N ALA B 572 -19.76 -8.86 -26.99
CA ALA B 572 -19.56 -7.49 -27.48
C ALA B 572 -19.64 -7.50 -29.00
N ARG B 573 -19.07 -8.52 -29.63
CA ARG B 573 -19.14 -8.64 -31.07
C ARG B 573 -20.61 -8.70 -31.47
N GLN B 574 -21.35 -9.61 -30.86
CA GLN B 574 -22.77 -9.80 -31.16
C GLN B 574 -23.55 -8.51 -31.00
N PHE B 575 -23.19 -7.70 -30.00
CA PHE B 575 -23.91 -6.44 -29.81
C PHE B 575 -23.60 -5.45 -30.91
N SER B 576 -22.35 -5.35 -31.33
CA SER B 576 -21.99 -4.42 -32.39
C SER B 576 -22.68 -4.82 -33.70
N LYS B 577 -22.85 -6.12 -33.87
CA LYS B 577 -23.52 -6.63 -35.04
C LYS B 577 -25.01 -6.31 -35.00
N MET B 578 -25.50 -5.76 -33.88
CA MET B 578 -26.92 -5.42 -33.78
C MET B 578 -27.19 -4.07 -34.47
N GLY B 579 -26.11 -3.41 -34.88
CA GLY B 579 -26.24 -2.15 -35.62
C GLY B 579 -26.39 -0.83 -34.92
N PHE B 580 -26.65 -0.84 -33.61
CA PHE B 580 -26.80 0.41 -32.88
C PHE B 580 -25.63 0.68 -31.93
N VAL B 581 -24.47 0.10 -32.23
CA VAL B 581 -23.31 0.30 -31.40
C VAL B 581 -22.14 0.85 -32.19
N ASP B 582 -21.50 1.87 -31.62
CA ASP B 582 -20.33 2.51 -32.21
C ASP B 582 -19.15 1.59 -31.90
N ASN B 583 -18.77 0.77 -32.87
CA ASN B 583 -17.66 -0.17 -32.67
C ASN B 583 -16.35 0.53 -32.30
N LYS B 584 -16.30 1.86 -32.42
CA LYS B 584 -15.08 2.57 -32.08
C LYS B 584 -15.08 2.94 -30.62
N ARG B 585 -16.24 2.84 -29.99
CA ARG B 585 -16.33 3.18 -28.58
C ARG B 585 -16.95 2.09 -27.72
N ILE B 586 -16.23 0.98 -27.58
CA ILE B 586 -16.67 -0.13 -26.74
C ILE B 586 -15.75 -0.30 -25.51
N ALA B 587 -16.31 -0.04 -24.33
CA ALA B 587 -15.56 -0.15 -23.09
C ALA B 587 -16.07 -1.34 -22.28
N ILE B 588 -15.29 -1.72 -21.27
CA ILE B 588 -15.65 -2.85 -20.40
C ILE B 588 -15.18 -2.52 -18.98
N TRP B 589 -15.93 -2.98 -17.99
CA TRP B 589 -15.55 -2.72 -16.61
C TRP B 589 -16.22 -3.75 -15.71
N GLY B 590 -15.64 -3.94 -14.53
CA GLY B 590 -16.17 -4.88 -13.56
C GLY B 590 -15.45 -4.74 -12.23
N TRP B 591 -16.07 -5.27 -11.20
CA TRP B 591 -15.53 -5.22 -9.85
C TRP B 591 -15.30 -6.66 -9.40
N SER B 592 -14.25 -6.87 -8.61
CA SER B 592 -13.99 -8.20 -8.07
C SER B 592 -13.74 -9.21 -9.21
N TYR B 593 -14.56 -10.25 -9.33
CA TYR B 593 -14.35 -11.21 -10.41
C TYR B 593 -14.49 -10.44 -11.71
N GLY B 594 -15.34 -9.42 -11.69
CA GLY B 594 -15.54 -8.59 -12.86
C GLY B 594 -14.26 -7.85 -13.22
N GLY B 595 -13.50 -7.48 -12.19
CA GLY B 595 -12.23 -6.80 -12.41
C GLY B 595 -11.26 -7.73 -13.12
N TYR B 596 -11.23 -8.97 -12.69
CA TYR B 596 -10.37 -9.98 -13.29
C TYR B 596 -10.74 -10.21 -14.78
N VAL B 597 -12.02 -10.49 -15.01
CA VAL B 597 -12.48 -10.74 -16.36
C VAL B 597 -12.23 -9.55 -17.27
N THR B 598 -12.45 -8.35 -16.76
CA THR B 598 -12.19 -7.09 -17.48
C THR B 598 -10.71 -7.04 -17.85
N SER B 599 -9.86 -7.31 -16.88
CA SER B 599 -8.42 -7.30 -17.09
C SER B 599 -8.04 -8.35 -18.13
N MET B 600 -8.54 -9.57 -17.98
CA MET B 600 -8.24 -10.63 -18.94
C MET B 600 -8.71 -10.27 -20.36
N VAL B 601 -9.86 -9.61 -20.44
CA VAL B 601 -10.41 -9.20 -21.71
C VAL B 601 -9.54 -8.10 -22.30
N LEU B 602 -9.21 -7.08 -21.50
CA LEU B 602 -8.38 -6.01 -22.02
C LEU B 602 -7.00 -6.52 -22.47
N GLY B 603 -6.53 -7.60 -21.86
CA GLY B 603 -5.22 -8.12 -22.23
C GLY B 603 -5.23 -9.29 -23.21
N SER B 604 -6.37 -9.56 -23.84
CA SER B 604 -6.45 -10.69 -24.77
C SER B 604 -6.02 -10.35 -26.19
N GLY B 605 -5.91 -9.05 -26.48
CA GLY B 605 -5.53 -8.61 -27.81
C GLY B 605 -6.65 -8.70 -28.85
N SER B 606 -7.90 -8.76 -28.39
CA SER B 606 -9.04 -8.87 -29.29
C SER B 606 -9.31 -7.65 -30.17
N GLY B 607 -8.84 -6.49 -29.75
CA GLY B 607 -9.06 -5.28 -30.52
C GLY B 607 -10.47 -4.73 -30.33
N VAL B 608 -11.36 -5.53 -29.78
CA VAL B 608 -12.75 -5.09 -29.60
C VAL B 608 -12.96 -3.91 -28.67
N PHE B 609 -12.25 -3.89 -27.54
CA PHE B 609 -12.44 -2.82 -26.56
C PHE B 609 -11.39 -1.72 -26.60
N LYS B 610 -11.85 -0.49 -26.40
CA LYS B 610 -10.97 0.65 -26.41
C LYS B 610 -10.35 0.96 -25.03
N CYS B 611 -11.15 0.86 -23.98
CA CYS B 611 -10.69 1.15 -22.63
C CYS B 611 -11.46 0.29 -21.65
N GLY B 612 -11.01 0.26 -20.39
CA GLY B 612 -11.69 -0.54 -19.39
C GLY B 612 -11.26 -0.20 -17.97
N ILE B 613 -12.14 -0.50 -17.02
CA ILE B 613 -11.88 -0.23 -15.62
C ILE B 613 -12.02 -1.50 -14.76
N ALA B 614 -10.95 -1.86 -14.05
CA ALA B 614 -11.00 -3.03 -13.17
C ALA B 614 -10.94 -2.50 -11.72
N VAL B 615 -11.91 -2.90 -10.90
CA VAL B 615 -11.91 -2.48 -9.50
C VAL B 615 -11.70 -3.71 -8.62
N ALA B 616 -10.69 -3.65 -7.76
CA ALA B 616 -10.37 -4.76 -6.84
C ALA B 616 -10.34 -6.10 -7.56
N PRO B 617 -9.59 -6.19 -8.67
CA PRO B 617 -9.56 -7.47 -9.39
C PRO B 617 -8.67 -8.55 -8.81
N VAL B 618 -9.01 -9.79 -9.14
CA VAL B 618 -8.18 -10.94 -8.80
C VAL B 618 -7.19 -10.90 -9.99
N SER B 619 -5.92 -11.26 -9.77
CA SER B 619 -4.97 -11.22 -10.88
C SER B 619 -4.31 -12.57 -11.11
N ARG B 620 -4.21 -13.36 -10.06
CA ARG B 620 -3.67 -14.72 -10.18
C ARG B 620 -4.33 -15.55 -9.09
N TRP B 621 -4.90 -16.67 -9.49
CA TRP B 621 -5.62 -17.52 -8.60
C TRP B 621 -4.90 -18.04 -7.36
N GLU B 622 -3.57 -18.12 -7.40
CA GLU B 622 -2.83 -18.56 -6.24
C GLU B 622 -2.88 -17.51 -5.13
N TYR B 623 -3.31 -16.28 -5.43
CA TYR B 623 -3.40 -15.24 -4.39
C TYR B 623 -4.79 -15.25 -3.69
N TYR B 624 -5.78 -15.91 -4.29
CA TYR B 624 -7.11 -15.92 -3.67
C TYR B 624 -7.25 -17.07 -2.65
N ASP B 625 -8.34 -17.10 -1.88
CA ASP B 625 -8.45 -18.15 -0.87
C ASP B 625 -8.71 -19.58 -1.40
N SER B 626 -8.32 -20.54 -0.58
CA SER B 626 -8.44 -21.95 -0.92
C SER B 626 -9.85 -22.44 -1.23
N VAL B 627 -10.78 -22.21 -0.31
CA VAL B 627 -12.15 -22.69 -0.47
C VAL B 627 -12.84 -22.29 -1.77
N TYR B 628 -12.76 -21.00 -2.10
CA TYR B 628 -13.38 -20.54 -3.32
C TYR B 628 -12.59 -20.97 -4.54
N THR B 629 -11.29 -20.67 -4.55
CA THR B 629 -10.48 -21.00 -5.71
C THR B 629 -10.41 -22.49 -6.05
N GLU B 630 -10.13 -23.32 -5.04
CA GLU B 630 -9.99 -24.74 -5.26
C GLU B 630 -11.31 -25.37 -5.69
N ARG B 631 -12.41 -24.75 -5.30
CA ARG B 631 -13.70 -25.29 -5.65
C ARG B 631 -13.79 -25.42 -7.17
N TYR B 632 -13.27 -24.42 -7.89
CA TYR B 632 -13.34 -24.43 -9.34
C TYR B 632 -12.05 -24.85 -10.00
N MET B 633 -10.93 -24.59 -9.32
CA MET B 633 -9.61 -24.84 -9.88
C MET B 633 -8.82 -26.02 -9.37
N GLY B 634 -9.35 -26.74 -8.39
CA GLY B 634 -8.60 -27.85 -7.85
C GLY B 634 -7.35 -27.33 -7.17
N LEU B 635 -6.35 -28.17 -6.94
CA LEU B 635 -5.12 -27.73 -6.27
C LEU B 635 -4.04 -27.22 -7.22
N PRO B 636 -3.34 -26.16 -6.80
CA PRO B 636 -2.28 -25.61 -7.66
C PRO B 636 -0.97 -26.42 -7.59
N THR B 637 -1.04 -27.70 -7.92
CA THR B 637 0.15 -28.54 -7.89
C THR B 637 0.36 -29.14 -9.28
N PRO B 638 1.61 -29.52 -9.60
CA PRO B 638 1.84 -30.11 -10.93
C PRO B 638 0.98 -31.37 -11.16
N GLU B 639 0.72 -32.12 -10.09
CA GLU B 639 -0.11 -33.32 -10.21
C GLU B 639 -1.59 -33.00 -10.43
N ASP B 640 -2.01 -31.80 -10.08
CA ASP B 640 -3.41 -31.45 -10.22
C ASP B 640 -3.66 -30.42 -11.31
N ASN B 641 -3.74 -29.15 -10.97
CA ASN B 641 -4.05 -28.18 -12.01
C ASN B 641 -3.16 -26.95 -12.06
N LEU B 642 -1.94 -27.05 -11.53
CA LEU B 642 -1.03 -25.92 -11.52
C LEU B 642 -0.87 -25.23 -12.88
N ASP B 643 -0.67 -26.00 -13.95
CA ASP B 643 -0.48 -25.39 -15.26
C ASP B 643 -1.54 -24.36 -15.61
N HIS B 644 -2.82 -24.67 -15.35
CA HIS B 644 -3.82 -23.67 -15.67
C HIS B 644 -3.81 -22.49 -14.68
N TYR B 645 -3.38 -22.74 -13.45
CA TYR B 645 -3.26 -21.70 -12.43
C TYR B 645 -2.28 -20.65 -12.93
N ARG B 646 -1.14 -21.11 -13.44
CA ARG B 646 -0.08 -20.23 -13.93
C ARG B 646 -0.40 -19.58 -15.27
N ASN B 647 -1.36 -20.17 -15.98
CA ASN B 647 -1.76 -19.75 -17.30
C ASN B 647 -2.92 -18.75 -17.36
N SER B 648 -3.65 -18.62 -16.26
CA SER B 648 -4.81 -17.73 -16.23
C SER B 648 -4.58 -16.45 -15.43
N THR B 649 -3.36 -15.95 -15.41
CA THR B 649 -3.05 -14.72 -14.68
C THR B 649 -3.18 -13.50 -15.56
N VAL B 650 -3.45 -12.37 -14.94
CA VAL B 650 -3.56 -11.12 -15.69
C VAL B 650 -2.16 -10.68 -16.10
N MET B 651 -1.19 -10.84 -15.20
CA MET B 651 0.20 -10.43 -15.44
C MET B 651 0.80 -10.92 -16.74
N SER B 652 0.52 -12.17 -17.12
CA SER B 652 1.08 -12.75 -18.34
C SER B 652 0.59 -12.14 -19.66
N ARG B 653 -0.39 -11.24 -19.57
CA ARG B 653 -0.93 -10.59 -20.74
C ARG B 653 -0.57 -9.12 -20.72
N ALA B 654 0.33 -8.73 -19.81
CA ALA B 654 0.74 -7.33 -19.68
C ALA B 654 1.05 -6.61 -21.00
N GLU B 655 1.80 -7.27 -21.88
CA GLU B 655 2.19 -6.68 -23.16
C GLU B 655 1.01 -6.26 -24.05
N ASN B 656 -0.10 -7.00 -23.97
CA ASN B 656 -1.26 -6.66 -24.80
C ASN B 656 -1.97 -5.40 -24.35
N PHE B 657 -1.71 -4.96 -23.13
CA PHE B 657 -2.35 -3.76 -22.59
C PHE B 657 -1.89 -2.49 -23.30
N LYS B 658 -0.95 -2.62 -24.21
CA LYS B 658 -0.50 -1.45 -24.97
C LYS B 658 -1.57 -1.00 -25.96
N GLN B 659 -2.51 -1.89 -26.24
CA GLN B 659 -3.59 -1.61 -27.20
C GLN B 659 -4.82 -0.93 -26.60
N VAL B 660 -4.85 -0.76 -25.27
CA VAL B 660 -6.02 -0.18 -24.62
C VAL B 660 -5.73 0.81 -23.50
N GLU B 661 -6.77 1.55 -23.10
CA GLU B 661 -6.66 2.50 -21.98
C GLU B 661 -7.25 1.75 -20.78
N TYR B 662 -6.44 1.68 -19.72
CA TYR B 662 -6.79 0.95 -18.50
C TYR B 662 -6.72 1.81 -17.25
N LEU B 663 -7.73 1.64 -16.39
CA LEU B 663 -7.81 2.33 -15.12
C LEU B 663 -7.90 1.19 -14.10
N LEU B 664 -6.90 1.09 -13.23
CA LEU B 664 -6.84 0.05 -12.19
C LEU B 664 -7.10 0.73 -10.85
N ILE B 665 -7.98 0.13 -10.06
CA ILE B 665 -8.36 0.72 -8.79
C ILE B 665 -8.45 -0.37 -7.71
N HIS B 666 -8.03 -0.04 -6.49
CA HIS B 666 -8.06 -1.05 -5.42
C HIS B 666 -7.99 -0.42 -4.03
N GLY B 667 -8.72 -0.99 -3.08
CA GLY B 667 -8.67 -0.47 -1.71
C GLY B 667 -7.48 -1.11 -1.03
N THR B 668 -6.70 -0.33 -0.30
CA THR B 668 -5.51 -0.85 0.38
C THR B 668 -5.77 -1.79 1.55
N ALA B 669 -6.97 -1.75 2.10
CA ALA B 669 -7.31 -2.62 3.24
C ALA B 669 -8.24 -3.75 2.85
N ASP B 670 -8.22 -4.11 1.57
CA ASP B 670 -9.06 -5.19 1.06
C ASP B 670 -8.53 -6.50 1.67
N ASP B 671 -9.29 -7.07 2.59
CA ASP B 671 -8.94 -8.30 3.29
C ASP B 671 -9.35 -9.50 2.47
N ASN B 672 -10.15 -9.27 1.44
CA ASN B 672 -10.69 -10.33 0.59
C ASN B 672 -9.80 -10.58 -0.65
N VAL B 673 -9.82 -9.63 -1.60
CA VAL B 673 -8.95 -9.71 -2.77
C VAL B 673 -7.86 -8.74 -2.36
N HIS B 674 -6.74 -9.29 -1.90
CA HIS B 674 -5.66 -8.43 -1.40
C HIS B 674 -5.12 -7.40 -2.38
N PHE B 675 -4.75 -6.23 -1.87
CA PHE B 675 -4.18 -5.14 -2.68
C PHE B 675 -3.08 -5.79 -3.50
N GLN B 676 -2.43 -6.78 -2.90
CA GLN B 676 -1.37 -7.51 -3.57
C GLN B 676 -1.70 -7.86 -5.04
N GLN B 677 -2.95 -8.24 -5.31
CA GLN B 677 -3.36 -8.64 -6.64
C GLN B 677 -3.18 -7.52 -7.65
N SER B 678 -3.53 -6.30 -7.25
CA SER B 678 -3.36 -5.15 -8.14
C SER B 678 -1.92 -4.66 -8.13
N ALA B 679 -1.21 -4.86 -7.02
CA ALA B 679 0.18 -4.45 -6.93
C ALA B 679 0.97 -5.23 -7.95
N GLN B 680 0.60 -6.50 -8.15
CA GLN B 680 1.34 -7.32 -9.11
C GLN B 680 0.95 -6.99 -10.56
N ILE B 681 -0.28 -6.51 -10.78
CA ILE B 681 -0.68 -6.15 -12.13
C ILE B 681 0.11 -4.90 -12.53
N SER B 682 0.13 -3.92 -11.64
CA SER B 682 0.82 -2.67 -11.92
C SER B 682 2.31 -2.90 -12.19
N LYS B 683 2.96 -3.71 -11.36
CA LYS B 683 4.39 -3.97 -11.55
C LYS B 683 4.61 -4.60 -12.91
N ALA B 684 3.77 -5.57 -13.29
CA ALA B 684 3.90 -6.25 -14.57
C ALA B 684 3.73 -5.26 -15.72
N LEU B 685 2.80 -4.33 -15.58
CA LEU B 685 2.58 -3.34 -16.63
C LEU B 685 3.76 -2.38 -16.70
N VAL B 686 4.28 -2.02 -15.53
CA VAL B 686 5.41 -1.12 -15.49
C VAL B 686 6.62 -1.81 -16.12
N ASP B 687 6.73 -3.12 -15.90
CA ASP B 687 7.84 -3.88 -16.43
C ASP B 687 7.89 -3.99 -17.95
N VAL B 688 6.75 -3.85 -18.61
CA VAL B 688 6.77 -3.93 -20.07
C VAL B 688 6.53 -2.57 -20.70
N GLY B 689 6.66 -1.52 -19.89
CA GLY B 689 6.48 -0.17 -20.40
C GLY B 689 5.08 0.22 -20.86
N VAL B 690 4.06 -0.19 -20.11
CA VAL B 690 2.70 0.17 -20.46
C VAL B 690 2.17 1.27 -19.56
N ASP B 691 1.63 2.33 -20.15
CA ASP B 691 1.07 3.42 -19.37
C ASP B 691 -0.40 3.14 -19.08
N PHE B 692 -0.84 3.51 -17.88
CA PHE B 692 -2.22 3.29 -17.49
C PHE B 692 -2.59 4.22 -16.36
N GLN B 693 -3.87 4.21 -16.00
CA GLN B 693 -4.36 5.04 -14.93
C GLN B 693 -4.53 4.16 -13.71
N ALA B 694 -4.28 4.72 -12.53
CA ALA B 694 -4.42 3.96 -11.30
C ALA B 694 -4.99 4.82 -10.19
N MET B 695 -5.58 4.15 -9.21
CA MET B 695 -6.12 4.82 -8.03
C MET B 695 -6.21 3.81 -6.88
N TRP B 696 -5.64 4.17 -5.74
CA TRP B 696 -5.71 3.30 -4.57
C TRP B 696 -6.66 4.02 -3.63
N TYR B 697 -7.38 3.27 -2.80
CA TYR B 697 -8.27 3.90 -1.83
C TYR B 697 -7.80 3.54 -0.45
N THR B 698 -7.14 4.49 0.18
CA THR B 698 -6.61 4.28 1.52
C THR B 698 -7.63 3.76 2.52
N ASP B 699 -7.27 2.67 3.18
CA ASP B 699 -8.08 2.00 4.20
C ASP B 699 -9.45 1.46 3.79
N GLU B 700 -9.69 1.35 2.48
CA GLU B 700 -10.96 0.82 1.99
C GLU B 700 -10.81 -0.68 1.78
N ASP B 701 -11.92 -1.41 1.94
CA ASP B 701 -11.85 -2.85 1.75
C ASP B 701 -12.42 -3.22 0.38
N HIS B 702 -12.75 -4.48 0.20
CA HIS B 702 -13.27 -4.97 -1.07
C HIS B 702 -14.52 -4.27 -1.57
N GLY B 703 -15.27 -3.67 -0.64
CA GLY B 703 -16.47 -2.97 -1.04
C GLY B 703 -16.29 -1.50 -1.37
N ILE B 704 -15.18 -0.91 -0.97
CA ILE B 704 -14.93 0.53 -1.20
C ILE B 704 -16.31 1.22 -1.02
N ALA B 705 -16.97 0.87 0.08
CA ALA B 705 -18.32 1.38 0.36
C ALA B 705 -18.47 2.53 1.33
N SER B 706 -17.40 3.09 1.85
CA SER B 706 -17.58 4.21 2.77
C SER B 706 -18.22 5.35 1.94
N SER B 707 -18.99 6.19 2.59
CA SER B 707 -19.66 7.28 1.89
C SER B 707 -18.77 8.15 0.98
N THR B 708 -17.65 8.64 1.52
CA THR B 708 -16.76 9.48 0.72
C THR B 708 -16.08 8.72 -0.41
N ALA B 709 -15.57 7.53 -0.13
CA ALA B 709 -14.86 6.75 -1.13
C ALA B 709 -15.78 6.30 -2.26
N HIS B 710 -17.00 5.91 -1.90
CA HIS B 710 -18.00 5.49 -2.87
C HIS B 710 -18.23 6.61 -3.90
N GLN B 711 -18.42 7.82 -3.39
CA GLN B 711 -18.66 8.97 -4.25
C GLN B 711 -17.42 9.29 -5.06
N HIS B 712 -16.26 9.20 -4.41
CA HIS B 712 -15.02 9.49 -5.08
C HIS B 712 -14.71 8.53 -6.21
N ILE B 713 -14.87 7.23 -5.97
CA ILE B 713 -14.56 6.27 -7.02
C ILE B 713 -15.50 6.31 -8.23
N TYR B 714 -16.78 6.57 -8.02
CA TYR B 714 -17.68 6.61 -9.16
C TYR B 714 -17.49 7.88 -9.95
N THR B 715 -17.06 8.94 -9.27
CA THR B 715 -16.78 10.20 -9.93
C THR B 715 -15.54 10.00 -10.81
N HIS B 716 -14.50 9.40 -10.23
CA HIS B 716 -13.26 9.17 -10.95
C HIS B 716 -13.50 8.30 -12.17
N MET B 717 -14.31 7.25 -12.01
CA MET B 717 -14.60 6.34 -13.12
C MET B 717 -15.44 7.02 -14.21
N SER B 718 -16.33 7.93 -13.82
CA SER B 718 -17.13 8.63 -14.81
C SER B 718 -16.25 9.51 -15.72
N HIS B 719 -15.30 10.22 -15.13
CA HIS B 719 -14.39 11.06 -15.91
C HIS B 719 -13.63 10.20 -16.92
N PHE B 720 -13.13 9.06 -16.44
CA PHE B 720 -12.37 8.16 -17.30
C PHE B 720 -13.21 7.64 -18.45
N ILE B 721 -14.45 7.24 -18.16
CA ILE B 721 -15.36 6.70 -19.20
C ILE B 721 -15.74 7.78 -20.22
N LYS B 722 -16.08 8.96 -19.72
CA LYS B 722 -16.46 10.07 -20.59
C LYS B 722 -15.29 10.43 -21.48
N GLN B 723 -14.10 10.44 -20.88
CA GLN B 723 -12.86 10.76 -21.59
C GLN B 723 -12.62 9.75 -22.71
N CYS B 724 -12.73 8.46 -22.38
CA CYS B 724 -12.53 7.40 -23.36
C CYS B 724 -13.55 7.46 -24.51
N PHE B 725 -14.78 7.87 -24.19
CA PHE B 725 -15.82 7.95 -25.21
C PHE B 725 -15.89 9.34 -25.84
N SER B 726 -15.00 10.22 -25.43
CA SER B 726 -14.97 11.58 -25.97
C SER B 726 -16.32 12.24 -25.77
N LEU B 727 -16.75 12.30 -24.50
CA LEU B 727 -18.01 12.92 -24.13
C LEU B 727 -17.75 14.14 -23.25
N PRO B 728 -18.45 15.27 -23.53
CA PRO B 728 -18.34 16.54 -22.80
C PRO B 728 -18.52 16.36 -21.30
C1 NAG C . 56.14 7.18 -15.49
C2 NAG C . 56.21 5.80 -14.75
C3 NAG C . 57.47 5.65 -13.89
C4 NAG C . 58.60 5.86 -14.88
C5 NAG C . 58.56 7.32 -15.33
C6 NAG C . 59.77 7.68 -16.20
C7 NAG C . 54.04 4.83 -14.37
C8 NAG C . 52.83 4.68 -13.45
N2 NAG C . 55.03 5.61 -13.93
O3 NAG C . 57.52 4.35 -13.31
O4 NAG C . 59.90 5.47 -14.40
O5 NAG C . 57.39 7.53 -16.13
O6 NAG C . 59.67 9.01 -16.70
O7 NAG C . 54.07 4.25 -15.46
C1 NDG C . 60.30 5.63 -13.07
C2 NDG C . 61.83 5.70 -13.05
C3 NDG C . 62.38 4.52 -13.85
C4 NDG C . 61.77 3.15 -13.41
C5 NDG C . 60.24 3.22 -13.07
C6 NDG C . 59.74 2.07 -12.19
C7 NDG C . 62.33 8.06 -12.87
C8 NDG C . 62.82 9.34 -13.55
O5 NDG C . 59.89 4.45 -12.36
O3 NDG C . 63.79 4.47 -13.71
O4 NDG C . 61.98 2.20 -14.45
O6 NDG C . 59.29 2.53 -10.90
O7 NDG C . 62.01 8.08 -11.68
N2 NDG C . 62.28 6.96 -13.62
C1 NAG D . 29.12 -17.81 1.36
C2 NAG D . 30.15 -18.69 2.12
C3 NAG D . 31.07 -19.41 1.15
C4 NAG D . 30.22 -20.20 0.14
C5 NAG D . 29.32 -19.20 -0.62
C6 NAG D . 28.44 -19.92 -1.62
C7 NAG D . 31.56 -18.37 4.06
C8 NAG D . 32.38 -17.43 4.94
N2 NAG D . 30.95 -17.85 3.00
O3 NAG D . 31.92 -20.32 1.85
O4 NAG D . 31.07 -20.91 -0.78
O5 NAG D . 28.43 -18.55 0.32
O6 NAG D . 27.57 -20.83 -0.97
O7 NAG D . 31.51 -19.57 4.35
C1 NAG D . 30.87 -22.29 -0.95
C2 NAG D . 30.26 -22.96 0.32
C3 NAG D . 29.95 -24.44 0.08
C4 NAG D . 29.24 -24.69 -1.29
C5 NAG D . 29.90 -23.87 -2.44
C6 NAG D . 29.09 -23.93 -3.73
C7 NAG D . 32.40 -23.30 1.39
C8 NAG D . 33.27 -23.13 2.63
N2 NAG D . 31.16 -22.83 1.45
O3 NAG D . 29.11 -24.92 1.13
O4 NAG D . 29.31 -26.07 -1.59
O5 NAG D . 30.01 -22.48 -2.07
O6 NAG D . 28.93 -22.63 -4.29
O7 NAG D . 32.87 -23.87 0.38
C1 NAG E . 51.11 3.97 14.98
C2 NAG E . 52.46 3.25 14.83
C3 NAG E . 52.81 2.50 16.12
C4 NAG E . 52.69 3.41 17.35
C5 NAG E . 51.32 4.11 17.36
C6 NAG E . 51.18 5.12 18.47
C7 NAG E . 53.11 2.43 12.66
C8 NAG E . 52.91 1.39 11.56
N2 NAG E . 52.35 2.30 13.73
O3 NAG E . 54.12 1.96 16.01
O4 NAG E . 52.82 2.63 18.56
O5 NAG E . 51.14 4.84 16.12
O6 NAG E . 52.14 6.16 18.34
O7 NAG E . 53.95 3.33 12.51
C1 NAG E . 53.74 3.07 19.52
C2 NAG E . 53.47 2.34 20.84
C3 NAG E . 54.58 2.64 21.88
C4 NAG E . 55.96 2.33 21.27
C5 NAG E . 56.10 3.18 19.99
C6 NAG E . 57.44 3.00 19.29
C7 NAG E . 51.10 2.01 21.19
C8 NAG E . 49.80 2.57 21.76
N2 NAG E . 52.18 2.77 21.35
O3 NAG E . 54.41 1.88 23.08
O4 NAG E . 57.00 2.61 22.19
O5 NAG E . 55.07 2.81 19.03
O6 NAG E . 57.57 1.68 18.80
O7 NAG E . 51.12 0.93 20.62
C1 NAG F . 20.24 -2.03 24.76
C2 NAG F . 21.11 -2.65 25.88
C3 NAG F . 20.21 -3.35 26.91
C4 NAG F . 19.16 -2.35 27.45
C5 NAG F . 18.39 -1.78 26.23
C6 NAG F . 17.28 -0.79 26.55
C7 NAG F . 23.35 -3.24 25.26
C8 NAG F . 24.33 -4.27 24.71
N2 NAG F . 22.07 -3.59 25.35
O3 NAG F . 21.02 -3.81 27.98
O4 NAG F . 18.29 -3.05 28.37
O5 NAG F . 19.31 -1.11 25.34
O6 NAG F . 17.75 0.29 27.34
O7 NAG F . 23.76 -2.13 25.59
C1 NDG F . 17.48 -2.24 29.17
C2 NDG F . 17.60 -2.60 30.67
C3 NDG F . 16.87 -3.89 31.04
C4 NDG F . 15.46 -3.90 30.44
C5 NDG F . 15.56 -3.66 28.94
C6 NDG F . 14.24 -3.70 28.21
C7 NDG F . 19.72 -3.77 30.70
C8 NDG F . 21.16 -3.80 31.19
O5 NDG F . 16.12 -2.34 28.71
O3 NDG F . 16.79 -4.00 32.46
O4 NDG F . 14.83 -5.17 30.71
O6 NDG F . 13.54 -2.46 28.35
O7 NDG F . 19.28 -4.66 29.96
N2 NDG F . 18.99 -2.71 31.08
C1 NAG G . 17.94 25.65 21.68
C2 NAG G . 18.15 26.87 22.60
C3 NAG G . 17.18 26.79 23.76
C4 NAG G . 15.72 26.56 23.31
C5 NAG G . 15.61 25.51 22.18
C6 NAG G . 14.24 25.51 21.46
C7 NAG G . 20.33 27.88 22.65
C8 NAG G . 21.74 27.87 23.19
N2 NAG G . 19.52 26.92 23.07
O3 NAG G . 17.25 27.99 24.52
O4 NAG G . 15.00 26.04 24.45
O5 NAG G . 16.62 25.71 21.16
O6 NAG G . 13.90 26.79 20.97
O7 NAG G . 19.97 28.75 21.85
C1 NAG G . 13.85 26.68 24.92
C2 NAG G . 14.19 27.99 25.63
C3 NAG G . 12.88 28.50 26.25
C4 NAG G . 11.77 28.63 25.19
C5 NAG G . 11.64 27.34 24.36
C6 NAG G . 10.74 27.53 23.15
C7 NAG G . 15.08 26.76 27.53
C8 NAG G . 16.21 26.61 28.56
N2 NAG G . 15.20 27.75 26.65
O3 NAG G . 13.10 29.76 26.88
O4 NAG G . 10.53 28.89 25.84
O5 NAG G . 12.94 26.92 23.86
O6 NAG G . 10.50 26.28 22.50
O7 NAG G . 14.10 25.98 27.57
C1 NAG H . -55.72 -5.59 16.40
C2 NAG H . -55.07 -5.64 17.80
C3 NAG H . -55.75 -6.72 18.67
C4 NAG H . -57.29 -6.51 18.67
C5 NAG H . -57.78 -6.52 17.22
C6 NAG H . -59.28 -6.34 17.08
C7 NAG H . -52.73 -5.00 17.62
C8 NAG H . -51.28 -5.45 17.47
N2 NAG H . -53.66 -5.97 17.65
O3 NAG H . -55.23 -6.65 20.00
O4 NAG H . -57.96 -7.55 19.42
O5 NAG H . -57.15 -5.44 16.49
O6 NAG H . -59.74 -5.15 17.72
O7 NAG H . -52.99 -3.81 17.72
C1 NAG H . -58.16 -7.38 20.79
C2 NAG H . -59.02 -6.13 21.13
C3 NAG H . -59.23 -6.06 22.67
C4 NAG H . -59.80 -7.39 23.20
C5 NAG H . -58.90 -8.56 22.74
C6 NAG H . -59.37 -9.93 23.19
C7 NAG H . -59.07 -3.84 20.28
C8 NAG H . -58.25 -2.63 19.80
N2 NAG H . -58.37 -4.92 20.66
O3 NAG H . -60.10 -4.99 23.01
O4 NAG H . -59.86 -7.35 24.63
O5 NAG H . -58.81 -8.57 21.29
O6 NAG H . -58.70 -10.35 24.38
O7 NAG H . -60.31 -3.78 20.29
C1 NAG I . -36.74 -30.23 24.32
C2 NAG I . -37.70 -30.42 25.49
C3 NAG I . -36.99 -31.27 26.56
C4 NAG I . -36.44 -32.55 25.96
C5 NAG I . -35.55 -32.23 24.76
C6 NAG I . -35.08 -33.48 24.06
C7 NAG I . -39.24 -28.63 26.03
C8 NAG I . -39.43 -27.24 26.61
N2 NAG I . -38.01 -29.11 26.04
O3 NAG I . -37.87 -31.58 27.63
O4 NAG I . -35.69 -33.26 26.95
O5 NAG I . -36.30 -31.48 23.79
O6 NAG I . -36.19 -34.20 23.56
O7 NAG I . -40.22 -29.26 25.59
C1 NAG I . -36.07 -34.58 27.19
C2 NAG I . -35.03 -35.25 28.09
C3 NAG I . -35.49 -36.64 28.57
C4 NAG I . -36.99 -36.70 28.96
C5 NAG I . -37.89 -35.90 28.01
C6 NAG I . -39.29 -35.74 28.57
C7 NAG I . -32.82 -34.52 27.50
C8 NAG I . -31.56 -34.78 26.67
N2 NAG I . -33.80 -35.40 27.36
O3 NAG I . -34.71 -37.04 29.68
O4 NAG I . -37.42 -38.05 28.97
O5 NAG I . -37.34 -34.56 27.81
O6 NAG I . -40.26 -35.63 27.52
O7 NAG I . -32.88 -33.54 28.23
C1 NAG J . -4.80 -26.76 17.08
C2 NAG J . -4.86 -27.49 18.43
C3 NAG J . -3.44 -27.55 19.00
C4 NAG J . -2.50 -28.22 18.01
C5 NAG J . -2.62 -27.60 16.61
C6 NAG J . -1.89 -28.45 15.58
C7 NAG J . -6.84 -27.33 19.77
C8 NAG J . -7.64 -26.55 20.81
N2 NAG J . -5.70 -26.80 19.38
O3 NAG J . -3.43 -28.24 20.24
O4 NAG J . -1.16 -28.01 18.48
O5 NAG J . -4.00 -27.52 16.18
O6 NAG J . -1.19 -27.63 14.65
O7 NAG J . -7.28 -28.39 19.31
C1 NAG J . -0.41 -29.14 18.72
C2 NAG J . 1.07 -28.75 18.76
C3 NAG J . 1.96 -29.87 19.33
C4 NAG J . 1.37 -30.48 20.62
C5 NAG J . -0.09 -30.87 20.36
C6 NAG J . -0.78 -31.48 21.57
C7 NAG J . 1.67 -27.15 17.02
C8 NAG J . 2.12 -26.90 15.59
N2 NAG J . 1.50 -28.41 17.41
O3 NAG J . 3.24 -29.35 19.61
O4 NAG J . 2.13 -31.62 21.01
O5 NAG J . -0.83 -29.69 19.98
O6 NAG J . -1.02 -30.50 22.57
O7 NAG J . 1.49 -26.18 17.77
C1 NAG K . -14.30 -28.06 31.67
C2 NAG K . -13.00 -27.52 32.27
C3 NAG K . -11.95 -27.32 31.17
C4 NAG K . -11.76 -28.65 30.48
C5 NAG K . -13.09 -29.10 29.88
C6 NAG K . -13.00 -30.43 29.13
C7 NAG K . -13.24 -26.23 34.27
C8 NAG K . -13.56 -24.89 34.93
N2 NAG K . -13.28 -26.28 32.95
O3 NAG K . -10.71 -26.86 31.72
O4 NAG K . -10.77 -28.51 29.44
O5 NAG K . -14.07 -29.26 30.92
O6 NAG K . -12.69 -31.50 30.01
O7 NAG K . -12.97 -27.21 34.97
C1 NAG K . -9.59 -29.19 29.62
C2 NAG K . -8.85 -29.31 28.29
C3 NAG K . -7.54 -30.08 28.53
C4 NAG K . -6.71 -29.39 29.64
C5 NAG K . -7.56 -29.20 30.91
C6 NAG K . -6.85 -28.44 32.05
C7 NAG K . -10.49 -29.23 26.51
C8 NAG K . -11.39 -29.97 25.53
N2 NAG K . -9.72 -29.96 27.33
O3 NAG K . -6.79 -30.11 27.32
O4 NAG K . -5.55 -30.17 29.94
O5 NAG K . -8.78 -28.47 30.57
O6 NAG K . -7.20 -27.05 32.12
O7 NAG K . -10.48 -28.00 26.51
C1 NAG L . 38.91 -5.73 -21.33
C2 NAG L . 39.66 -5.63 -22.70
C3 NAG L . 38.85 -4.84 -23.77
C4 NAG L . 37.40 -5.37 -23.82
C5 NAG L . 36.80 -5.25 -22.40
C6 NAG L . 35.33 -5.65 -22.31
C7 NAG L . 42.00 -5.33 -23.28
C8 NAG L . 43.31 -4.63 -22.98
N2 NAG L . 40.95 -5.00 -22.50
O3 NAG L . 39.45 -5.00 -25.05
O4 NAG L . 36.63 -4.63 -24.77
O5 NAG L . 37.53 -6.11 -21.50
O6 NAG L . 35.02 -6.16 -21.02
O7 NAG L . 41.93 -6.14 -24.21
C1 NAG M . 34.64 -14.15 24.34
C2 NAG M . 34.96 -15.59 24.81
C3 NAG M . 33.80 -16.56 24.48
C4 NAG M . 32.48 -16.00 25.04
C5 NAG M . 32.26 -14.59 24.45
C6 NAG M . 30.95 -13.97 24.90
C7 NAG M . 37.29 -16.18 24.94
C8 NAG M . 38.53 -16.69 24.23
N2 NAG M . 36.18 -16.07 24.21
O3 NAG M . 34.05 -17.85 25.03
O4 NAG M . 31.39 -16.86 24.72
O5 NAG M . 33.35 -13.72 24.85
O6 NAG M . 31.13 -12.93 25.86
O7 NAG M . 37.35 -15.88 26.14
C1 NAG N . 10.15 41.30 5.03
C2 NAG N . 8.78 41.52 5.69
C3 NAG N . 8.18 40.18 6.15
C4 NAG N . 8.12 39.20 4.94
C5 NAG N . 9.55 39.02 4.40
C6 NAG N . 9.66 38.10 3.21
C7 NAG N . 9.65 42.17 7.86
C8 NAG N . 9.68 43.22 8.97
N2 NAG N . 8.88 42.44 6.81
O3 NAG N . 6.87 40.40 6.68
O4 NAG N . 7.57 37.93 5.33
O5 NAG N . 10.07 40.31 3.97
O6 NAG N . 10.95 38.18 2.61
O7 NAG N . 10.31 41.14 7.97
NA NA O . 48.84 22.18 -19.43
C2 3TP P . 16.80 13.35 3.96
C3 3TP P . 15.56 12.97 3.08
O5 3TP P . 15.64 12.02 2.28
C10 3TP P . 14.26 14.86 4.13
C11 3TP P . 12.83 15.35 3.94
C12 3TP P . 12.18 14.45 2.88
C13 3TP P . 13.23 13.42 2.46
C20 3TP P . 18.17 14.87 2.52
C22 3TP P . 18.33 16.53 1.23
C25 3TP P . 18.47 17.38 0.03
C26 3TP P . 17.82 16.96 -1.16
C27 3TP P . 17.89 17.76 -2.31
C29 3TP P . 19.27 19.41 -1.10
C30 3TP P . 19.21 18.60 0.07
C1 3TP P . 18.13 13.49 3.17
N4 3TP P . 14.42 13.71 3.22
N6 3TP P . 16.86 12.30 4.97
N21 3TP P . 18.41 15.18 1.23
N23 3TP P . 18.05 17.04 2.47
O24 3TP P . 17.94 15.93 3.33
C28 3TP P . 18.60 18.98 -2.28
S34 3TP P . 18.59 19.99 -3.74
O35 3TP P . 18.16 21.28 -3.39
O36 3TP P . 17.78 19.29 -4.72
C37 3TP P . 20.30 19.95 -4.25
C44 3TP P . 19.36 13.29 4.12
C1 NAG Q . -40.57 8.94 17.13
C2 NAG Q . -41.55 10.10 16.85
C3 NAG Q . -41.28 10.66 15.42
C4 NAG Q . -39.78 10.92 15.16
C5 NAG Q . -38.93 9.72 15.59
C6 NAG Q . -37.43 10.00 15.51
C7 NAG Q . -43.97 10.40 16.79
C8 NAG Q . -45.36 9.74 16.92
N2 NAG Q . -42.91 9.60 16.95
O3 NAG Q . -41.99 11.87 15.22
O4 NAG Q . -39.58 11.16 13.77
O5 NAG Q . -39.22 9.38 16.97
O6 NAG Q . -37.03 10.95 16.49
O7 NAG Q . -43.87 11.61 16.55
C1 NAG R . -18.37 -1.68 28.79
C2 NAG R . -18.73 -1.94 30.27
C3 NAG R . -19.08 -0.64 31.03
C4 NAG R . -17.97 0.39 30.80
C5 NAG R . -17.83 0.62 29.29
C6 NAG R . -16.82 1.69 28.92
C7 NAG R . -19.65 -4.13 30.65
C8 NAG R . -20.88 -5.04 30.65
N2 NAG R . -19.84 -2.87 30.31
O3 NAG R . -19.23 -0.88 32.43
O4 NAG R . -18.26 1.60 31.49
O5 NAG R . -17.41 -0.61 28.65
O6 NAG R . -15.61 1.55 29.64
O7 NAG R . -18.55 -4.58 30.98
C1 NAG S . -13.24 -35.05 -8.15
C2 NAG S . -13.41 -36.43 -8.78
C3 NAG S . -12.05 -37.09 -9.13
C4 NAG S . -11.17 -36.11 -9.92
C5 NAG S . -11.08 -34.77 -9.18
C6 NAG S . -10.31 -33.74 -9.99
C7 NAG S . -15.42 -37.59 -8.16
C8 NAG S . -16.14 -38.45 -7.13
N2 NAG S . -14.16 -37.27 -7.87
O3 NAG S . -12.27 -38.26 -9.91
O4 NAG S . -9.87 -36.65 -10.12
O5 NAG S . -12.41 -34.23 -8.97
O6 NAG S . -10.86 -33.60 -11.29
O7 NAG S . -15.99 -37.26 -9.21
C2 3TP T . -16.43 -14.57 -2.91
C3 3TP T . -15.62 -13.29 -3.34
O5 3TP T . -15.69 -12.27 -2.67
C10 3TP T . -14.69 -14.53 -5.36
C11 3TP T . -13.73 -14.12 -6.48
C12 3TP T . -13.34 -12.67 -6.23
C13 3TP T . -14.05 -12.22 -4.95
C20 3TP T . -18.69 -14.27 -4.02
C22 3TP T . -19.91 -13.90 -5.68
C25 3TP T . -20.84 -13.28 -6.61
C26 3TP T . -20.71 -11.89 -6.83
C27 3TP T . -21.53 -11.23 -7.75
C29 3TP T . -22.70 -13.35 -8.25
C30 3TP T . -21.85 -14.03 -7.31
C1 3TP T . -17.95 -14.25 -2.67
N4 3TP T . -14.84 -13.37 -4.50
N6 3TP T . -15.79 -15.05 -1.71
N21 3TP T . -19.60 -13.40 -4.47
N23 3TP T . -19.20 -15.01 -5.97
O24 3TP T . -18.40 -15.26 -4.86
C28 3TP T . -22.52 -11.95 -8.46
S34 3TP T . -23.50 -11.06 -9.63
O35 3TP T . -23.46 -11.73 -10.90
O36 3TP T . -22.99 -9.68 -9.61
C37 3TP T . -25.11 -11.13 -8.88
C44 3TP T . -18.59 -15.28 -1.69
#